data_3BQ6
#
_entry.id   3BQ6
#
_cell.length_a   72.087
_cell.length_b   107.604
_cell.length_c   107.442
_cell.angle_alpha   90.00
_cell.angle_beta   110.12
_cell.angle_gamma   90.00
#
_symmetry.space_group_name_H-M   'P 1 21 1'
#
loop_
_entity.id
_entity.type
_entity.pdbx_description
1 polymer '5-methyltetrahydropteroyltriglutamate-homocysteine methyltransferase'
2 non-polymer 'ZINC ION'
3 water water
#
_entity_poly.entity_id   1
_entity_poly.type   'polypeptide(L)'
_entity_poly.pdbx_seq_one_letter_code
;MHHHHHHGKPIPNPLLGLDSTENLYFQQIDPFTKAYAFGFPKIGEKREFKKALEDFWKGKITEEQFEEEMNKLRMYMVEN
YRKNVDVIPSNELSYYDFVLDTAVMVGAVPERFGEYRGLSTYFDMARGGKALEMTKFFNTNYHYLVPEIETEEFYLLENK
PLEDYLFFKSKGIETAPWVIGPFTFLYLSKRNGEWIRRPNQMEKLLESLVSVYKEVFEKLVENGCKEILVNEPAFVCDLE
KAHWDLILNVYRELSEFPLTVFTYYDSVSDYEACVSLPVKRLHFDFVSNEENLKNLEKHGFPEDKKLVAGVINGRQPWKV
DLRKVASLVEKLGASAISNSCPLFHLPVTLELENNLPGGLKEKLAFAKEKLEELKMLKDFLEGKTFDLPNVSFEDFAVDL
QAVERVRNLPEDSFRREKEYTERDRIQRERLNLPLFPTTTIGSFPQTPEVRKMRSKYRKGEISKEEYEAFIKEQIKKAIE
LQEEIGLDVLVHGEFERTDMVEFFAEKLNGIATTQNGWVLSYGSRCYRPPIIYGTVTRPEPMTLKEITYAQSLTEKPVKG
MLTGPVTIMSWSYYREDIPEREIAYQIALAINEEVKDLEEAGIKIVQIDEPAFREKAPIKKSKWPEYFEWAINAFNLAAN
ARPETQIHAHMCYSDFNEIIEYIHQLEFDVISIEASRSKGEIISAFENFKGWIKQIGVGVWDIHSPAVPSINEMREIVER
VLRVLPKELIWINPDCGLKTRNWDEVIPSLRNMVALAKEMREKFES
;
_entity_poly.pdbx_strand_id   A,B
#
# COMPACT_ATOMS: atom_id res chain seq x y z
N THR A 33 -19.32 1.59 -45.95
CA THR A 33 -18.39 1.88 -44.84
C THR A 33 -18.97 2.89 -43.85
N LYS A 34 -19.25 2.44 -42.64
CA LYS A 34 -19.81 3.28 -41.61
C LYS A 34 -18.74 4.13 -40.92
N ALA A 35 -18.88 5.45 -41.00
CA ALA A 35 -17.87 6.35 -40.45
C ALA A 35 -18.24 6.91 -39.07
N TYR A 36 -17.38 6.68 -38.09
CA TYR A 36 -17.53 7.29 -36.75
C TYR A 36 -16.52 8.40 -36.55
N ALA A 37 -16.85 9.37 -35.69
CA ALA A 37 -15.84 10.25 -35.11
C ALA A 37 -16.23 10.60 -33.68
N PHE A 38 -15.25 10.94 -32.85
CA PHE A 38 -15.56 11.31 -31.47
C PHE A 38 -14.50 12.21 -30.87
N GLY A 39 -14.92 13.04 -29.92
CA GLY A 39 -14.00 13.91 -29.21
C GLY A 39 -13.65 15.18 -29.95
N PHE A 40 -14.49 15.55 -30.91
CA PHE A 40 -14.25 16.83 -31.59
C PHE A 40 -14.15 17.92 -30.52
N PRO A 41 -13.15 18.81 -30.64
CA PRO A 41 -12.93 19.85 -29.63
C PRO A 41 -14.19 20.65 -29.36
N LYS A 42 -14.41 21.06 -28.12
CA LYS A 42 -15.62 21.79 -27.76
C LYS A 42 -15.39 23.29 -27.63
N ILE A 43 -14.14 23.73 -27.75
CA ILE A 43 -13.81 25.12 -27.41
C ILE A 43 -14.23 26.17 -28.44
N GLY A 44 -14.51 25.75 -29.67
CA GLY A 44 -14.93 26.68 -30.73
C GLY A 44 -13.75 27.35 -31.42
N GLU A 45 -13.97 27.77 -32.66
CA GLU A 45 -12.90 28.36 -33.47
C GLU A 45 -12.35 29.66 -32.89
N LYS A 46 -13.17 30.36 -32.12
CA LYS A 46 -12.72 31.58 -31.45
C LYS A 46 -12.66 31.43 -29.93
N ARG A 47 -12.55 30.18 -29.46
CA ARG A 47 -12.54 29.90 -28.02
C ARG A 47 -13.78 30.46 -27.31
N GLU A 48 -14.93 30.39 -27.97
CA GLU A 48 -16.19 30.83 -27.37
C GLU A 48 -16.46 30.11 -26.06
N PHE A 49 -15.95 28.88 -25.94
CA PHE A 49 -16.16 28.10 -24.71
C PHE A 49 -15.45 28.75 -23.53
N LYS A 50 -14.17 29.07 -23.70
CA LYS A 50 -13.42 29.73 -22.65
C LYS A 50 -14.08 31.05 -22.25
N LYS A 51 -14.42 31.87 -23.24
CA LYS A 51 -15.03 33.17 -22.97
C LYS A 51 -16.37 33.02 -22.26
N ALA A 52 -17.14 32.00 -22.62
CA ALA A 52 -18.44 31.77 -21.98
C ALA A 52 -18.29 31.38 -20.51
N LEU A 53 -17.33 30.51 -20.22
CA LEU A 53 -17.09 30.07 -18.85
C LEU A 53 -16.64 31.21 -17.96
N GLU A 54 -15.61 31.93 -18.40
CA GLU A 54 -15.06 33.03 -17.61
C GLU A 54 -16.05 34.19 -17.46
N ASP A 55 -16.83 34.44 -18.51
CA ASP A 55 -17.85 35.50 -18.45
C ASP A 55 -18.96 35.13 -17.46
N PHE A 56 -19.23 33.83 -17.33
CA PHE A 56 -20.19 33.36 -16.35
C PHE A 56 -19.61 33.41 -14.94
N TRP A 57 -18.35 32.98 -14.79
CA TRP A 57 -17.71 32.98 -13.49
C TRP A 57 -17.58 34.39 -12.94
N LYS A 58 -17.36 35.35 -13.83
CA LYS A 58 -17.20 36.75 -13.43
C LYS A 58 -18.55 37.47 -13.39
N GLY A 59 -19.61 36.76 -13.78
CA GLY A 59 -20.96 37.27 -13.67
C GLY A 59 -21.37 38.19 -14.80
N LYS A 60 -20.49 38.39 -15.77
CA LYS A 60 -20.77 39.27 -16.90
C LYS A 60 -22.01 38.83 -17.66
N ILE A 61 -22.42 37.57 -17.45
CA ILE A 61 -23.58 37.01 -18.13
C ILE A 61 -24.39 36.09 -17.20
N THR A 62 -25.67 35.93 -17.51
CA THR A 62 -26.56 35.10 -16.70
C THR A 62 -26.41 33.63 -17.03
N GLU A 63 -26.99 32.78 -16.19
CA GLU A 63 -26.96 31.34 -16.43
C GLU A 63 -27.72 30.98 -17.72
N GLU A 64 -28.82 31.68 -17.98
CA GLU A 64 -29.59 31.45 -19.20
C GLU A 64 -28.80 31.90 -20.44
N GLN A 65 -28.01 32.95 -20.27
CA GLN A 65 -27.11 33.42 -21.31
C GLN A 65 -25.99 32.41 -21.56
N PHE A 66 -25.50 31.81 -20.48
CA PHE A 66 -24.45 30.80 -20.54
C PHE A 66 -24.94 29.60 -21.33
N GLU A 67 -26.16 29.15 -21.04
CA GLU A 67 -26.73 27.98 -21.70
C GLU A 67 -26.96 28.25 -23.18
N GLU A 68 -27.27 29.49 -23.53
CA GLU A 68 -27.42 29.86 -24.92
C GLU A 68 -26.07 29.80 -25.64
N GLU A 69 -25.02 30.29 -24.98
CA GLU A 69 -23.67 30.16 -25.52
C GLU A 69 -23.31 28.69 -25.72
N MET A 70 -23.64 27.87 -24.73
CA MET A 70 -23.35 26.45 -24.80
C MET A 70 -24.10 25.80 -25.95
N ASN A 71 -25.39 26.12 -26.08
CA ASN A 71 -26.19 25.58 -27.18
C ASN A 71 -25.61 25.91 -28.55
N LYS A 72 -25.05 27.10 -28.71
CA LYS A 72 -24.35 27.44 -29.95
C LYS A 72 -23.20 26.46 -30.22
N LEU A 73 -22.42 26.16 -29.18
CA LEU A 73 -21.28 25.26 -29.32
C LEU A 73 -21.73 23.84 -29.66
N ARG A 74 -22.83 23.41 -29.04
CA ARG A 74 -23.40 22.10 -29.36
C ARG A 74 -23.68 21.98 -30.85
N MET A 75 -24.41 22.96 -31.39
CA MET A 75 -24.76 22.96 -32.79
C MET A 75 -23.52 23.03 -33.68
N TYR A 76 -22.55 23.84 -33.28
CA TYR A 76 -21.31 23.95 -34.04
C TYR A 76 -20.61 22.58 -34.13
N MET A 77 -20.55 21.88 -33.01
CA MET A 77 -19.95 20.55 -32.97
C MET A 77 -20.68 19.55 -33.87
N VAL A 78 -22.00 19.42 -33.71
CA VAL A 78 -22.72 18.42 -34.48
C VAL A 78 -22.76 18.76 -35.96
N GLU A 79 -22.77 20.05 -36.30
CA GLU A 79 -22.70 20.42 -37.71
C GLU A 79 -21.40 19.93 -38.33
N ASN A 80 -20.30 20.01 -37.59
CA ASN A 80 -19.04 19.47 -38.08
C ASN A 80 -19.12 17.96 -38.30
N TYR A 81 -19.73 17.27 -37.35
CA TYR A 81 -19.95 15.84 -37.49
C TYR A 81 -20.88 15.52 -38.66
N ARG A 82 -21.99 16.25 -38.77
CA ARG A 82 -23.01 15.97 -39.77
C ARG A 82 -22.45 16.03 -41.19
N LYS A 83 -21.54 16.96 -41.41
CA LYS A 83 -20.98 17.16 -42.74
C LYS A 83 -19.96 16.09 -43.15
N ASN A 84 -19.56 15.23 -42.21
CA ASN A 84 -18.42 14.36 -42.46
C ASN A 84 -18.57 12.87 -42.14
N VAL A 85 -19.32 12.55 -41.09
CA VAL A 85 -19.44 11.15 -40.69
C VAL A 85 -20.87 10.66 -40.60
N ASP A 86 -21.05 9.38 -40.29
CA ASP A 86 -22.37 8.77 -40.22
C ASP A 86 -22.97 8.75 -38.81
N VAL A 87 -22.11 8.59 -37.80
CA VAL A 87 -22.58 8.55 -36.42
C VAL A 87 -22.26 9.85 -35.71
N ILE A 88 -23.30 10.51 -35.21
CA ILE A 88 -23.17 11.83 -34.60
C ILE A 88 -23.23 11.73 -33.09
N PRO A 89 -22.10 12.01 -32.41
CA PRO A 89 -22.06 11.97 -30.95
C PRO A 89 -22.80 13.12 -30.31
N SER A 90 -23.45 12.85 -29.18
CA SER A 90 -23.96 13.90 -28.29
C SER A 90 -23.38 13.67 -26.90
N ASN A 91 -23.74 14.54 -25.95
CA ASN A 91 -23.22 14.49 -24.58
C ASN A 91 -21.72 14.73 -24.52
N GLU A 92 -21.19 15.51 -25.47
CA GLU A 92 -19.77 15.78 -25.55
C GLU A 92 -19.40 17.18 -25.07
N LEU A 93 -20.39 18.06 -24.99
CA LEU A 93 -20.14 19.40 -24.49
C LEU A 93 -20.19 19.44 -22.98
N SER A 94 -19.08 19.08 -22.35
CA SER A 94 -18.94 19.14 -20.90
C SER A 94 -18.58 20.56 -20.48
N TYR A 95 -19.23 21.07 -19.44
CA TYR A 95 -19.00 22.45 -19.00
C TYR A 95 -17.71 22.64 -18.21
N TYR A 96 -17.05 21.54 -17.85
CA TYR A 96 -15.71 21.61 -17.26
C TYR A 96 -14.92 20.33 -17.50
N ASP A 97 -15.51 19.20 -17.13
CA ASP A 97 -14.85 17.92 -17.33
C ASP A 97 -15.87 16.78 -17.47
N PHE A 98 -15.65 15.89 -18.44
CA PHE A 98 -16.58 14.80 -18.67
C PHE A 98 -16.54 13.72 -17.58
N VAL A 99 -15.41 13.58 -16.90
CA VAL A 99 -15.37 12.65 -15.78
C VAL A 99 -16.18 13.22 -14.61
N LEU A 100 -16.03 14.52 -14.34
CA LEU A 100 -16.88 15.19 -13.36
C LEU A 100 -18.36 15.03 -13.73
N ASP A 101 -18.69 15.11 -15.02
CA ASP A 101 -20.07 14.94 -15.48
C ASP A 101 -20.58 13.55 -15.16
N THR A 102 -19.73 12.55 -15.33
CA THR A 102 -20.11 11.18 -15.02
C THR A 102 -20.36 11.04 -13.51
N ALA A 103 -19.49 11.62 -12.70
CA ALA A 103 -19.64 11.56 -11.25
C ALA A 103 -20.98 12.14 -10.84
N VAL A 104 -21.33 13.28 -11.43
CA VAL A 104 -22.60 13.91 -11.11
C VAL A 104 -23.78 13.06 -11.55
N MET A 105 -23.67 12.47 -12.74
CA MET A 105 -24.71 11.59 -13.26
C MET A 105 -25.07 10.47 -12.27
N VAL A 106 -24.05 9.90 -11.63
CA VAL A 106 -24.25 8.75 -10.75
C VAL A 106 -24.32 9.14 -9.28
N GLY A 107 -24.42 10.44 -9.02
CA GLY A 107 -24.64 10.94 -7.67
C GLY A 107 -23.42 11.02 -6.78
N ALA A 108 -22.24 10.82 -7.35
CA ALA A 108 -21.02 10.90 -6.55
C ALA A 108 -20.63 12.36 -6.31
N VAL A 109 -21.42 13.02 -5.48
CA VAL A 109 -21.12 14.38 -5.02
C VAL A 109 -20.73 14.33 -3.55
N PRO A 110 -19.48 14.69 -3.22
CA PRO A 110 -18.95 14.61 -1.86
C PRO A 110 -19.70 15.49 -0.86
N GLU A 111 -19.79 15.01 0.38
CA GLU A 111 -20.56 15.68 1.43
C GLU A 111 -20.26 17.17 1.55
N ARG A 112 -18.99 17.56 1.42
CA ARG A 112 -18.60 18.95 1.64
C ARG A 112 -19.28 19.95 0.70
N PHE A 113 -19.86 19.46 -0.39
CA PHE A 113 -20.56 20.34 -1.34
C PHE A 113 -22.04 20.46 -1.01
N GLY A 114 -22.52 19.59 -0.12
CA GLY A 114 -23.92 19.60 0.28
C GLY A 114 -24.86 19.26 -0.87
N GLU A 115 -26.07 19.79 -0.82
CA GLU A 115 -27.06 19.56 -1.87
C GLU A 115 -26.57 20.01 -3.24
N TYR A 116 -26.72 19.16 -4.24
CA TYR A 116 -26.31 19.53 -5.59
C TYR A 116 -27.33 20.50 -6.19
N ARG A 117 -26.87 21.72 -6.45
CA ARG A 117 -27.73 22.80 -6.93
C ARG A 117 -27.48 23.19 -8.38
N GLY A 118 -26.93 22.27 -9.17
CA GLY A 118 -26.71 22.54 -10.58
C GLY A 118 -25.39 23.25 -10.83
N LEU A 119 -25.41 24.19 -11.79
CA LEU A 119 -24.19 24.87 -12.24
C LEU A 119 -23.31 25.41 -11.13
N SER A 120 -23.93 26.10 -10.17
CA SER A 120 -23.21 26.68 -9.06
C SER A 120 -22.38 25.63 -8.34
N THR A 121 -23.02 24.52 -7.99
CA THR A 121 -22.33 23.40 -7.34
C THR A 121 -21.28 22.78 -8.27
N TYR A 122 -21.69 22.54 -9.51
CA TYR A 122 -20.82 21.92 -10.51
C TYR A 122 -19.49 22.67 -10.57
N PHE A 123 -19.54 23.99 -10.71
CA PHE A 123 -18.32 24.78 -10.79
C PHE A 123 -17.55 24.90 -9.48
N ASP A 124 -18.25 24.78 -8.35
CA ASP A 124 -17.56 24.73 -7.05
C ASP A 124 -16.75 23.44 -6.96
N MET A 125 -17.34 22.35 -7.45
CA MET A 125 -16.65 21.05 -7.49
C MET A 125 -15.45 21.07 -8.42
N ALA A 126 -15.52 21.89 -9.45
CA ALA A 126 -14.48 21.88 -10.49
C ALA A 126 -13.34 22.85 -10.20
N ARG A 127 -13.66 24.03 -9.69
CA ARG A 127 -12.70 25.11 -9.60
C ARG A 127 -12.84 25.90 -8.31
N GLY A 128 -13.63 25.36 -7.37
CA GLY A 128 -13.84 26.01 -6.09
C GLY A 128 -12.63 25.85 -5.17
N GLY A 129 -12.70 26.48 -4.00
CA GLY A 129 -11.64 26.39 -3.01
C GLY A 129 -11.41 24.97 -2.52
N LYS A 130 -12.47 24.17 -2.51
CA LYS A 130 -12.38 22.76 -2.12
C LYS A 130 -12.68 21.86 -3.30
N ALA A 131 -12.27 22.29 -4.50
CA ALA A 131 -12.48 21.51 -5.72
C ALA A 131 -11.93 20.09 -5.64
N LEU A 132 -12.52 19.19 -6.41
CA LEU A 132 -11.96 17.86 -6.60
C LEU A 132 -10.53 17.96 -7.10
N GLU A 133 -9.76 16.89 -6.93
CA GLU A 133 -8.40 16.85 -7.44
C GLU A 133 -8.37 16.82 -8.96
N MET A 134 -7.42 17.54 -9.54
CA MET A 134 -7.21 17.48 -10.99
C MET A 134 -5.95 16.68 -11.32
N THR A 135 -6.00 15.84 -12.33
CA THR A 135 -4.85 15.04 -12.71
C THR A 135 -4.90 14.65 -14.19
N LYS A 136 -3.78 14.15 -14.72
CA LYS A 136 -3.69 13.84 -16.15
C LYS A 136 -4.56 12.67 -16.57
N PHE A 137 -5.21 12.84 -17.72
CA PHE A 137 -6.08 11.83 -18.28
C PHE A 137 -5.20 10.87 -19.08
N PHE A 138 -4.98 9.69 -18.50
CA PHE A 138 -4.09 8.71 -19.10
C PHE A 138 -2.75 9.33 -19.48
N ASN A 139 -2.26 9.05 -20.68
CA ASN A 139 -0.95 9.59 -21.06
C ASN A 139 -1.08 10.87 -21.89
N THR A 140 -2.06 11.70 -21.57
CA THR A 140 -2.33 12.89 -22.38
C THR A 140 -2.15 14.16 -21.57
N ASN A 141 -2.21 15.30 -22.26
CA ASN A 141 -2.08 16.60 -21.61
C ASN A 141 -3.45 17.19 -21.27
N TYR A 142 -4.50 16.40 -21.46
CA TYR A 142 -5.79 16.77 -20.89
C TYR A 142 -5.89 16.36 -19.41
N HIS A 143 -6.50 17.19 -18.58
CA HIS A 143 -6.62 16.89 -17.16
C HIS A 143 -8.07 16.76 -16.72
N TYR A 144 -8.39 15.65 -16.07
CA TYR A 144 -9.74 15.43 -15.58
C TYR A 144 -9.82 15.63 -14.06
N LEU A 145 -11.05 15.65 -13.55
CA LEU A 145 -11.25 15.79 -12.11
C LEU A 145 -11.56 14.43 -11.50
N VAL A 146 -10.81 14.09 -10.45
CA VAL A 146 -10.90 12.78 -9.82
C VAL A 146 -12.13 12.68 -8.94
N PRO A 147 -13.09 11.82 -9.30
CA PRO A 147 -14.23 11.65 -8.42
C PRO A 147 -13.81 11.06 -7.07
N GLU A 148 -14.49 11.46 -6.01
CA GLU A 148 -14.26 10.90 -4.68
C GLU A 148 -15.48 10.06 -4.29
N ILE A 149 -15.29 8.76 -4.15
CA ILE A 149 -16.40 7.87 -3.84
C ILE A 149 -16.60 7.76 -2.33
N GLU A 150 -17.68 8.35 -1.83
CA GLU A 150 -17.96 8.34 -0.39
C GLU A 150 -18.96 7.27 0.02
N THR A 151 -19.87 6.92 -0.88
CA THR A 151 -20.88 5.89 -0.61
C THR A 151 -20.64 4.71 -1.52
N GLU A 152 -21.13 3.54 -1.13
CA GLU A 152 -21.07 2.37 -1.99
C GLU A 152 -22.34 2.28 -2.83
N GLU A 153 -23.22 3.25 -2.65
CA GLU A 153 -24.50 3.27 -3.34
C GLU A 153 -24.61 4.38 -4.35
N PHE A 154 -24.70 4.02 -5.63
CA PHE A 154 -24.87 4.99 -6.71
C PHE A 154 -26.34 5.19 -7.05
N TYR A 155 -26.69 6.40 -7.47
CA TYR A 155 -28.04 6.67 -7.94
C TYR A 155 -28.02 7.70 -9.06
N LEU A 156 -29.03 7.67 -9.90
CA LEU A 156 -29.15 8.61 -11.01
C LEU A 156 -29.55 10.01 -10.53
N LEU A 157 -28.55 10.87 -10.36
CA LEU A 157 -28.79 12.22 -9.90
C LEU A 157 -29.22 13.15 -11.03
N GLU A 158 -28.58 12.98 -12.20
CA GLU A 158 -28.91 13.79 -13.37
C GLU A 158 -28.65 12.99 -14.64
N ASN A 159 -29.56 13.09 -15.59
CA ASN A 159 -29.44 12.33 -16.83
C ASN A 159 -29.05 13.20 -18.03
N LYS A 160 -27.82 13.70 -18.01
CA LYS A 160 -27.32 14.51 -19.11
C LYS A 160 -27.34 13.80 -20.47
N PRO A 161 -27.06 12.49 -20.50
CA PRO A 161 -27.13 11.81 -21.79
C PRO A 161 -28.53 11.92 -22.42
N LEU A 162 -29.57 11.70 -21.63
CA LEU A 162 -30.93 11.81 -22.15
C LEU A 162 -31.25 13.26 -22.52
N GLU A 163 -30.83 14.19 -21.66
CA GLU A 163 -31.07 15.61 -21.93
C GLU A 163 -30.47 16.03 -23.26
N ASP A 164 -29.23 15.64 -23.54
CA ASP A 164 -28.58 16.07 -24.78
C ASP A 164 -29.14 15.31 -25.98
N TYR A 165 -29.48 14.04 -25.76
CA TYR A 165 -30.08 13.25 -26.82
C TYR A 165 -31.40 13.85 -27.28
N LEU A 166 -32.20 14.30 -26.32
CA LEU A 166 -33.50 14.90 -26.63
C LEU A 166 -33.33 16.27 -27.24
N PHE A 167 -32.31 17.01 -26.79
CA PHE A 167 -32.02 18.32 -27.34
C PHE A 167 -31.82 18.28 -28.86
N PHE A 168 -31.02 17.31 -29.31
CA PHE A 168 -30.77 17.15 -30.75
C PHE A 168 -31.93 16.45 -31.46
N LYS A 169 -32.50 15.45 -30.82
CA LYS A 169 -33.66 14.73 -31.37
C LYS A 169 -34.83 15.67 -31.67
N SER A 170 -35.11 16.57 -30.73
CA SER A 170 -36.20 17.53 -30.92
C SER A 170 -35.95 18.37 -32.17
N LYS A 171 -34.68 18.52 -32.53
CA LYS A 171 -34.31 19.26 -33.72
C LYS A 171 -34.28 18.37 -34.96
N GLY A 172 -34.65 17.11 -34.78
CA GLY A 172 -34.65 16.16 -35.88
C GLY A 172 -33.26 15.70 -36.29
N ILE A 173 -32.34 15.62 -35.32
CA ILE A 173 -30.99 15.10 -35.56
C ILE A 173 -30.70 13.93 -34.62
N GLU A 174 -30.58 12.74 -35.18
CA GLU A 174 -30.34 11.53 -34.41
C GLU A 174 -28.87 11.46 -33.94
N THR A 175 -28.67 11.29 -32.64
CA THR A 175 -27.30 11.24 -32.09
C THR A 175 -27.05 10.02 -31.21
N ALA A 176 -25.77 9.69 -31.04
CA ALA A 176 -25.36 8.61 -30.16
C ALA A 176 -24.62 9.20 -28.96
N PRO A 177 -25.24 9.11 -27.77
CA PRO A 177 -24.64 9.73 -26.58
C PRO A 177 -23.25 9.17 -26.29
N TRP A 178 -22.33 10.08 -25.98
CA TRP A 178 -20.94 9.73 -25.68
C TRP A 178 -20.79 9.68 -24.16
N VAL A 179 -20.56 8.49 -23.63
CA VAL A 179 -20.44 8.33 -22.18
C VAL A 179 -19.16 7.59 -21.78
N ILE A 180 -18.66 7.91 -20.59
CA ILE A 180 -17.57 7.15 -19.99
C ILE A 180 -18.14 5.86 -19.39
N GLY A 181 -17.55 4.73 -19.74
CA GLY A 181 -18.02 3.44 -19.26
C GLY A 181 -17.80 3.26 -17.76
N PRO A 182 -18.52 2.29 -17.17
CA PRO A 182 -18.52 2.03 -15.72
C PRO A 182 -17.14 1.62 -15.20
N PHE A 183 -16.46 0.72 -15.91
CA PHE A 183 -15.14 0.31 -15.45
C PHE A 183 -14.14 1.47 -15.42
N THR A 184 -14.05 2.20 -16.52
CA THR A 184 -13.14 3.34 -16.61
C THR A 184 -13.44 4.40 -15.56
N PHE A 185 -14.72 4.69 -15.34
CA PHE A 185 -15.11 5.68 -14.35
C PHE A 185 -14.54 5.34 -12.98
N LEU A 186 -14.76 4.11 -12.56
CA LEU A 186 -14.26 3.65 -11.29
C LEU A 186 -12.73 3.67 -11.28
N TYR A 187 -12.13 3.24 -12.39
CA TYR A 187 -10.68 3.16 -12.49
C TYR A 187 -10.04 4.55 -12.35
N LEU A 188 -10.78 5.60 -12.67
CA LEU A 188 -10.25 6.96 -12.59
C LEU A 188 -10.59 7.64 -11.25
N SER A 189 -11.31 6.93 -10.40
CA SER A 189 -11.82 7.53 -9.17
C SER A 189 -10.99 7.13 -7.96
N LYS A 190 -11.20 7.83 -6.85
CA LYS A 190 -10.52 7.49 -5.61
C LYS A 190 -11.52 7.21 -4.51
N ARG A 191 -11.10 6.42 -3.54
CA ARG A 191 -11.89 6.18 -2.33
C ARG A 191 -10.94 6.14 -1.13
N ASN A 192 -11.27 6.89 -0.09
CA ASN A 192 -10.41 6.95 1.10
C ASN A 192 -8.99 7.35 0.73
N GLY A 193 -8.88 8.32 -0.20
CA GLY A 193 -7.60 8.87 -0.59
C GLY A 193 -6.75 8.02 -1.51
N GLU A 194 -7.30 6.91 -1.98
CA GLU A 194 -6.52 6.00 -2.83
C GLU A 194 -7.31 5.56 -4.07
N TRP A 195 -6.58 5.16 -5.12
CA TRP A 195 -7.23 4.67 -6.33
C TRP A 195 -8.11 3.48 -5.98
N ILE A 196 -9.04 3.17 -6.87
CA ILE A 196 -9.92 2.02 -6.72
C ILE A 196 -9.61 1.05 -7.86
N ARG A 197 -8.43 0.44 -7.81
CA ARG A 197 -7.90 -0.28 -8.96
C ARG A 197 -7.57 -1.77 -8.74
N ARG A 198 -7.57 -2.22 -7.48
CA ARG A 198 -7.49 -3.66 -7.19
C ARG A 198 -8.84 -4.28 -7.52
N PRO A 199 -8.84 -5.47 -8.13
CA PRO A 199 -10.12 -6.12 -8.44
C PRO A 199 -11.01 -6.24 -7.20
N ASN A 200 -10.44 -6.56 -6.04
CA ASN A 200 -11.25 -6.72 -4.83
C ASN A 200 -11.80 -5.40 -4.26
N GLN A 201 -11.35 -4.28 -4.82
CA GLN A 201 -11.89 -2.98 -4.42
C GLN A 201 -13.05 -2.57 -5.32
N MET A 202 -13.15 -3.17 -6.51
CA MET A 202 -14.06 -2.66 -7.53
C MET A 202 -15.40 -3.38 -7.56
N GLU A 203 -15.38 -4.65 -7.15
CA GLU A 203 -16.53 -5.53 -7.36
C GLU A 203 -17.87 -4.95 -6.92
N LYS A 204 -18.00 -4.61 -5.64
CA LYS A 204 -19.27 -4.13 -5.11
C LYS A 204 -19.70 -2.81 -5.73
N LEU A 205 -18.75 -1.88 -5.87
CA LEU A 205 -19.06 -0.59 -6.47
C LEU A 205 -19.57 -0.80 -7.89
N LEU A 206 -18.94 -1.70 -8.62
CA LEU A 206 -19.36 -1.98 -10.00
C LEU A 206 -20.82 -2.42 -10.08
N GLU A 207 -21.26 -3.26 -9.15
CA GLU A 207 -22.64 -3.74 -9.16
C GLU A 207 -23.61 -2.58 -9.01
N SER A 208 -23.39 -1.72 -8.02
CA SER A 208 -24.26 -0.57 -7.81
C SER A 208 -24.17 0.40 -8.99
N LEU A 209 -22.95 0.58 -9.50
CA LEU A 209 -22.71 1.50 -10.60
C LEU A 209 -23.49 1.11 -11.85
N VAL A 210 -23.37 -0.15 -12.25
CA VAL A 210 -23.99 -0.63 -13.47
C VAL A 210 -25.49 -0.41 -13.47
N SER A 211 -26.09 -0.56 -12.30
CA SER A 211 -27.51 -0.33 -12.11
C SER A 211 -27.92 1.05 -12.61
N VAL A 212 -27.09 2.06 -12.34
CA VAL A 212 -27.41 3.42 -12.77
C VAL A 212 -27.26 3.58 -14.29
N TYR A 213 -26.25 2.91 -14.87
CA TYR A 213 -26.07 2.90 -16.31
C TYR A 213 -27.27 2.25 -17.00
N LYS A 214 -27.77 1.17 -16.40
CA LYS A 214 -28.94 0.48 -16.92
C LYS A 214 -30.14 1.41 -16.99
N GLU A 215 -30.36 2.19 -15.93
CA GLU A 215 -31.45 3.16 -15.94
C GLU A 215 -31.26 4.20 -17.05
N VAL A 216 -30.06 4.76 -17.14
CA VAL A 216 -29.76 5.76 -18.17
C VAL A 216 -30.01 5.23 -19.58
N PHE A 217 -29.50 4.04 -19.86
CA PHE A 217 -29.63 3.46 -21.19
C PHE A 217 -31.09 3.12 -21.53
N GLU A 218 -31.82 2.61 -20.55
CA GLU A 218 -33.23 2.28 -20.74
C GLU A 218 -33.99 3.53 -21.15
N LYS A 219 -33.74 4.64 -20.46
CA LYS A 219 -34.38 5.90 -20.79
C LYS A 219 -34.04 6.35 -22.21
N LEU A 220 -32.79 6.16 -22.60
CA LEU A 220 -32.35 6.49 -23.94
C LEU A 220 -33.08 5.66 -25.00
N VAL A 221 -33.02 4.34 -24.83
CA VAL A 221 -33.69 3.43 -25.77
C VAL A 221 -35.20 3.69 -25.83
N GLU A 222 -35.80 3.90 -24.67
CA GLU A 222 -37.24 4.19 -24.62
C GLU A 222 -37.57 5.45 -25.42
N ASN A 223 -36.59 6.33 -25.55
CA ASN A 223 -36.76 7.55 -26.35
C ASN A 223 -36.29 7.41 -27.79
N GLY A 224 -35.98 6.17 -28.19
CA GLY A 224 -35.63 5.87 -29.56
C GLY A 224 -34.16 5.96 -29.92
N CYS A 225 -33.29 5.98 -28.92
CA CYS A 225 -31.85 6.00 -29.17
C CYS A 225 -31.41 4.68 -29.82
N LYS A 226 -30.66 4.77 -30.91
CA LYS A 226 -30.28 3.59 -31.68
C LYS A 226 -28.84 3.14 -31.44
N GLU A 227 -28.02 4.01 -30.84
CA GLU A 227 -26.62 3.68 -30.59
C GLU A 227 -26.03 4.56 -29.51
N ILE A 228 -25.20 3.95 -28.68
CA ILE A 228 -24.59 4.63 -27.54
C ILE A 228 -23.07 4.39 -27.53
N LEU A 229 -22.30 5.47 -27.50
CA LEU A 229 -20.85 5.38 -27.57
C LEU A 229 -20.25 5.28 -26.17
N VAL A 230 -19.83 4.08 -25.79
CA VAL A 230 -19.31 3.83 -24.45
C VAL A 230 -17.78 3.81 -24.47
N ASN A 231 -17.17 4.75 -23.75
CA ASN A 231 -15.72 4.86 -23.75
C ASN A 231 -15.04 4.10 -22.58
N GLU A 232 -14.18 3.15 -22.93
CA GLU A 232 -13.49 2.34 -21.93
C GLU A 232 -11.97 2.33 -22.14
N PRO A 233 -11.34 3.51 -22.13
CA PRO A 233 -9.88 3.57 -22.32
C PRO A 233 -9.12 2.78 -21.25
N ALA A 234 -9.70 2.62 -20.05
CA ALA A 234 -9.00 1.89 -18.99
C ALA A 234 -8.74 0.41 -19.35
N PHE A 235 -9.37 -0.06 -20.42
CA PHE A 235 -9.12 -1.39 -20.95
C PHE A 235 -7.70 -1.52 -21.50
N VAL A 236 -7.01 -0.39 -21.72
CA VAL A 236 -5.66 -0.47 -22.28
C VAL A 236 -4.59 -0.42 -21.18
N CYS A 237 -5.04 -0.34 -19.94
CA CYS A 237 -4.14 -0.31 -18.79
C CYS A 237 -3.69 -1.71 -18.41
N ASP A 238 -2.73 -1.79 -17.48
CA ASP A 238 -2.26 -3.06 -16.96
C ASP A 238 -3.33 -3.70 -16.09
N LEU A 239 -4.13 -4.58 -16.68
CA LEU A 239 -5.22 -5.22 -15.95
C LEU A 239 -4.85 -6.68 -15.68
N GLU A 240 -5.53 -7.26 -14.69
CA GLU A 240 -5.37 -8.69 -14.40
C GLU A 240 -6.60 -9.44 -14.88
N LYS A 241 -6.53 -10.77 -14.88
CA LYS A 241 -7.63 -11.60 -15.31
C LYS A 241 -8.89 -11.28 -14.50
N ALA A 242 -8.69 -11.01 -13.21
CA ALA A 242 -9.82 -10.70 -12.33
C ALA A 242 -10.54 -9.39 -12.71
N HIS A 243 -9.81 -8.43 -13.28
CA HIS A 243 -10.46 -7.23 -13.81
C HIS A 243 -11.40 -7.64 -14.93
N TRP A 244 -10.91 -8.45 -15.85
CA TRP A 244 -11.70 -8.86 -17.00
C TRP A 244 -12.93 -9.69 -16.61
N ASP A 245 -12.81 -10.46 -15.53
CA ASP A 245 -13.95 -11.17 -14.97
C ASP A 245 -15.04 -10.19 -14.55
N LEU A 246 -14.65 -9.13 -13.85
CA LEU A 246 -15.59 -8.09 -13.45
C LEU A 246 -16.17 -7.36 -14.64
N ILE A 247 -15.32 -7.04 -15.61
CA ILE A 247 -15.76 -6.32 -16.80
C ILE A 247 -16.78 -7.16 -17.55
N LEU A 248 -16.55 -8.47 -17.59
CA LEU A 248 -17.46 -9.38 -18.27
C LEU A 248 -18.87 -9.31 -17.66
N ASN A 249 -18.91 -9.32 -16.33
CA ASN A 249 -20.18 -9.25 -15.61
C ASN A 249 -20.93 -7.94 -15.85
N VAL A 250 -20.18 -6.84 -15.86
CA VAL A 250 -20.77 -5.53 -16.13
C VAL A 250 -21.51 -5.53 -17.47
N TYR A 251 -20.82 -5.98 -18.53
CA TYR A 251 -21.40 -5.91 -19.86
C TYR A 251 -22.47 -6.95 -20.16
N ARG A 252 -22.45 -8.05 -19.42
CA ARG A 252 -23.57 -8.98 -19.47
C ARG A 252 -24.85 -8.27 -19.01
N GLU A 253 -24.72 -7.48 -17.94
CA GLU A 253 -25.86 -6.72 -17.41
C GLU A 253 -26.34 -5.62 -18.37
N LEU A 254 -25.51 -5.27 -19.35
CA LEU A 254 -25.85 -4.19 -20.28
C LEU A 254 -26.04 -4.66 -21.72
N SER A 255 -26.02 -5.98 -21.92
CA SER A 255 -26.03 -6.58 -23.25
C SER A 255 -27.32 -6.34 -24.06
N GLU A 256 -28.38 -5.87 -23.40
CA GLU A 256 -29.62 -5.62 -24.12
C GLU A 256 -29.63 -4.24 -24.79
N PHE A 257 -28.61 -3.43 -24.51
CA PHE A 257 -28.56 -2.07 -25.06
C PHE A 257 -27.63 -2.00 -26.26
N PRO A 258 -27.87 -1.04 -27.17
CA PRO A 258 -27.12 -0.90 -28.44
C PRO A 258 -25.80 -0.17 -28.23
N LEU A 259 -24.86 -0.81 -27.56
CA LEU A 259 -23.62 -0.14 -27.17
C LEU A 259 -22.50 -0.38 -28.17
N THR A 260 -21.71 0.66 -28.39
CA THR A 260 -20.46 0.52 -29.10
C THR A 260 -19.33 0.90 -28.16
N VAL A 261 -18.41 -0.02 -27.90
CA VAL A 261 -17.35 0.23 -26.92
C VAL A 261 -16.06 0.67 -27.59
N PHE A 262 -15.49 1.78 -27.09
CA PHE A 262 -14.25 2.33 -27.62
C PHE A 262 -13.10 2.16 -26.64
N THR A 263 -11.92 1.85 -27.17
CA THR A 263 -10.69 1.78 -26.39
C THR A 263 -9.57 2.51 -27.14
N TYR A 264 -8.74 3.24 -26.43
CA TYR A 264 -7.67 3.99 -27.08
C TYR A 264 -6.53 4.40 -26.14
N TYR A 265 -5.46 4.89 -26.75
CA TYR A 265 -4.23 5.37 -26.11
C TYR A 265 -3.15 4.29 -26.03
N ASP A 266 -3.57 3.03 -26.10
CA ASP A 266 -2.64 1.92 -26.18
C ASP A 266 -3.42 0.69 -26.65
N SER A 267 -2.78 -0.47 -26.63
CA SER A 267 -3.45 -1.70 -27.01
C SER A 267 -4.19 -2.31 -25.82
N VAL A 268 -5.10 -3.22 -26.10
CA VAL A 268 -5.76 -3.96 -25.05
C VAL A 268 -4.98 -5.26 -24.85
N SER A 269 -4.32 -5.40 -23.71
CA SER A 269 -3.45 -6.55 -23.48
C SER A 269 -4.17 -7.89 -23.62
N ASP A 270 -5.28 -8.05 -22.90
CA ASP A 270 -6.06 -9.28 -22.99
C ASP A 270 -7.08 -9.18 -24.13
N TYR A 271 -6.58 -9.32 -25.36
CA TYR A 271 -7.40 -9.15 -26.55
C TYR A 271 -8.59 -10.10 -26.54
N GLU A 272 -8.33 -11.36 -26.23
CA GLU A 272 -9.36 -12.40 -26.30
C GLU A 272 -10.51 -12.11 -25.34
N ALA A 273 -10.20 -11.66 -24.14
CA ALA A 273 -11.23 -11.31 -23.18
C ALA A 273 -12.05 -10.15 -23.70
N CYS A 274 -11.36 -9.18 -24.32
CA CYS A 274 -12.03 -7.99 -24.80
C CYS A 274 -13.03 -8.29 -25.91
N VAL A 275 -12.62 -9.04 -26.94
CA VAL A 275 -13.52 -9.36 -28.03
C VAL A 275 -14.57 -10.39 -27.65
N SER A 276 -14.49 -10.90 -26.42
CA SER A 276 -15.50 -11.82 -25.91
C SER A 276 -16.65 -11.08 -25.26
N LEU A 277 -16.47 -9.78 -24.99
CA LEU A 277 -17.53 -8.99 -24.38
C LEU A 277 -18.85 -9.10 -25.15
N PRO A 278 -19.97 -9.12 -24.43
CA PRO A 278 -21.29 -9.22 -25.07
C PRO A 278 -21.74 -7.89 -25.65
N VAL A 279 -20.97 -7.33 -26.58
CA VAL A 279 -21.37 -6.11 -27.27
C VAL A 279 -21.34 -6.36 -28.77
N LYS A 280 -22.11 -5.59 -29.52
CA LYS A 280 -22.27 -5.82 -30.96
C LYS A 280 -21.23 -5.06 -31.80
N ARG A 281 -20.64 -4.02 -31.23
CA ARG A 281 -19.62 -3.25 -31.93
C ARG A 281 -18.45 -2.91 -31.02
N LEU A 282 -17.23 -3.15 -31.51
CA LEU A 282 -16.03 -2.89 -30.71
C LEU A 282 -14.98 -2.08 -31.48
N HIS A 283 -14.56 -0.96 -30.90
CA HIS A 283 -13.54 -0.10 -31.50
C HIS A 283 -12.17 -0.38 -30.88
N PHE A 284 -11.15 -0.46 -31.72
CA PHE A 284 -9.77 -0.50 -31.25
C PHE A 284 -8.97 0.65 -31.83
N ASP A 285 -8.00 1.12 -31.06
CA ASP A 285 -7.02 2.10 -31.51
C ASP A 285 -5.90 1.35 -32.24
N PHE A 286 -5.81 1.52 -33.56
CA PHE A 286 -4.77 0.86 -34.36
C PHE A 286 -3.65 1.81 -34.75
N VAL A 287 -3.52 2.92 -34.03
CA VAL A 287 -2.55 3.94 -34.40
C VAL A 287 -1.41 4.08 -33.38
N SER A 288 -1.76 4.03 -32.10
CA SER A 288 -0.83 4.33 -31.02
C SER A 288 0.03 3.13 -30.64
N ASN A 289 -0.24 1.99 -31.25
CA ASN A 289 0.38 0.74 -30.84
C ASN A 289 0.36 -0.26 -31.99
N GLU A 290 1.19 -1.29 -31.88
CA GLU A 290 1.23 -2.35 -32.87
C GLU A 290 0.53 -3.62 -32.41
N GLU A 291 0.29 -3.73 -31.11
CA GLU A 291 -0.22 -4.98 -30.54
C GLU A 291 -1.68 -5.32 -30.91
N ASN A 292 -2.52 -4.30 -31.03
CA ASN A 292 -3.91 -4.55 -31.41
C ASN A 292 -3.96 -5.27 -32.75
N LEU A 293 -3.24 -4.74 -33.74
CA LEU A 293 -3.22 -5.34 -35.07
C LEU A 293 -2.65 -6.74 -35.02
N LYS A 294 -1.48 -6.88 -34.40
CA LYS A 294 -0.85 -8.19 -34.25
C LYS A 294 -1.77 -9.20 -33.60
N ASN A 295 -2.44 -8.79 -32.52
CA ASN A 295 -3.37 -9.68 -31.83
C ASN A 295 -4.59 -10.05 -32.68
N LEU A 296 -5.05 -9.09 -33.47
CA LEU A 296 -6.19 -9.34 -34.34
C LEU A 296 -5.81 -10.36 -35.42
N GLU A 297 -4.57 -10.27 -35.91
CA GLU A 297 -4.11 -11.22 -36.93
C GLU A 297 -3.97 -12.62 -36.33
N LYS A 298 -3.50 -12.69 -35.09
CA LYS A 298 -3.36 -13.97 -34.42
C LYS A 298 -4.71 -14.62 -34.12
N HIS A 299 -5.49 -14.00 -33.24
CA HIS A 299 -6.72 -14.61 -32.73
C HIS A 299 -7.94 -14.39 -33.62
N GLY A 300 -7.80 -13.53 -34.63
CA GLY A 300 -8.93 -13.17 -35.47
C GLY A 300 -9.92 -12.30 -34.72
N PHE A 301 -11.07 -12.03 -35.33
CA PHE A 301 -12.09 -11.18 -34.74
C PHE A 301 -13.46 -11.85 -34.88
N PRO A 302 -14.20 -11.95 -33.76
CA PRO A 302 -15.50 -12.65 -33.68
C PRO A 302 -16.50 -12.22 -34.75
N GLU A 303 -17.09 -13.22 -35.40
CA GLU A 303 -18.14 -12.99 -36.38
C GLU A 303 -19.40 -12.48 -35.68
N ASP A 304 -19.51 -12.75 -34.39
CA ASP A 304 -20.68 -12.35 -33.60
C ASP A 304 -20.80 -10.83 -33.44
N LYS A 305 -19.80 -10.08 -33.89
CA LYS A 305 -19.86 -8.62 -33.83
C LYS A 305 -19.02 -7.91 -34.89
N LYS A 306 -19.11 -6.57 -34.90
CA LYS A 306 -18.45 -5.75 -35.91
C LYS A 306 -17.33 -4.88 -35.36
N LEU A 307 -16.25 -4.77 -36.13
CA LEU A 307 -15.07 -4.01 -35.74
C LEU A 307 -15.14 -2.57 -36.23
N VAL A 308 -14.94 -1.62 -35.32
CA VAL A 308 -14.77 -0.23 -35.69
C VAL A 308 -13.27 0.06 -35.64
N ALA A 309 -12.68 0.32 -36.81
CA ALA A 309 -11.24 0.50 -36.92
C ALA A 309 -10.80 1.94 -36.67
N GLY A 310 -10.18 2.18 -35.51
CA GLY A 310 -9.66 3.51 -35.18
C GLY A 310 -8.33 3.74 -35.87
N VAL A 311 -8.37 4.38 -37.05
CA VAL A 311 -7.20 4.44 -37.92
C VAL A 311 -6.72 5.83 -38.27
N ILE A 312 -7.46 6.86 -37.89
CA ILE A 312 -7.03 8.24 -38.06
C ILE A 312 -6.58 8.84 -36.72
N ASN A 313 -5.33 9.25 -36.64
CA ASN A 313 -4.73 9.67 -35.38
C ASN A 313 -5.42 10.88 -34.75
N GLY A 314 -5.82 10.75 -33.48
CA GLY A 314 -6.42 11.85 -32.76
C GLY A 314 -5.41 12.71 -32.00
N ARG A 315 -4.15 12.29 -31.98
CA ARG A 315 -3.16 12.91 -31.10
C ARG A 315 -2.07 13.67 -31.82
N GLN A 316 -1.92 13.42 -33.13
CA GLN A 316 -0.94 14.14 -33.93
C GLN A 316 -1.64 14.78 -35.15
N PRO A 317 -1.09 15.90 -35.65
CA PRO A 317 -1.74 16.75 -36.65
C PRO A 317 -1.27 16.53 -38.09
N TRP A 318 -0.76 15.34 -38.41
CA TRP A 318 -0.19 15.08 -39.73
C TRP A 318 -1.20 14.47 -40.70
N LYS A 319 -1.31 15.05 -41.89
CA LYS A 319 -2.13 14.42 -42.91
C LYS A 319 -1.52 13.04 -43.16
N VAL A 320 -2.37 12.04 -43.38
CA VAL A 320 -1.86 10.72 -43.68
C VAL A 320 -2.10 10.31 -45.13
N ASP A 321 -1.33 9.34 -45.57
CA ASP A 321 -1.55 8.72 -46.87
C ASP A 321 -2.78 7.84 -46.78
N LEU A 322 -3.90 8.33 -47.31
CA LEU A 322 -5.16 7.62 -47.18
C LEU A 322 -5.19 6.27 -47.89
N ARG A 323 -4.39 6.14 -48.93
CA ARG A 323 -4.28 4.86 -49.64
C ARG A 323 -3.70 3.79 -48.70
N LYS A 324 -2.69 4.17 -47.92
CA LYS A 324 -2.12 3.27 -46.91
C LYS A 324 -3.18 2.93 -45.85
N VAL A 325 -3.88 3.94 -45.37
CA VAL A 325 -4.92 3.72 -44.37
C VAL A 325 -6.00 2.78 -44.91
N ALA A 326 -6.43 3.03 -46.14
CA ALA A 326 -7.46 2.22 -46.76
C ALA A 326 -7.03 0.77 -46.82
N SER A 327 -5.76 0.54 -47.14
CA SER A 327 -5.22 -0.81 -47.18
C SER A 327 -5.25 -1.48 -45.81
N LEU A 328 -4.90 -0.71 -44.79
CA LEU A 328 -5.01 -1.21 -43.42
C LEU A 328 -6.44 -1.62 -43.10
N VAL A 329 -7.39 -0.75 -43.44
CA VAL A 329 -8.80 -1.06 -43.16
C VAL A 329 -9.21 -2.39 -43.79
N GLU A 330 -8.78 -2.61 -45.03
CA GLU A 330 -9.09 -3.88 -45.72
C GLU A 330 -8.44 -5.07 -45.03
N LYS A 331 -7.17 -4.93 -44.65
CA LYS A 331 -6.46 -6.00 -43.95
C LYS A 331 -7.18 -6.36 -42.65
N LEU A 332 -7.79 -5.36 -42.02
CA LEU A 332 -8.52 -5.58 -40.77
C LEU A 332 -9.88 -6.19 -41.03
N GLY A 333 -10.37 -6.05 -42.26
CA GLY A 333 -11.70 -6.53 -42.62
C GLY A 333 -12.81 -5.73 -41.95
N ALA A 334 -12.54 -4.47 -41.66
CA ALA A 334 -13.49 -3.61 -40.96
C ALA A 334 -14.54 -3.00 -41.88
N SER A 335 -15.78 -2.90 -41.39
CA SER A 335 -16.85 -2.27 -42.15
C SER A 335 -17.13 -0.88 -41.60
N ALA A 336 -16.35 -0.47 -40.61
CA ALA A 336 -16.50 0.85 -40.00
C ALA A 336 -15.15 1.45 -39.64
N ILE A 337 -15.06 2.77 -39.74
CA ILE A 337 -13.83 3.49 -39.45
C ILE A 337 -14.07 4.64 -38.48
N SER A 338 -12.99 5.14 -37.88
CA SER A 338 -13.06 6.31 -37.02
C SER A 338 -11.66 6.77 -36.66
N ASN A 339 -11.57 7.87 -35.91
CA ASN A 339 -10.30 8.28 -35.34
C ASN A 339 -9.88 7.27 -34.27
N SER A 340 -8.59 7.23 -33.95
CA SER A 340 -8.05 6.23 -33.04
C SER A 340 -8.32 6.59 -31.58
N CYS A 341 -8.20 7.88 -31.28
CA CYS A 341 -8.42 8.40 -29.93
C CYS A 341 -9.06 9.77 -30.07
N PRO A 342 -9.59 10.33 -28.97
CA PRO A 342 -10.37 11.58 -29.02
C PRO A 342 -9.68 12.70 -29.82
N LEU A 343 -10.47 13.39 -30.64
CA LEU A 343 -9.96 14.51 -31.42
C LEU A 343 -9.62 15.74 -30.58
N PHE A 344 -10.02 15.77 -29.31
CA PHE A 344 -9.84 16.99 -28.51
C PHE A 344 -8.39 17.25 -28.09
N HIS A 345 -7.50 16.34 -28.46
CA HIS A 345 -6.06 16.56 -28.28
C HIS A 345 -5.48 17.39 -29.43
N LEU A 346 -6.30 17.68 -30.45
CA LEU A 346 -5.91 18.56 -31.55
C LEU A 346 -6.62 19.91 -31.49
N PRO A 347 -6.06 20.92 -32.18
CA PRO A 347 -6.75 22.21 -32.30
C PRO A 347 -7.97 22.08 -33.22
N VAL A 348 -8.84 23.08 -33.22
CA VAL A 348 -10.08 22.98 -33.97
C VAL A 348 -9.86 22.94 -35.48
N THR A 349 -9.14 23.92 -36.03
CA THR A 349 -8.96 23.99 -37.47
C THR A 349 -7.69 24.67 -37.94
N LEU A 350 -7.12 24.12 -39.01
CA LEU A 350 -5.91 24.60 -39.63
C LEU A 350 -6.19 25.80 -40.56
N GLU A 351 -7.46 26.00 -40.89
CA GLU A 351 -7.86 26.88 -41.99
C GLU A 351 -7.11 28.21 -42.08
N LEU A 352 -6.99 28.92 -40.97
CA LEU A 352 -6.45 30.28 -40.96
C LEU A 352 -4.99 30.38 -40.52
N GLU A 353 -4.31 29.23 -40.41
CA GLU A 353 -2.90 29.23 -40.02
C GLU A 353 -2.02 29.55 -41.22
N ASN A 354 -1.86 30.83 -41.52
CA ASN A 354 -1.19 31.23 -42.76
C ASN A 354 0.19 31.86 -42.58
N ASN A 355 0.77 31.75 -41.39
CA ASN A 355 2.15 32.16 -41.20
C ASN A 355 3.06 31.03 -40.69
N LEU A 356 2.85 29.82 -41.20
CA LEU A 356 3.69 28.68 -40.85
C LEU A 356 4.81 28.54 -41.88
N PRO A 357 5.96 28.00 -41.45
CA PRO A 357 7.08 27.76 -42.35
C PRO A 357 6.62 27.18 -43.69
N GLY A 358 7.18 27.70 -44.77
CA GLY A 358 6.77 27.29 -46.10
C GLY A 358 6.66 25.79 -46.27
N GLY A 359 5.54 25.34 -46.83
CA GLY A 359 5.33 23.92 -47.06
C GLY A 359 4.77 23.14 -45.88
N LEU A 360 4.75 23.76 -44.70
CA LEU A 360 4.28 23.05 -43.51
C LEU A 360 2.77 22.84 -43.52
N LYS A 361 2.03 23.93 -43.69
CA LYS A 361 0.57 23.86 -43.65
C LYS A 361 0.01 22.72 -44.49
N GLU A 362 0.65 22.43 -45.62
CA GLU A 362 0.18 21.40 -46.53
C GLU A 362 0.31 19.97 -45.97
N LYS A 363 1.10 19.80 -44.92
CA LYS A 363 1.31 18.48 -44.34
C LYS A 363 0.45 18.27 -43.09
N LEU A 364 -0.20 19.34 -42.65
CA LEU A 364 -0.95 19.33 -41.41
C LEU A 364 -2.45 19.05 -41.61
N ALA A 365 -3.09 18.72 -40.49
CA ALA A 365 -4.54 18.53 -40.43
C ALA A 365 -4.93 18.61 -38.95
N PHE A 366 -5.79 19.55 -38.62
CA PHE A 366 -6.29 19.64 -37.26
C PHE A 366 -7.65 18.93 -37.18
N ALA A 367 -8.39 19.17 -36.10
CA ALA A 367 -9.60 18.38 -35.83
C ALA A 367 -10.61 18.38 -36.99
N LYS A 368 -10.94 19.56 -37.50
CA LYS A 368 -11.89 19.63 -38.61
C LYS A 368 -11.36 18.83 -39.79
N GLU A 369 -10.08 19.01 -40.09
CA GLU A 369 -9.47 18.34 -41.23
C GLU A 369 -9.39 16.82 -41.01
N LYS A 370 -9.39 16.40 -39.75
CA LYS A 370 -9.42 14.97 -39.45
C LYS A 370 -10.78 14.38 -39.80
N LEU A 371 -11.85 15.13 -39.52
CA LEU A 371 -13.20 14.71 -39.93
C LEU A 371 -13.27 14.59 -41.45
N GLU A 372 -12.67 15.55 -42.15
CA GLU A 372 -12.64 15.52 -43.60
C GLU A 372 -11.85 14.30 -44.11
N GLU A 373 -10.75 13.96 -43.44
CA GLU A 373 -9.99 12.77 -43.86
C GLU A 373 -10.86 11.54 -43.74
N LEU A 374 -11.62 11.45 -42.66
CA LEU A 374 -12.51 10.30 -42.44
C LEU A 374 -13.55 10.22 -43.57
N LYS A 375 -14.08 11.36 -43.95
CA LYS A 375 -15.11 11.42 -44.98
C LYS A 375 -14.50 10.96 -46.30
N MET A 376 -13.32 11.48 -46.61
CA MET A 376 -12.61 11.09 -47.81
C MET A 376 -12.28 9.61 -47.80
N LEU A 377 -11.83 9.11 -46.66
CA LEU A 377 -11.47 7.69 -46.53
C LEU A 377 -12.69 6.82 -46.78
N LYS A 378 -13.81 7.19 -46.19
CA LYS A 378 -15.09 6.53 -46.47
C LYS A 378 -15.43 6.59 -47.96
N ASP A 379 -15.28 7.77 -48.56
CA ASP A 379 -15.62 7.95 -49.98
C ASP A 379 -14.74 7.06 -50.87
N PHE A 380 -13.45 7.02 -50.55
CA PHE A 380 -12.52 6.19 -51.29
C PHE A 380 -12.88 4.72 -51.15
N LEU A 381 -13.09 4.28 -49.91
CA LEU A 381 -13.42 2.88 -49.64
C LEU A 381 -14.72 2.45 -50.31
N GLU A 382 -15.57 3.43 -50.63
CA GLU A 382 -16.85 3.12 -51.27
C GLU A 382 -16.80 3.34 -52.78
N GLY A 383 -15.64 3.76 -53.28
CA GLY A 383 -15.41 3.92 -54.70
C GLY A 383 -15.96 5.20 -55.29
N LYS A 384 -16.25 6.18 -54.45
CA LYS A 384 -16.88 7.42 -54.91
C LYS A 384 -15.86 8.50 -55.27
N THR A 385 -14.63 8.34 -54.79
CA THR A 385 -13.57 9.28 -55.09
C THR A 385 -12.32 8.48 -55.51
N PHE A 386 -11.61 8.96 -56.52
CA PHE A 386 -10.43 8.25 -57.03
C PHE A 386 -9.13 9.00 -56.73
N ASP A 387 -9.19 10.32 -56.71
CA ASP A 387 -8.01 11.14 -56.46
C ASP A 387 -7.73 11.31 -54.98
N LEU A 388 -6.51 10.95 -54.56
CA LEU A 388 -6.08 11.19 -53.19
C LEU A 388 -4.87 12.12 -53.16
N PRO A 389 -4.76 12.93 -52.08
CA PRO A 389 -3.63 13.85 -51.90
C PRO A 389 -2.29 13.10 -51.77
N LEU A 400 20.99 17.53 -42.25
CA LEU A 400 21.81 16.31 -42.21
C LEU A 400 23.01 16.48 -41.28
N GLN A 401 23.58 17.68 -41.25
CA GLN A 401 24.73 17.96 -40.39
C GLN A 401 24.37 17.72 -38.93
N ALA A 402 23.15 18.07 -38.56
CA ALA A 402 22.66 17.89 -37.20
C ALA A 402 22.09 16.49 -36.99
N VAL A 403 21.52 15.92 -38.04
CA VAL A 403 20.98 14.56 -37.98
C VAL A 403 22.12 13.55 -37.85
N GLU A 404 23.28 13.93 -38.37
CA GLU A 404 24.46 13.07 -38.33
C GLU A 404 25.09 13.08 -36.94
N ARG A 405 25.19 14.27 -36.35
CA ARG A 405 25.72 14.41 -35.00
C ARG A 405 24.99 13.49 -34.04
N VAL A 406 23.66 13.45 -34.15
CA VAL A 406 22.84 12.60 -33.29
C VAL A 406 23.09 11.12 -33.56
N ARG A 407 22.95 10.74 -34.82
CA ARG A 407 23.13 9.34 -35.23
C ARG A 407 24.49 8.78 -34.84
N ASN A 408 25.51 9.65 -34.87
CA ASN A 408 26.88 9.24 -34.62
C ASN A 408 27.44 9.66 -33.26
N LEU A 409 26.55 9.81 -32.28
CA LEU A 409 26.98 10.21 -30.94
C LEU A 409 27.92 9.17 -30.33
N PRO A 410 29.08 9.63 -29.84
CA PRO A 410 29.98 8.74 -29.09
C PRO A 410 29.26 8.18 -27.88
N GLU A 411 29.52 6.91 -27.55
CA GLU A 411 28.87 6.26 -26.42
C GLU A 411 29.20 6.96 -25.10
N ASP A 412 30.23 7.78 -25.11
CA ASP A 412 30.65 8.51 -23.91
C ASP A 412 29.84 9.78 -23.69
N SER A 413 29.05 10.17 -24.68
CA SER A 413 28.31 11.42 -24.65
C SER A 413 27.17 11.43 -23.63
N PHE A 414 26.81 10.24 -23.14
CA PHE A 414 25.65 10.11 -22.27
C PHE A 414 25.99 10.09 -20.78
N ARG A 415 27.26 10.31 -20.46
CA ARG A 415 27.69 10.47 -19.08
C ARG A 415 28.54 11.74 -18.98
N ARG A 416 28.68 12.28 -17.77
CA ARG A 416 29.53 13.44 -17.58
C ARG A 416 30.98 13.04 -17.34
N GLU A 417 31.89 13.99 -17.50
CA GLU A 417 33.33 13.73 -17.40
C GLU A 417 33.71 13.03 -16.10
N LYS A 418 33.23 13.56 -14.98
CA LYS A 418 33.53 12.98 -13.67
C LYS A 418 32.25 12.61 -12.94
N GLU A 419 32.31 11.55 -12.15
CA GLU A 419 31.15 11.07 -11.40
C GLU A 419 30.81 12.01 -10.24
N TYR A 420 29.61 11.85 -9.68
CA TYR A 420 29.10 12.79 -8.68
C TYR A 420 30.08 13.07 -7.54
N THR A 421 30.58 12.01 -6.88
CA THR A 421 31.44 12.18 -5.71
C THR A 421 32.58 13.18 -5.95
N GLU A 422 33.23 13.08 -7.11
CA GLU A 422 34.32 13.97 -7.46
C GLU A 422 33.84 15.35 -7.91
N ARG A 423 32.77 15.40 -8.70
CA ARG A 423 32.19 16.68 -9.12
C ARG A 423 31.78 17.47 -7.90
N ASP A 424 31.21 16.76 -6.94
CA ASP A 424 30.66 17.36 -5.73
C ASP A 424 31.71 18.20 -5.00
N ARG A 425 32.88 17.61 -4.78
CA ARG A 425 33.95 18.30 -4.07
C ARG A 425 34.35 19.57 -4.84
N ILE A 426 34.43 19.45 -6.16
CA ILE A 426 34.77 20.59 -7.01
C ILE A 426 33.71 21.70 -6.93
N GLN A 427 32.44 21.31 -7.03
CA GLN A 427 31.34 22.27 -6.98
C GLN A 427 31.26 22.98 -5.63
N ARG A 428 31.27 22.21 -4.55
CA ARG A 428 31.18 22.78 -3.21
C ARG A 428 32.32 23.75 -2.91
N GLU A 429 33.52 23.43 -3.38
CA GLU A 429 34.67 24.31 -3.19
C GLU A 429 34.45 25.61 -3.92
N ARG A 430 33.89 25.52 -5.12
CA ARG A 430 33.65 26.69 -5.96
C ARG A 430 32.49 27.56 -5.44
N LEU A 431 31.46 26.93 -4.90
CA LEU A 431 30.26 27.65 -4.47
C LEU A 431 30.37 28.23 -3.06
N ASN A 432 31.02 27.49 -2.17
CA ASN A 432 31.19 27.93 -0.79
C ASN A 432 29.85 28.28 -0.15
N LEU A 433 28.92 27.34 -0.17
CA LEU A 433 27.59 27.55 0.39
C LEU A 433 27.53 27.10 1.83
N PRO A 434 26.63 27.70 2.63
CA PRO A 434 26.48 27.28 4.01
C PRO A 434 25.74 25.95 4.06
N LEU A 435 25.73 25.31 5.23
CA LEU A 435 24.85 24.17 5.45
C LEU A 435 23.41 24.64 5.23
N PHE A 436 22.54 23.74 4.78
CA PHE A 436 21.15 24.09 4.48
C PHE A 436 21.04 25.35 3.63
N PRO A 437 21.62 25.34 2.43
CA PRO A 437 21.48 26.54 1.59
C PRO A 437 20.02 26.73 1.21
N THR A 438 19.59 27.98 1.01
CA THR A 438 18.24 28.27 0.56
C THR A 438 18.27 28.70 -0.90
N THR A 439 17.20 28.38 -1.63
CA THR A 439 17.04 28.85 -3.01
C THR A 439 15.56 28.83 -3.38
N THR A 440 15.24 29.20 -4.61
CA THR A 440 13.88 29.06 -5.11
C THR A 440 13.93 28.33 -6.43
N ILE A 441 12.76 27.93 -6.94
CA ILE A 441 12.70 27.04 -8.10
C ILE A 441 12.82 27.74 -9.46
N GLY A 442 12.49 29.02 -9.53
CA GLY A 442 12.73 29.75 -10.75
C GLY A 442 11.86 30.96 -11.06
N SER A 443 10.54 30.77 -11.05
CA SER A 443 9.62 31.84 -11.45
C SER A 443 9.20 32.69 -10.25
N PHE A 444 8.98 33.98 -10.51
CA PHE A 444 8.53 34.89 -9.46
C PHE A 444 7.13 35.42 -9.78
N PRO A 445 6.44 35.97 -8.77
CA PRO A 445 5.11 36.57 -9.00
C PRO A 445 5.14 37.54 -10.17
N GLN A 446 4.05 37.60 -10.91
CA GLN A 446 3.96 38.51 -12.05
C GLN A 446 2.97 39.63 -11.77
N THR A 447 3.46 40.86 -11.67
CA THR A 447 2.61 42.03 -11.51
C THR A 447 1.74 42.20 -12.76
N PRO A 448 0.61 42.90 -12.62
CA PRO A 448 -0.21 43.21 -13.79
C PRO A 448 0.65 43.91 -14.85
N GLU A 449 1.56 44.77 -14.40
CA GLU A 449 2.49 45.44 -15.29
C GLU A 449 3.32 44.43 -16.09
N VAL A 450 3.87 43.43 -15.40
CA VAL A 450 4.67 42.41 -16.05
C VAL A 450 3.86 41.63 -17.07
N ARG A 451 2.63 41.29 -16.71
CA ARG A 451 1.76 40.55 -17.60
C ARG A 451 1.40 41.39 -18.83
N LYS A 452 0.99 42.62 -18.59
CA LYS A 452 0.61 43.53 -19.67
C LYS A 452 1.77 43.79 -20.62
N MET A 453 2.93 44.12 -20.07
CA MET A 453 4.12 44.39 -20.88
C MET A 453 4.42 43.22 -21.82
N ARG A 454 4.47 42.01 -21.27
CA ARG A 454 4.75 40.83 -22.09
C ARG A 454 3.72 40.68 -23.21
N SER A 455 2.46 41.01 -22.92
CA SER A 455 1.40 40.96 -23.91
C SER A 455 1.66 41.98 -25.03
N LYS A 456 1.99 43.20 -24.63
CA LYS A 456 2.25 44.27 -25.60
C LYS A 456 3.35 43.87 -26.58
N TYR A 457 4.48 43.42 -26.04
CA TYR A 457 5.63 43.03 -26.87
C TYR A 457 5.27 41.91 -27.85
N ARG A 458 4.55 40.90 -27.37
CA ARG A 458 4.15 39.79 -28.23
C ARG A 458 3.15 40.26 -29.29
N LYS A 459 2.36 41.27 -28.94
CA LYS A 459 1.39 41.83 -29.87
C LYS A 459 1.99 43.01 -30.63
N LYS A 464 11.05 45.72 -29.21
CA LYS A 464 11.91 44.74 -28.56
C LYS A 464 12.83 45.41 -27.55
N GLU A 465 13.45 46.51 -27.97
CA GLU A 465 14.38 47.24 -27.11
C GLU A 465 13.71 47.72 -25.83
N GLU A 466 12.48 48.22 -25.94
CA GLU A 466 11.75 48.72 -24.79
C GLU A 466 11.42 47.59 -23.81
N TYR A 467 11.03 46.44 -24.36
CA TYR A 467 10.67 45.29 -23.53
C TYR A 467 11.89 44.79 -22.76
N GLU A 468 12.98 44.54 -23.48
CA GLU A 468 14.22 44.07 -22.85
C GLU A 468 14.58 44.96 -21.68
N ALA A 469 14.57 46.27 -21.92
CA ALA A 469 14.86 47.24 -20.86
C ALA A 469 13.98 47.01 -19.64
N PHE A 470 12.69 46.79 -19.88
CA PHE A 470 11.73 46.54 -18.80
C PHE A 470 12.08 45.26 -18.05
N ILE A 471 12.39 44.20 -18.77
CA ILE A 471 12.78 42.93 -18.18
C ILE A 471 14.04 43.08 -17.32
N LYS A 472 15.07 43.69 -17.88
CA LYS A 472 16.29 43.95 -17.13
C LYS A 472 15.95 44.71 -15.84
N GLU A 473 14.94 45.57 -15.92
CA GLU A 473 14.52 46.35 -14.75
C GLU A 473 13.90 45.49 -13.65
N GLN A 474 13.03 44.55 -14.03
CA GLN A 474 12.38 43.68 -13.06
C GLN A 474 13.39 42.71 -12.43
N ILE A 475 14.36 42.28 -13.23
CA ILE A 475 15.37 41.35 -12.75
C ILE A 475 16.23 41.99 -11.67
N LYS A 476 16.75 43.17 -11.96
CA LYS A 476 17.50 43.93 -10.97
C LYS A 476 16.73 43.95 -9.65
N LYS A 477 15.46 44.35 -9.73
CA LYS A 477 14.61 44.42 -8.54
C LYS A 477 14.51 43.08 -7.80
N ALA A 478 14.38 42.01 -8.55
CA ALA A 478 14.22 40.67 -7.95
C ALA A 478 15.53 40.21 -7.33
N ILE A 479 16.64 40.49 -8.01
CA ILE A 479 17.96 40.13 -7.50
C ILE A 479 18.24 40.85 -6.19
N GLU A 480 17.96 42.15 -6.17
CA GLU A 480 18.16 42.95 -4.97
C GLU A 480 17.26 42.46 -3.84
N LEU A 481 16.02 42.13 -4.18
CA LEU A 481 15.07 41.61 -3.20
C LEU A 481 15.55 40.29 -2.58
N GLN A 482 16.09 39.40 -3.41
CA GLN A 482 16.57 38.11 -2.92
C GLN A 482 17.77 38.29 -1.99
N GLU A 483 18.68 39.19 -2.39
CA GLU A 483 19.87 39.46 -1.59
C GLU A 483 19.49 40.05 -0.23
N GLU A 484 18.52 40.96 -0.23
CA GLU A 484 18.03 41.57 1.01
C GLU A 484 17.40 40.52 1.92
N ILE A 485 16.64 39.60 1.32
CA ILE A 485 16.03 38.50 2.07
C ILE A 485 17.09 37.54 2.61
N GLY A 486 18.22 37.44 1.91
CA GLY A 486 19.31 36.60 2.35
C GLY A 486 19.28 35.19 1.78
N LEU A 487 18.72 35.03 0.59
CA LEU A 487 18.73 33.74 -0.08
C LEU A 487 20.14 33.43 -0.54
N ASP A 488 20.50 32.15 -0.55
CA ASP A 488 21.86 31.72 -0.87
C ASP A 488 22.10 31.60 -2.38
N VAL A 489 21.14 31.01 -3.09
CA VAL A 489 21.24 30.88 -4.53
C VAL A 489 20.04 31.57 -5.17
N LEU A 490 20.31 32.46 -6.11
CA LEU A 490 19.27 33.32 -6.66
C LEU A 490 18.75 32.83 -8.01
N VAL A 491 17.61 33.39 -8.40
CA VAL A 491 17.02 33.15 -9.72
C VAL A 491 16.69 34.48 -10.39
N HIS A 492 16.47 34.47 -11.70
CA HIS A 492 16.19 35.72 -12.40
C HIS A 492 14.69 36.01 -12.52
N GLY A 493 13.86 35.02 -12.22
CA GLY A 493 12.44 35.23 -12.06
C GLY A 493 11.56 34.89 -13.26
N GLU A 494 12.17 34.72 -14.43
CA GLU A 494 11.46 34.27 -15.62
C GLU A 494 10.33 35.21 -16.07
N PHE A 495 10.49 36.51 -15.80
CA PHE A 495 9.46 37.49 -16.16
C PHE A 495 9.23 37.55 -17.67
N GLU A 496 10.26 37.19 -18.44
CA GLU A 496 10.20 37.27 -19.89
C GLU A 496 9.55 36.05 -20.54
N ARG A 497 9.10 35.10 -19.73
CA ARG A 497 8.60 33.83 -20.27
C ARG A 497 7.10 33.68 -20.09
N THR A 498 6.44 33.15 -21.12
CA THR A 498 5.02 32.84 -21.02
C THR A 498 4.87 31.51 -20.27
N ASP A 499 5.47 30.45 -20.82
CA ASP A 499 5.52 29.15 -20.16
C ASP A 499 6.80 28.40 -20.54
N MET A 500 7.13 27.35 -19.79
CA MET A 500 8.43 26.68 -19.91
C MET A 500 8.65 25.93 -21.23
N VAL A 501 7.59 25.76 -22.03
CA VAL A 501 7.75 25.11 -23.32
C VAL A 501 7.73 26.11 -24.48
N GLU A 502 6.69 26.94 -24.52
CA GLU A 502 6.53 27.93 -25.58
C GLU A 502 7.73 28.88 -25.68
N PHE A 503 8.28 29.29 -24.56
CA PHE A 503 9.44 30.18 -24.55
C PHE A 503 10.60 29.61 -25.39
N PHE A 504 10.86 28.32 -25.23
CA PHE A 504 11.97 27.68 -25.94
C PHE A 504 11.58 27.21 -27.33
N ALA A 505 10.37 26.68 -27.48
CA ALA A 505 9.90 26.24 -28.78
C ALA A 505 10.04 27.35 -29.82
N GLU A 506 9.77 28.58 -29.39
CA GLU A 506 9.79 29.74 -30.28
C GLU A 506 11.21 30.12 -30.73
N LYS A 507 12.21 29.52 -30.10
CA LYS A 507 13.61 29.87 -30.36
C LYS A 507 14.41 28.74 -31.00
N LEU A 508 13.73 27.65 -31.37
CA LEU A 508 14.42 26.49 -31.91
C LEU A 508 14.06 26.26 -33.37
N ASN A 509 15.05 25.96 -34.20
CA ASN A 509 14.80 25.53 -35.56
C ASN A 509 14.11 24.17 -35.57
N GLY A 510 13.31 23.92 -36.60
CA GLY A 510 12.64 22.64 -36.74
C GLY A 510 11.32 22.62 -36.01
N ILE A 511 11.02 23.72 -35.31
CA ILE A 511 9.80 23.81 -34.52
C ILE A 511 9.00 25.04 -34.92
N ALA A 512 7.72 24.84 -35.19
CA ALA A 512 6.84 25.95 -35.53
C ALA A 512 5.84 26.20 -34.41
N THR A 513 5.35 27.43 -34.34
CA THR A 513 4.27 27.74 -33.43
C THR A 513 3.10 28.30 -34.23
N THR A 514 1.88 27.94 -33.82
CA THR A 514 0.68 28.37 -34.52
C THR A 514 0.15 29.69 -33.96
N GLN A 515 -0.84 30.26 -34.64
CA GLN A 515 -1.47 31.50 -34.21
C GLN A 515 -2.72 31.23 -33.37
N ASN A 516 -3.50 30.24 -33.78
CA ASN A 516 -4.76 29.93 -33.12
C ASN A 516 -4.96 28.45 -32.84
N GLY A 517 -3.87 27.68 -32.79
CA GLY A 517 -3.98 26.24 -32.61
C GLY A 517 -4.20 25.84 -31.16
N TRP A 518 -5.30 26.33 -30.57
CA TRP A 518 -5.57 26.14 -29.15
C TRP A 518 -6.09 24.73 -28.84
N VAL A 519 -5.63 24.19 -27.72
CA VAL A 519 -6.05 22.88 -27.26
C VAL A 519 -6.35 22.96 -25.78
N LEU A 520 -7.47 22.36 -25.38
CA LEU A 520 -7.91 22.43 -24.00
C LEU A 520 -7.02 21.59 -23.07
N SER A 521 -6.53 22.21 -22.01
CA SER A 521 -5.74 21.51 -21.01
C SER A 521 -6.63 21.07 -19.84
N TYR A 522 -7.52 21.96 -19.41
CA TYR A 522 -8.53 21.67 -18.39
C TYR A 522 -9.41 22.88 -18.26
N GLY A 523 -10.62 22.67 -17.73
CA GLY A 523 -11.54 23.77 -17.49
C GLY A 523 -11.64 24.76 -18.63
N SER A 524 -11.17 25.99 -18.40
CA SER A 524 -11.20 27.02 -19.43
C SER A 524 -9.80 27.36 -19.92
N ARG A 525 -8.80 26.61 -19.43
CA ARG A 525 -7.41 26.85 -19.81
C ARG A 525 -6.98 26.09 -21.06
N CYS A 526 -6.55 26.82 -22.08
CA CYS A 526 -6.06 26.24 -23.32
C CYS A 526 -4.59 26.61 -23.53
N TYR A 527 -3.91 25.85 -24.39
CA TYR A 527 -2.56 26.20 -24.80
C TYR A 527 -2.40 25.87 -26.26
N ARG A 528 -1.37 26.43 -26.89
CA ARG A 528 -1.04 26.09 -28.27
C ARG A 528 0.19 25.21 -28.26
N PRO A 529 0.03 23.92 -28.62
CA PRO A 529 1.19 23.05 -28.74
C PRO A 529 2.05 23.44 -29.94
N PRO A 530 3.37 23.51 -29.74
CA PRO A 530 4.30 23.71 -30.86
C PRO A 530 4.27 22.50 -31.77
N ILE A 531 4.76 22.66 -32.99
CA ILE A 531 4.85 21.57 -33.93
C ILE A 531 6.31 21.34 -34.27
N ILE A 532 6.84 20.19 -33.85
CA ILE A 532 8.19 19.81 -34.23
C ILE A 532 8.15 19.13 -35.60
N TYR A 533 8.40 19.93 -36.65
CA TYR A 533 8.20 19.46 -38.01
C TYR A 533 9.50 19.04 -38.69
N GLY A 534 10.62 19.47 -38.13
CA GLY A 534 11.92 19.12 -38.71
C GLY A 534 13.04 18.96 -37.70
N THR A 535 14.25 18.78 -38.21
CA THR A 535 15.42 18.62 -37.38
C THR A 535 15.55 19.79 -36.40
N VAL A 536 15.67 19.47 -35.12
CA VAL A 536 15.74 20.52 -34.11
C VAL A 536 17.17 20.97 -33.85
N THR A 537 17.39 22.27 -33.91
CA THR A 537 18.68 22.86 -33.54
C THR A 537 18.48 24.24 -32.93
N ARG A 538 19.52 24.75 -32.29
CA ARG A 538 19.45 26.05 -31.64
C ARG A 538 20.42 27.05 -32.27
N PRO A 539 19.91 27.87 -33.20
CA PRO A 539 20.71 28.86 -33.93
C PRO A 539 21.45 29.82 -33.00
N GLU A 540 20.71 30.46 -32.10
CA GLU A 540 21.27 31.50 -31.25
C GLU A 540 21.04 31.22 -29.77
N PRO A 541 21.85 31.82 -28.89
CA PRO A 541 21.64 31.70 -27.44
C PRO A 541 20.20 32.09 -27.08
N MET A 542 19.61 31.39 -26.12
CA MET A 542 18.20 31.56 -25.84
C MET A 542 17.93 32.36 -24.58
N THR A 543 18.82 32.26 -23.61
CA THR A 543 18.57 32.83 -22.28
C THR A 543 19.76 33.59 -21.73
N LEU A 544 20.85 33.63 -22.49
CA LEU A 544 22.09 34.29 -22.06
C LEU A 544 21.89 35.70 -21.51
N LYS A 545 21.30 36.58 -22.33
CA LYS A 545 21.07 37.96 -21.92
C LYS A 545 20.54 38.07 -20.49
N GLU A 546 19.41 37.42 -20.22
CA GLU A 546 18.75 37.56 -18.91
C GLU A 546 19.60 37.03 -17.76
N ILE A 547 20.16 35.83 -17.93
CA ILE A 547 20.89 35.17 -16.85
C ILE A 547 22.21 35.89 -16.57
N THR A 548 22.89 36.28 -17.64
CA THR A 548 24.15 37.01 -17.53
C THR A 548 23.97 38.32 -16.78
N TYR A 549 23.06 39.15 -17.28
CA TYR A 549 22.75 40.40 -16.59
C TYR A 549 22.45 40.14 -15.12
N ALA A 550 21.59 39.17 -14.87
CA ALA A 550 21.22 38.83 -13.50
C ALA A 550 22.44 38.52 -12.64
N GLN A 551 23.35 37.71 -13.18
CA GLN A 551 24.55 37.31 -12.44
C GLN A 551 25.50 38.49 -12.19
N SER A 552 25.50 39.46 -13.10
CA SER A 552 26.39 40.61 -13.00
C SER A 552 25.95 41.61 -11.92
N LEU A 553 24.88 41.30 -11.21
CA LEU A 553 24.37 42.19 -10.17
C LEU A 553 24.66 41.68 -8.77
N THR A 554 25.24 40.49 -8.69
CA THR A 554 25.45 39.87 -7.39
C THR A 554 26.68 38.96 -7.36
N GLU A 555 27.19 38.72 -6.16
CA GLU A 555 28.29 37.81 -5.96
C GLU A 555 27.76 36.40 -5.70
N LYS A 556 26.48 36.33 -5.34
CA LYS A 556 25.82 35.05 -5.11
C LYS A 556 25.51 34.35 -6.42
N PRO A 557 25.51 33.01 -6.43
CA PRO A 557 25.23 32.25 -7.65
C PRO A 557 23.80 32.47 -8.11
N VAL A 558 23.63 32.71 -9.40
CA VAL A 558 22.33 32.80 -10.02
C VAL A 558 22.19 31.63 -10.97
N LYS A 559 21.14 30.83 -10.82
CA LYS A 559 21.00 29.64 -11.64
C LYS A 559 20.46 29.92 -13.05
N GLY A 560 21.04 29.24 -14.03
CA GLY A 560 20.45 29.18 -15.36
C GLY A 560 19.18 28.37 -15.22
N MET A 561 18.28 28.53 -16.19
CA MET A 561 16.95 27.94 -16.06
C MET A 561 16.46 27.41 -17.40
N LEU A 562 16.49 26.09 -17.56
CA LEU A 562 16.14 25.47 -18.83
C LEU A 562 15.07 24.41 -18.67
N THR A 563 14.44 24.05 -19.78
CA THR A 563 13.45 23.00 -19.82
C THR A 563 14.02 21.79 -20.56
N GLY A 564 13.81 20.60 -20.01
CA GLY A 564 14.34 19.38 -20.59
C GLY A 564 13.72 18.99 -21.93
N PRO A 565 14.35 18.04 -22.63
CA PRO A 565 13.99 17.62 -23.99
C PRO A 565 12.67 16.88 -24.04
N VAL A 566 12.45 15.97 -23.09
CA VAL A 566 11.25 15.14 -23.11
C VAL A 566 10.02 16.00 -22.81
N THR A 567 10.21 17.01 -21.99
CA THR A 567 9.13 17.93 -21.66
C THR A 567 8.74 18.78 -22.87
N ILE A 568 9.73 19.27 -23.61
CA ILE A 568 9.46 20.02 -24.83
C ILE A 568 8.70 19.15 -25.84
N MET A 569 9.17 17.93 -26.02
CA MET A 569 8.47 16.97 -26.87
C MET A 569 7.06 16.71 -26.39
N SER A 570 6.91 16.54 -25.08
CA SER A 570 5.66 16.08 -24.49
C SER A 570 4.51 17.06 -24.69
N TRP A 571 4.83 18.35 -24.66
CA TRP A 571 3.81 19.39 -24.84
C TRP A 571 3.71 19.89 -26.29
N SER A 572 4.31 19.15 -27.20
CA SER A 572 4.33 19.55 -28.61
C SER A 572 3.85 18.39 -29.47
N TYR A 573 3.53 18.70 -30.71
CA TYR A 573 3.35 17.67 -31.73
C TYR A 573 4.70 17.42 -32.37
N TYR A 574 4.89 16.23 -32.94
CA TYR A 574 6.15 15.90 -33.58
C TYR A 574 5.96 14.84 -34.65
N ARG A 575 6.97 14.73 -35.51
CA ARG A 575 6.93 13.81 -36.64
C ARG A 575 6.86 12.36 -36.18
N GLU A 576 6.17 11.53 -36.95
CA GLU A 576 5.98 10.13 -36.60
C GLU A 576 6.82 9.20 -37.46
N ASP A 577 7.50 9.76 -38.46
CA ASP A 577 8.32 8.98 -39.37
C ASP A 577 9.75 8.83 -38.85
N ILE A 578 9.97 9.34 -37.64
CA ILE A 578 11.27 9.27 -36.99
C ILE A 578 11.05 8.80 -35.56
N PRO A 579 12.00 8.01 -35.01
CA PRO A 579 11.82 7.48 -33.66
C PRO A 579 11.82 8.59 -32.61
N GLU A 580 10.96 8.46 -31.61
CA GLU A 580 10.88 9.44 -30.53
C GLU A 580 12.25 9.82 -29.97
N ARG A 581 13.06 8.80 -29.71
CA ARG A 581 14.39 8.98 -29.10
C ARG A 581 15.28 9.92 -29.91
N GLU A 582 15.20 9.84 -31.23
CA GLU A 582 16.04 10.68 -32.08
C GLU A 582 15.62 12.14 -32.03
N ILE A 583 14.32 12.37 -31.94
CA ILE A 583 13.81 13.72 -31.72
C ILE A 583 14.30 14.24 -30.37
N ALA A 584 14.15 13.42 -29.34
CA ALA A 584 14.57 13.82 -27.99
C ALA A 584 16.04 14.17 -27.96
N TYR A 585 16.87 13.34 -28.58
CA TYR A 585 18.31 13.61 -28.64
C TYR A 585 18.63 14.90 -29.37
N GLN A 586 17.95 15.15 -30.50
CA GLN A 586 18.16 16.40 -31.23
C GLN A 586 17.89 17.59 -30.31
N ILE A 587 16.72 17.59 -29.68
CA ILE A 587 16.36 18.64 -28.75
C ILE A 587 17.38 18.72 -27.62
N ALA A 588 17.79 17.57 -27.12
CA ALA A 588 18.71 17.54 -25.99
C ALA A 588 20.04 18.19 -26.35
N LEU A 589 20.53 17.94 -27.55
CA LEU A 589 21.79 18.50 -28.00
C LEU A 589 21.67 20.01 -28.17
N ALA A 590 20.51 20.45 -28.64
CA ALA A 590 20.22 21.88 -28.74
C ALA A 590 20.27 22.54 -27.36
N ILE A 591 19.65 21.88 -26.38
CA ILE A 591 19.65 22.38 -25.01
C ILE A 591 21.06 22.42 -24.45
N ASN A 592 21.85 21.40 -24.78
CA ASN A 592 23.21 21.36 -24.27
C ASN A 592 24.06 22.51 -24.82
N GLU A 593 23.72 22.97 -26.03
CA GLU A 593 24.37 24.14 -26.60
C GLU A 593 24.19 25.34 -25.67
N GLU A 594 22.97 25.51 -25.17
CA GLU A 594 22.68 26.58 -24.23
C GLU A 594 23.47 26.44 -22.93
N VAL A 595 23.55 25.21 -22.43
CA VAL A 595 24.29 24.94 -21.20
C VAL A 595 25.76 25.36 -21.32
N LYS A 596 26.40 24.96 -22.42
CA LYS A 596 27.80 25.33 -22.64
C LYS A 596 27.94 26.84 -22.68
N ASP A 597 27.09 27.51 -23.48
CA ASP A 597 27.13 28.97 -23.54
C ASP A 597 26.98 29.57 -22.16
N LEU A 598 26.10 29.00 -21.34
CA LEU A 598 25.92 29.47 -19.96
C LEU A 598 27.19 29.27 -19.13
N GLU A 599 27.83 28.10 -19.30
CA GLU A 599 29.07 27.79 -18.60
C GLU A 599 30.19 28.76 -18.98
N GLU A 600 30.28 29.05 -20.27
CA GLU A 600 31.28 29.96 -20.79
C GLU A 600 31.11 31.37 -20.20
N ALA A 601 29.85 31.77 -20.00
CA ALA A 601 29.56 33.09 -19.45
C ALA A 601 29.71 33.15 -17.93
N GLY A 602 30.16 32.05 -17.33
CA GLY A 602 30.47 32.02 -15.92
C GLY A 602 29.35 31.59 -14.99
N ILE A 603 28.27 31.07 -15.53
CA ILE A 603 27.17 30.58 -14.69
C ILE A 603 27.53 29.27 -14.02
N LYS A 604 27.46 29.24 -12.69
CA LYS A 604 27.94 28.12 -11.90
C LYS A 604 26.89 27.05 -11.67
N ILE A 605 25.62 27.43 -11.78
CA ILE A 605 24.51 26.51 -11.53
C ILE A 605 23.51 26.57 -12.68
N VAL A 606 23.15 25.42 -13.20
CA VAL A 606 22.13 25.37 -14.24
C VAL A 606 21.05 24.37 -13.85
N GLN A 607 19.80 24.84 -13.86
CA GLN A 607 18.67 23.99 -13.56
C GLN A 607 18.00 23.50 -14.84
N ILE A 608 17.65 22.23 -14.85
CA ILE A 608 16.93 21.66 -15.98
C ILE A 608 15.65 20.99 -15.48
N ASP A 609 14.51 21.60 -15.79
CA ASP A 609 13.21 21.08 -15.38
C ASP A 609 12.69 20.05 -16.37
N GLU A 610 12.48 18.83 -15.91
CA GLU A 610 12.00 17.75 -16.79
C GLU A 610 10.73 17.06 -16.25
N PRO A 611 9.63 17.83 -16.10
CA PRO A 611 8.37 17.30 -15.56
C PRO A 611 7.84 16.09 -16.34
N ALA A 612 8.09 16.05 -17.64
CA ALA A 612 7.58 14.96 -18.47
C ALA A 612 8.34 13.65 -18.28
N PHE A 613 9.40 13.68 -17.47
CA PHE A 613 10.23 12.49 -17.23
C PHE A 613 9.37 11.26 -16.96
N ARG A 614 8.53 11.32 -15.93
CA ARG A 614 7.59 10.25 -15.65
C ARG A 614 6.32 10.36 -16.48
N GLU A 615 5.88 11.59 -16.73
CA GLU A 615 4.57 11.82 -17.37
C GLU A 615 4.48 11.30 -18.80
N LYS A 616 5.61 11.24 -19.50
CA LYS A 616 5.60 10.69 -20.84
C LYS A 616 5.84 9.18 -20.87
N ALA A 617 5.95 8.56 -19.70
CA ALA A 617 6.10 7.10 -19.66
C ALA A 617 4.87 6.42 -20.29
N PRO A 618 5.10 5.28 -20.96
CA PRO A 618 3.99 4.49 -21.52
C PRO A 618 2.97 4.13 -20.46
N ILE A 619 1.72 3.92 -20.87
CA ILE A 619 0.67 3.48 -19.97
C ILE A 619 0.99 2.09 -19.39
N LYS A 620 1.61 1.25 -20.20
CA LYS A 620 1.97 -0.11 -19.76
C LYS A 620 3.33 -0.17 -19.07
N LYS A 621 3.33 -0.60 -17.81
CA LYS A 621 4.54 -0.69 -17.00
C LYS A 621 5.63 -1.54 -17.68
N SER A 622 5.22 -2.59 -18.38
CA SER A 622 6.18 -3.47 -19.04
C SER A 622 7.05 -2.71 -20.03
N LYS A 623 6.53 -1.59 -20.54
CA LYS A 623 7.27 -0.80 -21.53
C LYS A 623 8.17 0.26 -20.91
N TRP A 624 8.11 0.42 -19.60
CA TRP A 624 8.86 1.49 -18.92
C TRP A 624 10.38 1.43 -19.17
N PRO A 625 11.01 0.27 -18.91
CA PRO A 625 12.46 0.19 -19.08
C PRO A 625 12.95 0.74 -20.42
N GLU A 626 12.30 0.35 -21.51
CA GLU A 626 12.70 0.82 -22.83
C GLU A 626 12.50 2.34 -22.97
N TYR A 627 11.38 2.83 -22.44
CA TYR A 627 11.13 4.27 -22.44
C TYR A 627 12.19 5.03 -21.65
N PHE A 628 12.40 4.63 -20.40
CA PHE A 628 13.34 5.35 -19.53
C PHE A 628 14.78 5.29 -20.03
N GLU A 629 15.13 4.23 -20.75
CA GLU A 629 16.46 4.13 -21.34
C GLU A 629 16.78 5.39 -22.16
N TRP A 630 15.89 5.80 -23.05
CA TRP A 630 16.15 6.99 -23.85
C TRP A 630 15.79 8.32 -23.16
N ALA A 631 14.79 8.29 -22.28
CA ALA A 631 14.45 9.49 -21.51
C ALA A 631 15.63 9.90 -20.64
N ILE A 632 16.26 8.90 -20.03
CA ILE A 632 17.47 9.13 -19.26
C ILE A 632 18.58 9.67 -20.15
N ASN A 633 18.83 9.01 -21.27
CA ASN A 633 19.85 9.44 -22.21
C ASN A 633 19.60 10.87 -22.70
N ALA A 634 18.35 11.15 -23.07
CA ALA A 634 17.99 12.49 -23.51
C ALA A 634 18.29 13.53 -22.44
N PHE A 635 17.88 13.26 -21.20
CA PHE A 635 18.18 14.20 -20.12
C PHE A 635 19.68 14.38 -19.91
N ASN A 636 20.41 13.27 -19.92
CA ASN A 636 21.85 13.34 -19.70
C ASN A 636 22.61 14.06 -20.81
N LEU A 637 22.13 13.97 -22.04
CA LEU A 637 22.73 14.71 -23.15
C LEU A 637 22.55 16.21 -22.91
N ALA A 638 21.35 16.60 -22.52
CA ALA A 638 21.06 17.99 -22.22
C ALA A 638 21.89 18.46 -21.05
N ALA A 639 22.03 17.62 -20.03
CA ALA A 639 22.69 17.99 -18.78
C ALA A 639 24.19 17.69 -18.78
N ASN A 640 24.76 17.40 -19.95
CA ASN A 640 26.18 17.12 -20.05
C ASN A 640 26.99 18.38 -19.79
N ALA A 641 27.36 18.59 -18.54
CA ALA A 641 28.06 19.81 -18.16
C ALA A 641 29.41 19.48 -17.54
N ARG A 642 30.33 20.44 -17.63
CA ARG A 642 31.62 20.32 -16.97
C ARG A 642 31.43 19.95 -15.51
N PRO A 643 32.41 19.24 -14.93
CA PRO A 643 32.37 18.85 -13.52
C PRO A 643 32.11 20.03 -12.58
N GLU A 644 32.66 21.20 -12.92
CA GLU A 644 32.55 22.37 -12.06
C GLU A 644 31.13 22.95 -12.02
N THR A 645 30.30 22.55 -12.98
CA THR A 645 28.95 23.08 -13.08
C THR A 645 27.95 22.23 -12.30
N GLN A 646 27.30 22.85 -11.32
CA GLN A 646 26.28 22.15 -10.52
C GLN A 646 24.94 22.14 -11.26
N ILE A 647 24.46 20.94 -11.60
CA ILE A 647 23.21 20.78 -12.32
C ILE A 647 22.06 20.49 -11.36
N HIS A 648 21.01 21.30 -11.45
CA HIS A 648 19.80 21.09 -10.65
C HIS A 648 18.68 20.55 -11.53
N ALA A 649 17.88 19.65 -10.98
CA ALA A 649 16.72 19.12 -11.66
C ALA A 649 15.50 19.25 -10.76
N HIS A 650 14.42 19.82 -11.28
CA HIS A 650 13.20 19.90 -10.51
C HIS A 650 12.17 18.88 -11.00
N MET A 651 11.60 18.15 -10.05
CA MET A 651 10.60 17.13 -10.32
C MET A 651 9.36 17.43 -9.48
N CYS A 652 8.19 17.47 -10.11
CA CYS A 652 6.96 17.90 -9.46
C CYS A 652 6.18 16.75 -8.81
N TYR A 653 6.64 15.52 -8.99
CA TYR A 653 5.87 14.33 -8.61
C TYR A 653 5.59 14.17 -7.12
N SER A 654 4.40 13.65 -6.81
CA SER A 654 3.96 13.50 -5.43
C SER A 654 4.60 12.29 -4.75
N ASP A 655 5.27 11.45 -5.53
CA ASP A 655 5.92 10.25 -5.01
C ASP A 655 6.91 9.66 -6.02
N PHE A 656 8.07 9.23 -5.53
CA PHE A 656 9.15 8.78 -6.41
C PHE A 656 9.46 7.28 -6.31
N ASN A 657 8.62 6.53 -5.61
CA ASN A 657 8.93 5.13 -5.35
C ASN A 657 9.07 4.27 -6.60
N GLU A 658 8.19 4.49 -7.57
CA GLU A 658 8.21 3.69 -8.78
C GLU A 658 9.32 4.09 -9.75
N ILE A 659 9.91 5.27 -9.58
CA ILE A 659 10.92 5.75 -10.53
C ILE A 659 12.30 6.03 -9.94
N ILE A 660 12.49 5.77 -8.65
CA ILE A 660 13.73 6.12 -7.98
C ILE A 660 14.93 5.50 -8.69
N GLU A 661 14.74 4.31 -9.22
CA GLU A 661 15.79 3.59 -9.94
C GLU A 661 16.23 4.32 -11.20
N TYR A 662 15.30 5.01 -11.85
CA TYR A 662 15.62 5.76 -13.07
C TYR A 662 16.20 7.13 -12.75
N ILE A 663 15.66 7.75 -11.71
CA ILE A 663 16.17 9.02 -11.17
C ILE A 663 17.66 8.88 -10.86
N HIS A 664 18.03 7.71 -10.34
CA HIS A 664 19.41 7.46 -9.92
C HIS A 664 20.38 7.46 -11.09
N GLN A 665 19.85 7.35 -12.31
CA GLN A 665 20.68 7.33 -13.51
C GLN A 665 20.84 8.70 -14.16
N LEU A 666 20.15 9.71 -13.63
CA LEU A 666 20.25 11.07 -14.18
C LEU A 666 21.49 11.80 -13.67
N GLU A 667 22.04 12.67 -14.52
CA GLU A 667 23.32 13.34 -14.23
C GLU A 667 23.18 14.69 -13.54
N PHE A 668 22.09 14.90 -12.79
CA PHE A 668 21.98 16.09 -11.99
C PHE A 668 22.87 15.94 -10.73
N ASP A 669 23.08 17.04 -10.02
CA ASP A 669 23.83 17.05 -8.77
C ASP A 669 22.86 17.32 -7.62
N VAL A 670 21.81 18.07 -7.92
CA VAL A 670 20.79 18.42 -6.94
C VAL A 670 19.41 18.18 -7.56
N ILE A 671 18.54 17.51 -6.82
CA ILE A 671 17.15 17.39 -7.26
C ILE A 671 16.22 18.03 -6.24
N SER A 672 15.35 18.92 -6.71
CA SER A 672 14.39 19.55 -5.80
C SER A 672 13.05 18.84 -5.90
N ILE A 673 12.44 18.57 -4.76
CA ILE A 673 11.17 17.86 -4.71
C ILE A 673 10.14 18.68 -3.94
N GLU A 674 8.87 18.32 -4.09
CA GLU A 674 7.78 19.04 -3.43
C GLU A 674 7.34 18.26 -2.19
N ALA A 675 7.94 18.60 -1.06
CA ALA A 675 7.77 17.82 0.17
C ALA A 675 6.70 18.34 1.14
N SER A 676 6.18 19.54 0.90
CA SER A 676 5.26 20.18 1.86
C SER A 676 3.99 19.37 2.13
N ARG A 677 3.32 18.93 1.08
CA ARG A 677 2.02 18.28 1.22
C ARG A 677 2.07 16.95 1.97
N SER A 678 3.18 16.24 1.87
CA SER A 678 3.37 14.98 2.58
C SER A 678 4.05 15.18 3.93
N LYS A 679 4.26 16.45 4.30
CA LYS A 679 5.04 16.77 5.49
C LYS A 679 6.38 16.04 5.51
N GLY A 680 6.94 15.80 4.33
CA GLY A 680 8.27 15.23 4.22
C GLY A 680 8.32 13.73 3.98
N GLU A 681 7.17 13.06 4.03
CA GLU A 681 7.13 11.60 3.85
C GLU A 681 7.56 11.16 2.45
N ILE A 682 7.42 12.06 1.49
CA ILE A 682 7.86 11.82 0.13
C ILE A 682 9.34 11.44 0.11
N ILE A 683 10.04 11.76 1.18
CA ILE A 683 11.48 11.47 1.30
C ILE A 683 11.77 9.99 1.38
N SER A 684 10.74 9.20 1.70
CA SER A 684 10.91 7.77 1.94
C SER A 684 11.66 7.07 0.82
N ALA A 685 11.30 7.38 -0.42
CA ALA A 685 11.94 6.76 -1.57
C ALA A 685 13.45 6.97 -1.58
N PHE A 686 13.87 8.18 -1.21
CA PHE A 686 15.29 8.53 -1.17
C PHE A 686 16.00 7.94 0.06
N GLU A 687 15.34 8.00 1.21
CA GLU A 687 15.85 7.42 2.44
C GLU A 687 16.15 5.93 2.30
N ASN A 688 15.24 5.22 1.63
CA ASN A 688 15.35 3.77 1.49
C ASN A 688 16.10 3.35 0.24
N PHE A 689 16.72 4.30 -0.45
CA PHE A 689 17.54 3.95 -1.60
C PHE A 689 18.99 3.79 -1.18
N LYS A 690 19.41 2.55 -0.99
CA LYS A 690 20.78 2.26 -0.62
C LYS A 690 21.72 2.87 -1.66
N GLY A 691 22.61 3.74 -1.19
CA GLY A 691 23.58 4.37 -2.07
C GLY A 691 23.15 5.73 -2.59
N TRP A 692 22.12 6.31 -1.99
CA TRP A 692 21.76 7.68 -2.36
C TRP A 692 22.80 8.63 -1.79
N ILE A 693 23.42 9.44 -2.65
CA ILE A 693 24.43 10.38 -2.19
C ILE A 693 24.23 11.79 -2.73
N LYS A 694 23.23 11.98 -3.57
CA LYS A 694 23.03 13.29 -4.18
C LYS A 694 22.21 14.25 -3.32
N GLN A 695 22.41 15.54 -3.55
CA GLN A 695 21.73 16.56 -2.77
C GLN A 695 20.25 16.66 -3.14
N ILE A 696 19.44 17.07 -2.18
CA ILE A 696 17.99 17.15 -2.35
C ILE A 696 17.46 18.50 -1.89
N GLY A 697 16.75 19.19 -2.79
CA GLY A 697 16.12 20.45 -2.49
C GLY A 697 14.74 20.22 -1.87
N VAL A 698 14.64 20.42 -0.56
CA VAL A 698 13.39 20.11 0.14
C VAL A 698 12.37 21.24 0.04
N GLY A 699 11.27 20.98 -0.67
CA GLY A 699 10.18 21.94 -0.74
C GLY A 699 9.40 21.98 0.56
N VAL A 700 9.43 23.12 1.24
CA VAL A 700 8.79 23.22 2.56
C VAL A 700 7.57 24.16 2.55
N TRP A 701 7.09 24.49 1.37
CA TRP A 701 6.08 25.53 1.24
C TRP A 701 5.18 25.25 0.05
N ASP A 702 3.87 25.11 0.32
CA ASP A 702 2.88 24.81 -0.71
C ASP A 702 2.50 26.06 -1.50
N ILE A 703 3.07 26.20 -2.69
CA ILE A 703 2.92 27.42 -3.47
C ILE A 703 1.57 27.55 -4.18
N HIS A 704 0.72 26.54 -4.03
CA HIS A 704 -0.61 26.59 -4.62
C HIS A 704 -1.59 27.22 -3.62
N SER A 705 -1.07 27.57 -2.46
CA SER A 705 -1.86 28.23 -1.41
C SER A 705 -1.36 29.65 -1.14
N PRO A 706 -2.27 30.56 -0.81
CA PRO A 706 -1.93 31.96 -0.46
C PRO A 706 -1.29 32.06 0.92
N ALA A 707 -1.52 31.05 1.75
CA ALA A 707 -1.04 31.06 3.13
C ALA A 707 0.48 31.22 3.22
N VAL A 708 0.92 31.95 4.23
CA VAL A 708 2.33 32.05 4.56
C VAL A 708 2.65 31.01 5.62
N PRO A 709 3.39 29.95 5.25
CA PRO A 709 3.68 28.91 6.24
C PRO A 709 4.50 29.48 7.40
N SER A 710 4.19 29.03 8.61
CA SER A 710 4.98 29.43 9.77
C SER A 710 6.30 28.70 9.75
N ILE A 711 7.26 29.23 10.50
CA ILE A 711 8.59 28.62 10.60
C ILE A 711 8.48 27.18 11.08
N ASN A 712 7.60 26.92 12.02
CA ASN A 712 7.40 25.58 12.53
C ASN A 712 6.77 24.64 11.50
N GLU A 713 5.90 25.19 10.68
CA GLU A 713 5.24 24.40 9.63
C GLU A 713 6.29 23.91 8.63
N MET A 714 7.27 24.76 8.34
CA MET A 714 8.38 24.39 7.48
C MET A 714 9.31 23.40 8.18
N ARG A 715 9.63 23.69 9.45
CA ARG A 715 10.52 22.87 10.25
C ARG A 715 10.10 21.41 10.29
N GLU A 716 8.81 21.17 10.49
CA GLU A 716 8.29 19.81 10.52
C GLU A 716 8.77 19.01 9.31
N ILE A 717 8.79 19.65 8.16
CA ILE A 717 9.16 18.98 6.91
C ILE A 717 10.67 18.72 6.86
N VAL A 718 11.47 19.74 7.15
CA VAL A 718 12.91 19.62 7.12
C VAL A 718 13.38 18.59 8.13
N GLU A 719 12.75 18.60 9.31
CA GLU A 719 13.14 17.70 10.38
C GLU A 719 12.84 16.24 10.00
N ARG A 720 11.75 16.03 9.27
CA ARG A 720 11.40 14.68 8.80
C ARG A 720 12.43 14.14 7.81
N VAL A 721 12.85 14.98 6.87
CA VAL A 721 13.79 14.51 5.84
C VAL A 721 15.16 14.20 6.45
N LEU A 722 15.46 14.85 7.57
CA LEU A 722 16.74 14.66 8.26
C LEU A 722 16.76 13.43 9.15
N ARG A 723 15.68 12.66 9.12
CA ARG A 723 15.60 11.46 9.96
C ARG A 723 16.72 10.48 9.65
N VAL A 724 17.01 10.28 8.37
CA VAL A 724 18.01 9.31 7.95
C VAL A 724 19.14 9.95 7.15
N LEU A 725 18.78 10.81 6.20
CA LEU A 725 19.75 11.42 5.30
C LEU A 725 20.69 12.40 6.02
N PRO A 726 21.97 12.41 5.62
CA PRO A 726 22.97 13.36 6.11
C PRO A 726 22.57 14.80 5.81
N LYS A 727 22.84 15.70 6.75
CA LYS A 727 22.41 17.09 6.65
C LYS A 727 23.06 17.84 5.49
N GLU A 728 24.26 17.41 5.10
CA GLU A 728 24.98 18.07 4.01
C GLU A 728 24.23 18.00 2.67
N LEU A 729 23.27 17.09 2.57
CA LEU A 729 22.57 16.89 1.29
C LEU A 729 21.37 17.83 1.12
N ILE A 730 20.95 18.44 2.20
CA ILE A 730 19.66 19.14 2.24
C ILE A 730 19.75 20.62 1.85
N TRP A 731 18.94 20.99 0.86
CA TRP A 731 18.70 22.39 0.54
C TRP A 731 17.29 22.73 1.03
N ILE A 732 17.00 24.02 1.18
CA ILE A 732 15.65 24.45 1.54
C ILE A 732 15.09 25.35 0.43
N ASN A 733 13.88 25.04 -0.03
CA ASN A 733 13.26 25.84 -1.09
C ASN A 733 11.73 25.71 -1.04
N PRO A 734 11.02 26.50 -1.86
CA PRO A 734 9.56 26.31 -1.98
C PRO A 734 9.29 25.01 -2.72
N ASP A 735 8.04 24.56 -2.74
CA ASP A 735 7.69 23.37 -3.52
C ASP A 735 7.96 23.58 -5.00
N CYS A 736 7.59 24.76 -5.52
CA CYS A 736 7.65 24.99 -6.96
C CYS A 736 7.78 26.48 -7.27
N GLY A 737 7.66 26.83 -8.55
CA GLY A 737 7.73 28.22 -8.98
C GLY A 737 6.65 29.11 -8.38
N LEU A 738 6.88 30.41 -8.40
CA LEU A 738 6.02 31.35 -7.67
C LEU A 738 5.18 32.24 -8.60
N LYS A 739 5.09 31.87 -9.88
CA LYS A 739 4.42 32.71 -10.87
C LYS A 739 2.92 32.89 -10.62
N THR A 740 2.30 31.97 -9.90
CA THR A 740 0.87 32.04 -9.61
C THR A 740 0.58 32.76 -8.30
N ARG A 741 1.63 33.08 -7.53
CA ARG A 741 1.46 33.68 -6.22
C ARG A 741 1.57 35.20 -6.27
N ASN A 742 1.20 35.87 -5.19
CA ASN A 742 1.40 37.31 -5.09
C ASN A 742 2.59 37.68 -4.21
N TRP A 743 3.25 38.78 -4.54
CA TRP A 743 4.41 39.24 -3.77
C TRP A 743 4.13 39.35 -2.28
N ASP A 744 2.92 39.77 -1.93
CA ASP A 744 2.57 40.01 -0.52
C ASP A 744 2.70 38.75 0.33
N GLU A 745 2.55 37.58 -0.28
CA GLU A 745 2.64 36.33 0.46
C GLU A 745 3.99 35.62 0.23
N VAL A 746 4.63 35.92 -0.89
CA VAL A 746 5.90 35.30 -1.24
C VAL A 746 7.04 35.82 -0.36
N ILE A 747 7.12 37.13 -0.19
CA ILE A 747 8.20 37.75 0.56
C ILE A 747 8.28 37.29 2.02
N PRO A 748 7.13 37.27 2.72
CA PRO A 748 7.11 36.75 4.09
C PRO A 748 7.49 35.28 4.14
N SER A 749 7.02 34.50 3.17
CA SER A 749 7.30 33.07 3.12
C SER A 749 8.80 32.82 2.91
N LEU A 750 9.41 33.59 2.03
CA LEU A 750 10.84 33.51 1.79
C LEU A 750 11.63 33.87 3.04
N ARG A 751 11.19 34.92 3.76
CA ARG A 751 11.89 35.33 4.98
C ARG A 751 11.83 34.23 6.03
N ASN A 752 10.69 33.56 6.13
CA ASN A 752 10.56 32.44 7.06
C ASN A 752 11.47 31.29 6.65
N MET A 753 11.63 31.10 5.35
CA MET A 753 12.48 30.04 4.83
C MET A 753 13.92 30.29 5.26
N VAL A 754 14.40 31.51 5.04
CA VAL A 754 15.74 31.91 5.44
C VAL A 754 15.93 31.79 6.96
N ALA A 755 14.98 32.32 7.71
CA ALA A 755 15.04 32.25 9.17
C ALA A 755 15.16 30.80 9.62
N LEU A 756 14.39 29.91 8.98
CA LEU A 756 14.41 28.51 9.35
C LEU A 756 15.78 27.91 9.11
N ALA A 757 16.38 28.24 7.96
CA ALA A 757 17.70 27.74 7.62
C ALA A 757 18.71 28.17 8.69
N LYS A 758 18.63 29.44 9.08
CA LYS A 758 19.49 29.99 10.13
C LYS A 758 19.35 29.19 11.43
N GLU A 759 18.10 28.96 11.84
CA GLU A 759 17.85 28.16 13.03
C GLU A 759 18.45 26.77 12.86
N MET A 760 18.15 26.14 11.73
CA MET A 760 18.60 24.77 11.48
C MET A 760 20.11 24.64 11.53
N ARG A 761 20.83 25.64 11.02
CA ARG A 761 22.29 25.62 11.06
C ARG A 761 22.80 25.67 12.49
N GLU A 762 22.24 26.57 13.29
CA GLU A 762 22.59 26.67 14.70
C GLU A 762 22.32 25.36 15.42
N THR B 33 -12.64 0.36 48.50
CA THR B 33 -11.95 -0.04 47.27
C THR B 33 -12.78 -1.00 46.41
N LYS B 34 -13.20 -0.51 45.25
CA LYS B 34 -14.00 -1.31 44.32
C LYS B 34 -13.11 -2.26 43.49
N ALA B 35 -13.36 -3.56 43.61
CA ALA B 35 -12.54 -4.56 42.91
C ALA B 35 -13.17 -5.07 41.62
N TYR B 36 -12.45 -4.94 40.51
CA TYR B 36 -12.86 -5.51 39.23
C TYR B 36 -11.99 -6.71 38.86
N ALA B 37 -12.54 -7.62 38.08
CA ALA B 37 -11.73 -8.61 37.37
C ALA B 37 -12.38 -8.94 36.03
N PHE B 38 -11.58 -9.34 35.06
CA PHE B 38 -12.12 -9.68 33.75
C PHE B 38 -11.26 -10.70 33.00
N GLY B 39 -11.90 -11.46 32.12
CA GLY B 39 -11.20 -12.42 31.29
C GLY B 39 -10.85 -13.71 32.01
N PHE B 40 -11.56 -14.03 33.08
CA PHE B 40 -11.33 -15.31 33.74
C PHE B 40 -11.52 -16.42 32.71
N PRO B 41 -10.56 -17.38 32.66
CA PRO B 41 -10.61 -18.42 31.62
C PRO B 41 -11.96 -19.12 31.57
N LYS B 42 -12.41 -19.49 30.38
CA LYS B 42 -13.73 -20.11 30.22
C LYS B 42 -13.66 -21.64 30.10
N ILE B 43 -12.46 -22.19 30.01
CA ILE B 43 -12.31 -23.60 29.64
C ILE B 43 -12.67 -24.61 30.75
N GLY B 44 -12.70 -24.17 31.99
CA GLY B 44 -13.03 -25.05 33.11
C GLY B 44 -11.82 -25.82 33.62
N GLU B 45 -11.88 -26.24 34.88
CA GLU B 45 -10.75 -26.91 35.53
C GLU B 45 -10.42 -28.26 34.88
N LYS B 46 -11.42 -28.87 34.25
CA LYS B 46 -11.20 -30.13 33.54
C LYS B 46 -11.37 -29.98 32.03
N ARG B 47 -11.21 -28.75 31.53
CA ARG B 47 -11.42 -28.47 30.12
C ARG B 47 -12.78 -28.91 29.61
N GLU B 48 -13.81 -28.77 30.45
CA GLU B 48 -15.19 -29.06 30.05
C GLU B 48 -15.59 -28.31 28.78
N PHE B 49 -15.00 -27.14 28.57
CA PHE B 49 -15.31 -26.34 27.39
C PHE B 49 -14.86 -27.05 26.12
N LYS B 50 -13.62 -27.48 26.10
CA LYS B 50 -13.09 -28.21 24.96
C LYS B 50 -13.93 -29.45 24.67
N LYS B 51 -14.19 -30.24 25.71
CA LYS B 51 -14.95 -31.48 25.55
C LYS B 51 -16.36 -31.21 25.06
N ALA B 52 -16.97 -30.11 25.51
CA ALA B 52 -18.32 -29.77 25.09
C ALA B 52 -18.38 -29.39 23.61
N LEU B 53 -17.40 -28.62 23.16
CA LEU B 53 -17.34 -28.20 21.77
C LEU B 53 -17.16 -29.39 20.84
N GLU B 54 -16.14 -30.20 21.11
CA GLU B 54 -15.81 -31.33 20.27
C GLU B 54 -16.90 -32.40 20.29
N ASP B 55 -17.54 -32.58 21.43
CA ASP B 55 -18.64 -33.54 21.55
C ASP B 55 -19.86 -33.06 20.75
N PHE B 56 -20.02 -31.74 20.66
CA PHE B 56 -21.09 -31.19 19.83
C PHE B 56 -20.74 -31.27 18.34
N TRP B 57 -19.49 -30.96 17.99
CA TRP B 57 -19.07 -31.03 16.60
C TRP B 57 -19.15 -32.45 16.06
N LYS B 58 -18.90 -33.43 16.92
CA LYS B 58 -18.92 -34.83 16.51
C LYS B 58 -20.31 -35.42 16.70
N GLY B 59 -21.22 -34.62 17.24
CA GLY B 59 -22.62 -35.00 17.36
C GLY B 59 -22.94 -35.88 18.55
N LYS B 60 -21.93 -36.17 19.36
CA LYS B 60 -22.11 -37.01 20.53
C LYS B 60 -23.18 -36.46 21.48
N ILE B 61 -23.50 -35.17 21.32
CA ILE B 61 -24.47 -34.50 22.17
C ILE B 61 -25.33 -33.52 21.37
N THR B 62 -26.53 -33.23 21.88
CA THR B 62 -27.45 -32.33 21.21
C THR B 62 -27.12 -30.88 21.48
N GLU B 63 -27.75 -29.97 20.75
CA GLU B 63 -27.55 -28.55 20.96
C GLU B 63 -28.04 -28.12 22.33
N GLU B 64 -29.14 -28.72 22.77
CA GLU B 64 -29.70 -28.41 24.08
C GLU B 64 -28.78 -28.94 25.18
N GLN B 65 -28.11 -30.06 24.90
CA GLN B 65 -27.11 -30.61 25.81
C GLN B 65 -25.87 -29.71 25.87
N PHE B 66 -25.52 -29.15 24.72
CA PHE B 66 -24.37 -28.25 24.60
C PHE B 66 -24.62 -26.99 25.44
N GLU B 67 -25.82 -26.44 25.33
CA GLU B 67 -26.18 -25.23 26.06
C GLU B 67 -26.21 -25.46 27.56
N GLU B 68 -26.55 -26.68 27.97
CA GLU B 68 -26.52 -27.05 29.39
C GLU B 68 -25.08 -27.10 29.86
N GLU B 69 -24.19 -27.68 29.06
CA GLU B 69 -22.76 -27.69 29.37
C GLU B 69 -22.25 -26.25 29.50
N MET B 70 -22.65 -25.40 28.57
CA MET B 70 -22.22 -24.01 28.57
C MET B 70 -22.73 -23.28 29.82
N ASN B 71 -24.00 -23.48 30.14
CA ASN B 71 -24.56 -22.88 31.35
C ASN B 71 -23.79 -23.26 32.62
N LYS B 72 -23.33 -24.51 32.70
CA LYS B 72 -22.49 -24.92 33.82
C LYS B 72 -21.23 -24.06 33.91
N LEU B 73 -20.59 -23.83 32.76
CA LEU B 73 -19.37 -23.03 32.71
C LEU B 73 -19.63 -21.58 33.10
N ARG B 74 -20.76 -21.04 32.65
CA ARG B 74 -21.17 -19.69 33.04
C ARG B 74 -21.20 -19.54 34.55
N MET B 75 -21.89 -20.47 35.20
CA MET B 75 -22.03 -20.43 36.65
C MET B 75 -20.68 -20.60 37.32
N TYR B 76 -19.86 -21.51 36.79
CA TYR B 76 -18.53 -21.73 37.35
C TYR B 76 -17.72 -20.44 37.32
N MET B 77 -17.78 -19.73 36.20
CA MET B 77 -17.08 -18.46 36.04
C MET B 77 -17.55 -17.41 37.04
N VAL B 78 -18.87 -17.15 37.08
CA VAL B 78 -19.36 -16.09 37.95
C VAL B 78 -19.19 -16.43 39.42
N GLU B 79 -19.27 -17.70 39.77
CA GLU B 79 -19.01 -18.10 41.14
C GLU B 79 -17.59 -17.73 41.55
N ASN B 80 -16.62 -17.92 40.66
CA ASN B 80 -15.25 -17.50 40.93
C ASN B 80 -15.16 -15.98 41.14
N TYR B 81 -15.85 -15.23 40.29
CA TYR B 81 -15.92 -13.79 40.44
C TYR B 81 -16.61 -13.39 41.74
N ARG B 82 -17.75 -14.02 42.04
CA ARG B 82 -18.58 -13.63 43.18
C ARG B 82 -17.83 -13.77 44.50
N LYS B 83 -16.95 -14.76 44.58
CA LYS B 83 -16.21 -15.02 45.81
C LYS B 83 -15.07 -14.05 46.03
N ASN B 84 -14.75 -13.24 45.01
CA ASN B 84 -13.50 -12.48 45.08
C ASN B 84 -13.55 -10.98 44.77
N VAL B 85 -14.43 -10.57 43.87
CA VAL B 85 -14.46 -9.17 43.46
C VAL B 85 -15.85 -8.56 43.59
N ASP B 86 -15.97 -7.27 43.29
CA ASP B 86 -17.23 -6.54 43.43
C ASP B 86 -18.05 -6.46 42.13
N VAL B 87 -17.36 -6.36 41.00
CA VAL B 87 -18.01 -6.27 39.71
C VAL B 87 -17.93 -7.60 38.97
N ILE B 88 -19.09 -8.16 38.63
CA ILE B 88 -19.18 -9.50 38.05
C ILE B 88 -19.46 -9.41 36.55
N PRO B 89 -18.47 -9.75 35.72
CA PRO B 89 -18.65 -9.71 34.26
C PRO B 89 -19.59 -10.79 33.76
N SER B 90 -20.38 -10.47 32.74
CA SER B 90 -21.12 -11.47 31.96
C SER B 90 -20.75 -11.29 30.48
N ASN B 91 -21.35 -12.10 29.62
CA ASN B 91 -21.05 -12.12 28.19
C ASN B 91 -19.60 -12.49 27.91
N GLU B 92 -19.01 -13.32 28.77
CA GLU B 92 -17.61 -13.73 28.61
C GLU B 92 -17.47 -15.16 28.10
N LEU B 93 -18.54 -15.93 28.17
CA LEU B 93 -18.48 -17.30 27.68
C LEU B 93 -18.77 -17.35 26.17
N SER B 94 -17.74 -17.08 25.38
CA SER B 94 -17.85 -17.14 23.93
C SER B 94 -17.68 -18.58 23.48
N TYR B 95 -18.54 -19.03 22.57
CA TYR B 95 -18.49 -20.43 22.12
C TYR B 95 -17.37 -20.73 21.12
N TYR B 96 -16.69 -19.69 20.65
CA TYR B 96 -15.47 -19.91 19.87
C TYR B 96 -14.52 -18.71 19.97
N ASP B 97 -15.04 -17.52 19.69
CA ASP B 97 -14.25 -16.30 19.75
C ASP B 97 -15.13 -15.09 20.02
N PHE B 98 -14.69 -14.21 20.94
CA PHE B 98 -15.48 -13.04 21.31
C PHE B 98 -15.50 -11.96 20.20
N VAL B 99 -14.49 -11.94 19.36
CA VAL B 99 -14.53 -11.01 18.22
C VAL B 99 -15.56 -11.51 17.20
N LEU B 100 -15.57 -12.80 16.93
CA LEU B 100 -16.63 -13.39 16.11
C LEU B 100 -18.00 -13.09 16.70
N ASP B 101 -18.13 -13.14 18.02
CA ASP B 101 -19.41 -12.83 18.69
C ASP B 101 -19.84 -11.40 18.42
N THR B 102 -18.90 -10.49 18.47
CA THR B 102 -19.17 -9.08 18.19
C THR B 102 -19.64 -8.91 16.74
N ALA B 103 -18.93 -9.57 15.81
CA ALA B 103 -19.32 -9.51 14.40
C ALA B 103 -20.76 -9.96 14.22
N VAL B 104 -21.12 -11.07 14.86
CA VAL B 104 -22.47 -11.59 14.75
C VAL B 104 -23.48 -10.61 15.36
N MET B 105 -23.14 -10.04 16.51
CA MET B 105 -24.01 -9.07 17.18
C MET B 105 -24.41 -7.92 16.24
N VAL B 106 -23.45 -7.45 15.45
CA VAL B 106 -23.70 -6.28 14.60
C VAL B 106 -24.04 -6.67 13.16
N GLY B 107 -24.31 -7.95 12.95
CA GLY B 107 -24.76 -8.41 11.65
C GLY B 107 -23.71 -8.59 10.58
N ALA B 108 -22.43 -8.51 10.95
CA ALA B 108 -21.36 -8.72 9.98
C ALA B 108 -21.15 -10.21 9.68
N VAL B 109 -22.12 -10.79 9.00
CA VAL B 109 -22.03 -12.17 8.53
C VAL B 109 -21.87 -12.15 7.01
N PRO B 110 -20.72 -12.63 6.52
CA PRO B 110 -20.41 -12.60 5.08
C PRO B 110 -21.39 -13.42 4.22
N GLU B 111 -21.62 -12.92 3.00
CA GLU B 111 -22.61 -13.51 2.09
C GLU B 111 -22.48 -15.03 1.94
N ARG B 112 -21.25 -15.53 1.88
CA ARG B 112 -21.02 -16.95 1.63
C ARG B 112 -21.62 -17.89 2.67
N PHE B 113 -21.98 -17.35 3.84
CA PHE B 113 -22.61 -18.16 4.89
C PHE B 113 -24.13 -18.14 4.80
N GLY B 114 -24.66 -17.22 4.00
CA GLY B 114 -26.10 -17.10 3.82
C GLY B 114 -26.80 -16.68 5.09
N GLU B 115 -28.06 -17.08 5.24
CA GLU B 115 -28.86 -16.76 6.42
C GLU B 115 -28.18 -17.27 7.68
N TYR B 116 -28.11 -16.42 8.70
CA TYR B 116 -27.52 -16.84 9.97
C TYR B 116 -28.52 -17.71 10.73
N ARG B 117 -28.14 -18.97 10.93
CA ARG B 117 -29.01 -19.94 11.56
C ARG B 117 -28.56 -20.36 12.96
N GLY B 118 -27.81 -19.51 13.64
CA GLY B 118 -27.39 -19.80 15.00
C GLY B 118 -26.13 -20.63 15.06
N LEU B 119 -26.07 -21.57 16.01
CA LEU B 119 -24.87 -22.35 16.28
C LEU B 119 -24.23 -22.97 15.05
N SER B 120 -25.06 -23.58 14.21
CA SER B 120 -24.58 -24.24 13.00
C SER B 120 -23.77 -23.26 12.15
N THR B 121 -24.36 -22.11 11.87
CA THR B 121 -23.68 -21.06 11.13
C THR B 121 -22.45 -20.54 11.87
N TYR B 122 -22.64 -20.24 13.15
CA TYR B 122 -21.57 -19.72 14.00
C TYR B 122 -20.32 -20.58 13.86
N PHE B 123 -20.47 -21.90 14.00
CA PHE B 123 -19.33 -22.79 13.92
C PHE B 123 -18.77 -22.99 12.51
N ASP B 124 -19.62 -22.80 11.50
CA ASP B 124 -19.15 -22.82 10.11
C ASP B 124 -18.27 -21.60 9.88
N MET B 125 -18.67 -20.46 10.43
CA MET B 125 -17.86 -19.23 10.35
C MET B 125 -16.53 -19.38 11.08
N ALA B 126 -16.50 -20.22 12.11
CA ALA B 126 -15.33 -20.28 12.98
C ALA B 126 -14.33 -21.35 12.54
N ARG B 127 -14.85 -22.49 12.10
CA ARG B 127 -14.02 -23.66 11.87
C ARG B 127 -14.43 -24.41 10.62
N GLY B 128 -15.30 -23.81 9.83
CA GLY B 128 -15.76 -24.44 8.60
C GLY B 128 -14.71 -24.40 7.49
N GLY B 129 -15.02 -25.03 6.37
CA GLY B 129 -14.12 -25.03 5.23
C GLY B 129 -13.84 -23.63 4.70
N LYS B 130 -14.83 -22.74 4.82
CA LYS B 130 -14.67 -21.35 4.41
C LYS B 130 -14.68 -20.41 5.63
N ALA B 131 -14.10 -20.87 6.72
CA ALA B 131 -14.09 -20.09 7.96
C ALA B 131 -13.43 -18.73 7.79
N LEU B 132 -13.81 -17.77 8.63
CA LEU B 132 -13.11 -16.49 8.71
C LEU B 132 -11.62 -16.74 8.98
N GLU B 133 -10.81 -15.74 8.68
CA GLU B 133 -9.37 -15.82 8.95
C GLU B 133 -9.09 -15.80 10.45
N MET B 134 -8.11 -16.58 10.88
CA MET B 134 -7.68 -16.58 12.27
C MET B 134 -6.33 -15.90 12.40
N THR B 135 -6.17 -15.05 13.42
CA THR B 135 -4.90 -14.35 13.60
C THR B 135 -4.67 -13.97 15.07
N LYS B 136 -3.44 -13.61 15.40
CA LYS B 136 -3.09 -13.29 16.79
C LYS B 136 -3.78 -12.05 17.34
N PHE B 137 -4.24 -12.16 18.58
CA PHE B 137 -4.93 -11.07 19.26
C PHE B 137 -3.87 -10.20 19.90
N PHE B 138 -3.61 -9.06 19.26
CA PHE B 138 -2.55 -8.16 19.72
C PHE B 138 -1.24 -8.89 19.89
N ASN B 139 -0.54 -8.66 21.00
CA ASN B 139 0.75 -9.31 21.18
C ASN B 139 0.64 -10.57 22.03
N THR B 140 -0.46 -11.30 21.89
CA THR B 140 -0.71 -12.46 22.74
C THR B 140 -0.77 -13.74 21.92
N ASN B 141 -0.85 -14.88 22.62
CA ASN B 141 -0.92 -16.18 21.96
C ASN B 141 -2.36 -16.64 21.83
N TYR B 142 -3.29 -15.76 22.16
CA TYR B 142 -4.69 -16.03 21.84
C TYR B 142 -4.99 -15.58 20.40
N HIS B 143 -5.78 -16.36 19.68
CA HIS B 143 -6.11 -16.05 18.29
C HIS B 143 -7.59 -15.78 18.10
N TYR B 144 -7.90 -14.63 17.48
CA TYR B 144 -9.28 -14.29 17.22
C TYR B 144 -9.61 -14.49 15.73
N LEU B 145 -10.89 -14.40 15.41
CA LEU B 145 -11.34 -14.52 14.02
C LEU B 145 -11.61 -13.13 13.46
N VAL B 146 -10.99 -12.84 12.31
CA VAL B 146 -11.08 -11.53 11.67
C VAL B 146 -12.41 -11.32 10.98
N PRO B 147 -13.22 -10.38 11.48
CA PRO B 147 -14.47 -10.10 10.77
C PRO B 147 -14.20 -9.55 9.37
N GLU B 148 -15.08 -9.88 8.43
CA GLU B 148 -15.02 -9.34 7.07
C GLU B 148 -16.21 -8.41 6.87
N ILE B 149 -15.93 -7.12 6.68
CA ILE B 149 -16.98 -6.13 6.53
C ILE B 149 -17.40 -6.02 5.07
N GLU B 150 -18.61 -6.48 4.76
CA GLU B 150 -19.10 -6.45 3.39
C GLU B 150 -20.04 -5.28 3.12
N THR B 151 -20.77 -4.87 4.15
CA THR B 151 -21.71 -3.75 4.03
C THR B 151 -21.22 -2.59 4.88
N GLU B 152 -21.66 -1.38 4.55
CA GLU B 152 -21.35 -0.22 5.38
C GLU B 152 -22.45 -0.02 6.41
N GLU B 153 -23.44 -0.91 6.38
CA GLU B 153 -24.60 -0.80 7.25
C GLU B 153 -24.64 -1.92 8.29
N PHE B 154 -24.51 -1.54 9.56
CA PHE B 154 -24.59 -2.49 10.67
C PHE B 154 -26.00 -2.55 11.24
N TYR B 155 -26.39 -3.72 11.73
CA TYR B 155 -27.68 -3.85 12.39
C TYR B 155 -27.57 -4.89 13.51
N LEU B 156 -28.42 -4.75 14.52
CA LEU B 156 -28.46 -5.70 15.63
C LEU B 156 -29.05 -7.05 15.21
N LEU B 157 -28.17 -7.98 14.87
CA LEU B 157 -28.61 -9.32 14.50
C LEU B 157 -28.94 -10.20 15.72
N GLU B 158 -28.13 -10.10 16.77
CA GLU B 158 -28.35 -10.88 17.99
C GLU B 158 -27.81 -10.10 19.18
N ASN B 159 -28.55 -10.14 20.29
CA ASN B 159 -28.16 -9.39 21.47
C ASN B 159 -27.68 -10.29 22.60
N LYS B 160 -26.52 -10.89 22.41
CA LYS B 160 -25.93 -11.77 23.41
C LYS B 160 -25.68 -11.06 24.75
N PRO B 161 -25.29 -9.78 24.72
CA PRO B 161 -25.09 -9.09 26.01
C PRO B 161 -26.36 -9.07 26.85
N LEU B 162 -27.49 -8.74 26.24
CA LEU B 162 -28.76 -8.73 26.96
C LEU B 162 -29.15 -10.14 27.40
N GLU B 163 -28.97 -11.10 26.52
CA GLU B 163 -29.28 -12.50 26.83
C GLU B 163 -28.52 -12.97 28.06
N ASP B 164 -27.22 -12.71 28.11
CA ASP B 164 -26.42 -13.20 29.22
C ASP B 164 -26.70 -12.39 30.49
N TYR B 165 -26.95 -11.09 30.32
CA TYR B 165 -27.30 -10.24 31.45
C TYR B 165 -28.58 -10.73 32.11
N LEU B 166 -29.56 -11.10 31.30
CA LEU B 166 -30.85 -11.57 31.82
C LEU B 166 -30.72 -12.96 32.42
N PHE B 167 -29.86 -13.79 31.83
CA PHE B 167 -29.61 -15.14 32.34
C PHE B 167 -29.16 -15.10 33.80
N PHE B 168 -28.21 -14.23 34.12
CA PHE B 168 -27.74 -14.09 35.50
C PHE B 168 -28.69 -13.29 36.38
N LYS B 169 -29.26 -12.22 35.82
CA LYS B 169 -30.25 -11.41 36.52
C LYS B 169 -31.45 -12.22 37.02
N SER B 170 -31.98 -13.08 36.15
CA SER B 170 -33.09 -13.94 36.53
C SER B 170 -32.72 -14.81 37.73
N LYS B 171 -31.42 -15.07 37.89
CA LYS B 171 -30.94 -15.85 39.01
C LYS B 171 -30.64 -14.96 40.22
N GLY B 172 -30.91 -13.66 40.08
CA GLY B 172 -30.64 -12.72 41.15
C GLY B 172 -29.17 -12.39 41.33
N ILE B 173 -28.42 -12.42 40.23
CA ILE B 173 -27.01 -12.03 40.25
C ILE B 173 -26.76 -10.88 39.26
N GLU B 174 -26.46 -9.71 39.80
CA GLU B 174 -26.22 -8.53 38.97
C GLU B 174 -24.85 -8.61 38.28
N THR B 175 -24.81 -8.44 36.96
CA THR B 175 -23.56 -8.52 36.20
C THR B 175 -23.33 -7.33 35.27
N ALA B 176 -22.06 -7.12 34.90
CA ALA B 176 -21.69 -6.08 33.94
C ALA B 176 -21.22 -6.74 32.65
N PRO B 177 -22.02 -6.60 31.58
CA PRO B 177 -21.68 -7.27 30.31
C PRO B 177 -20.31 -6.84 29.80
N TRP B 178 -19.54 -7.82 29.35
CA TRP B 178 -18.19 -7.59 28.85
C TRP B 178 -18.27 -7.57 27.33
N VAL B 179 -17.99 -6.41 26.74
CA VAL B 179 -18.10 -6.26 25.29
C VAL B 179 -16.85 -5.64 24.69
N ILE B 180 -16.57 -5.99 23.44
CA ILE B 180 -15.52 -5.33 22.66
C ILE B 180 -16.05 -4.00 22.14
N GLY B 181 -15.31 -2.93 22.36
CA GLY B 181 -15.72 -1.59 21.96
C GLY B 181 -15.73 -1.42 20.46
N PRO B 182 -16.45 -0.40 19.97
CA PRO B 182 -16.66 -0.15 18.54
C PRO B 182 -15.36 0.14 17.79
N PHE B 183 -14.49 0.95 18.38
CA PHE B 183 -13.23 1.26 17.71
C PHE B 183 -12.36 0.01 17.53
N THR B 184 -12.15 -0.72 18.62
CA THR B 184 -11.34 -1.93 18.58
C THR B 184 -11.89 -2.98 17.61
N PHE B 185 -13.21 -3.15 17.61
CA PHE B 185 -13.84 -4.10 16.70
C PHE B 185 -13.46 -3.81 15.25
N LEU B 186 -13.63 -2.56 14.85
CA LEU B 186 -13.29 -2.15 13.50
C LEU B 186 -11.79 -2.29 13.24
N TYR B 187 -10.99 -1.94 14.25
CA TYR B 187 -9.54 -2.00 14.13
C TYR B 187 -9.06 -3.44 13.92
N LEU B 188 -9.84 -4.40 14.39
CA LEU B 188 -9.48 -5.81 14.22
C LEU B 188 -10.07 -6.44 12.95
N SER B 189 -10.85 -5.67 12.21
CA SER B 189 -11.59 -6.21 11.08
C SER B 189 -10.94 -5.90 9.75
N LYS B 190 -11.38 -6.58 8.70
CA LYS B 190 -10.87 -6.30 7.36
C LYS B 190 -12.02 -5.94 6.42
N ARG B 191 -11.67 -5.18 5.39
CA ARG B 191 -12.60 -4.87 4.31
C ARG B 191 -11.85 -4.93 2.98
N ASN B 192 -12.40 -5.64 2.02
CA ASN B 192 -11.76 -5.77 0.72
C ASN B 192 -10.35 -6.29 0.87
N GLY B 193 -10.19 -7.27 1.76
CA GLY B 193 -8.92 -7.96 1.95
C GLY B 193 -7.86 -7.19 2.73
N GLU B 194 -8.22 -6.04 3.29
CA GLU B 194 -7.24 -5.20 3.99
C GLU B 194 -7.78 -4.69 5.32
N TRP B 195 -6.87 -4.35 6.22
CA TRP B 195 -7.26 -3.79 7.52
C TRP B 195 -8.07 -2.52 7.31
N ILE B 196 -8.83 -2.13 8.32
CA ILE B 196 -9.60 -0.91 8.30
C ILE B 196 -9.02 0.02 9.37
N ARG B 197 -7.81 0.52 9.13
CA ARG B 197 -7.07 1.20 10.17
C ARG B 197 -6.63 2.64 9.88
N ARG B 198 -6.76 3.08 8.63
CA ARG B 198 -6.61 4.51 8.32
C ARG B 198 -7.83 5.24 8.86
N PRO B 199 -7.64 6.42 9.44
CA PRO B 199 -8.79 7.19 9.94
C PRO B 199 -9.84 7.41 8.85
N ASN B 200 -9.43 7.68 7.62
CA ASN B 200 -10.40 7.92 6.52
C ASN B 200 -11.14 6.65 6.06
N GLN B 201 -10.72 5.50 6.55
CA GLN B 201 -11.43 4.26 6.27
C GLN B 201 -12.47 3.94 7.34
N MET B 202 -12.31 4.52 8.52
CA MET B 202 -13.10 4.12 9.68
C MET B 202 -14.34 4.97 9.92
N GLU B 203 -14.29 6.22 9.48
CA GLU B 203 -15.30 7.21 9.85
C GLU B 203 -16.75 6.77 9.65
N LYS B 204 -17.09 6.43 8.41
CA LYS B 204 -18.47 6.09 8.08
C LYS B 204 -18.92 4.81 8.79
N LEU B 205 -18.06 3.80 8.79
CA LEU B 205 -18.38 2.54 9.44
C LEU B 205 -18.65 2.78 10.92
N LEU B 206 -17.83 3.61 11.55
CA LEU B 206 -18.00 3.94 12.96
C LEU B 206 -19.39 4.50 13.27
N GLU B 207 -19.88 5.40 12.41
CA GLU B 207 -21.20 6.00 12.62
C GLU B 207 -22.30 4.93 12.64
N SER B 208 -22.31 4.07 11.63
CA SER B 208 -23.30 3.01 11.57
C SER B 208 -23.12 2.01 12.73
N LEU B 209 -21.86 1.72 13.05
CA LEU B 209 -21.53 0.78 14.11
C LEU B 209 -22.06 1.24 15.46
N VAL B 210 -21.77 2.48 15.82
CA VAL B 210 -22.14 3.02 17.13
C VAL B 210 -23.63 2.93 17.37
N SER B 211 -24.40 3.13 16.30
CA SER B 211 -25.85 3.05 16.35
C SER B 211 -26.30 1.71 16.92
N VAL B 212 -25.63 0.63 16.53
CA VAL B 212 -25.98 -0.70 17.03
C VAL B 212 -25.61 -0.86 18.51
N TYR B 213 -24.47 -0.30 18.90
CA TYR B 213 -24.07 -0.30 20.31
C TYR B 213 -25.09 0.46 21.15
N LYS B 214 -25.56 1.58 20.62
CA LYS B 214 -26.57 2.38 21.31
C LYS B 214 -27.82 1.56 21.59
N GLU B 215 -28.27 0.79 20.59
CA GLU B 215 -29.44 -0.07 20.77
C GLU B 215 -29.18 -1.12 21.85
N VAL B 216 -28.05 -1.81 21.75
CA VAL B 216 -27.67 -2.82 22.75
C VAL B 216 -27.66 -2.26 24.17
N PHE B 217 -26.98 -1.14 24.36
CA PHE B 217 -26.85 -0.54 25.69
C PHE B 217 -28.20 -0.06 26.25
N GLU B 218 -29.03 0.51 25.38
CA GLU B 218 -30.35 0.97 25.79
C GLU B 218 -31.18 -0.21 26.32
N LYS B 219 -31.13 -1.33 25.62
CA LYS B 219 -31.82 -2.53 26.06
C LYS B 219 -31.30 -3.01 27.42
N LEU B 220 -29.98 -2.94 27.61
CA LEU B 220 -29.37 -3.32 28.88
C LEU B 220 -29.85 -2.41 30.01
N VAL B 221 -29.71 -1.10 29.83
CA VAL B 221 -30.11 -0.15 30.85
C VAL B 221 -31.61 -0.27 31.15
N GLU B 222 -32.42 -0.42 30.10
CA GLU B 222 -33.86 -0.57 30.28
C GLU B 222 -34.17 -1.79 31.14
N ASN B 223 -33.27 -2.76 31.13
CA ASN B 223 -33.43 -3.96 31.95
C ASN B 223 -32.73 -3.85 33.30
N GLY B 224 -32.25 -2.66 33.64
CA GLY B 224 -31.66 -2.39 34.94
C GLY B 224 -30.16 -2.62 35.05
N CYS B 225 -29.47 -2.70 33.92
CA CYS B 225 -28.02 -2.87 33.96
C CYS B 225 -27.36 -1.60 34.50
N LYS B 226 -26.47 -1.77 35.47
CA LYS B 226 -25.85 -0.62 36.16
C LYS B 226 -24.43 -0.31 35.69
N GLU B 227 -23.80 -1.24 34.98
CA GLU B 227 -22.44 -1.04 34.51
C GLU B 227 -22.11 -1.98 33.35
N ILE B 228 -21.36 -1.45 32.40
CA ILE B 228 -21.00 -2.18 31.18
C ILE B 228 -19.50 -2.09 30.93
N LEU B 229 -18.85 -3.24 30.78
CA LEU B 229 -17.40 -3.28 30.62
C LEU B 229 -17.03 -3.24 29.14
N VAL B 230 -16.53 -2.09 28.70
CA VAL B 230 -16.22 -1.89 27.28
C VAL B 230 -14.72 -2.00 27.06
N ASN B 231 -14.31 -2.99 26.29
CA ASN B 231 -12.89 -3.24 26.07
C ASN B 231 -12.36 -2.55 24.82
N GLU B 232 -11.37 -1.67 25.00
CA GLU B 232 -10.77 -0.94 23.90
C GLU B 232 -9.24 -1.06 23.86
N PRO B 233 -8.72 -2.29 23.79
CA PRO B 233 -7.26 -2.48 23.72
C PRO B 233 -6.62 -1.76 22.53
N ALA B 234 -7.36 -1.54 21.44
CA ALA B 234 -6.78 -0.87 20.27
C ALA B 234 -6.32 0.56 20.57
N PHE B 235 -6.76 1.10 21.70
CA PHE B 235 -6.28 2.39 22.20
C PHE B 235 -4.78 2.37 22.50
N VAL B 236 -4.19 1.19 22.61
CA VAL B 236 -2.75 1.13 22.96
C VAL B 236 -1.88 0.98 21.73
N CYS B 237 -2.52 0.91 20.56
CA CYS B 237 -1.81 0.83 19.30
C CYS B 237 -1.30 2.20 18.85
N ASP B 238 -0.49 2.20 17.79
CA ASP B 238 0.01 3.42 17.16
C ASP B 238 -1.14 4.15 16.46
N LEU B 239 -1.76 5.10 17.16
CA LEU B 239 -2.87 5.86 16.60
C LEU B 239 -2.43 7.27 16.26
N GLU B 240 -3.18 7.92 15.39
CA GLU B 240 -2.93 9.31 15.04
C GLU B 240 -3.99 10.17 15.71
N LYS B 241 -3.80 11.49 15.66
CA LYS B 241 -4.76 12.41 16.25
C LYS B 241 -6.15 12.22 15.66
N ALA B 242 -6.19 11.91 14.37
CA ALA B 242 -7.46 11.72 13.67
C ALA B 242 -8.23 10.50 14.17
N HIS B 243 -7.51 9.47 14.63
CA HIS B 243 -8.16 8.33 15.28
C HIS B 243 -8.89 8.82 16.53
N TRP B 244 -8.19 9.59 17.34
CA TRP B 244 -8.75 10.08 18.59
C TRP B 244 -9.93 11.02 18.38
N ASP B 245 -9.91 11.78 17.29
CA ASP B 245 -11.07 12.59 16.91
C ASP B 245 -12.29 11.71 16.67
N LEU B 246 -12.09 10.61 15.94
CA LEU B 246 -13.18 9.67 15.69
C LEU B 246 -13.64 8.99 16.98
N ILE B 247 -12.67 8.60 17.80
CA ILE B 247 -12.98 7.92 19.05
C ILE B 247 -13.80 8.85 19.95
N LEU B 248 -13.45 10.13 19.94
CA LEU B 248 -14.15 11.13 20.73
C LEU B 248 -15.63 11.18 20.36
N ASN B 249 -15.90 11.21 19.05
CA ASN B 249 -17.27 11.25 18.53
C ASN B 249 -18.08 10.02 18.90
N VAL B 250 -17.46 8.84 18.80
CA VAL B 250 -18.10 7.60 19.19
C VAL B 250 -18.61 7.66 20.62
N TYR B 251 -17.73 8.05 21.55
CA TYR B 251 -18.10 8.01 22.96
C TYR B 251 -19.01 9.15 23.41
N ARG B 252 -19.02 10.26 22.67
CA ARG B 252 -20.03 11.28 22.88
C ARG B 252 -21.41 10.69 22.64
N GLU B 253 -21.53 9.90 21.57
CA GLU B 253 -22.79 9.25 21.23
C GLU B 253 -23.21 8.19 22.25
N LEU B 254 -22.28 7.76 23.10
CA LEU B 254 -22.56 6.71 24.08
C LEU B 254 -22.49 7.20 25.54
N SER B 255 -22.31 8.51 25.71
CA SER B 255 -22.06 9.10 27.03
C SER B 255 -23.23 9.00 28.02
N GLU B 256 -24.41 8.63 27.55
CA GLU B 256 -25.55 8.49 28.46
C GLU B 256 -25.58 7.12 29.14
N PHE B 257 -24.70 6.21 28.72
CA PHE B 257 -24.69 4.86 29.27
C PHE B 257 -23.59 4.70 30.31
N PRO B 258 -23.77 3.76 31.26
CA PRO B 258 -22.85 3.57 32.39
C PRO B 258 -21.66 2.70 31.99
N LEU B 259 -20.77 3.26 31.17
CA LEU B 259 -19.67 2.48 30.61
C LEU B 259 -18.40 2.62 31.42
N THR B 260 -17.66 1.52 31.51
CA THR B 260 -16.31 1.54 32.03
C THR B 260 -15.38 1.03 30.95
N VAL B 261 -14.44 1.87 30.52
CA VAL B 261 -13.58 1.53 29.39
C VAL B 261 -12.26 0.95 29.87
N PHE B 262 -11.86 -0.18 29.29
CA PHE B 262 -10.61 -0.84 29.63
C PHE B 262 -9.61 -0.79 28.49
N THR B 263 -8.34 -0.57 28.83
CA THR B 263 -7.26 -0.62 27.85
C THR B 263 -6.13 -1.47 28.43
N TYR B 264 -5.48 -2.27 27.60
CA TYR B 264 -4.40 -3.13 28.09
C TYR B 264 -3.47 -3.64 27.00
N TYR B 265 -2.36 -4.23 27.45
CA TYR B 265 -1.29 -4.81 26.61
C TYR B 265 -0.15 -3.83 26.36
N ASP B 266 -0.43 -2.54 26.50
CA ASP B 266 0.61 -1.53 26.40
C ASP B 266 0.05 -0.24 26.97
N SER B 267 0.78 0.85 26.85
CA SER B 267 0.29 2.15 27.28
C SER B 267 -0.56 2.82 26.21
N VAL B 268 -1.37 3.79 26.62
CA VAL B 268 -2.08 4.63 25.67
C VAL B 268 -1.23 5.85 25.34
N SER B 269 -0.73 5.91 24.12
CA SER B 269 0.18 6.99 23.72
C SER B 269 -0.40 8.39 23.95
N ASP B 270 -1.59 8.65 23.41
CA ASP B 270 -2.22 9.94 23.62
C ASP B 270 -3.04 9.94 24.91
N TYR B 271 -2.35 10.03 26.03
CA TYR B 271 -2.98 9.94 27.34
C TYR B 271 -4.06 10.99 27.53
N GLU B 272 -3.74 12.22 27.15
CA GLU B 272 -4.65 13.34 27.36
C GLU B 272 -5.96 13.16 26.61
N ALA B 273 -5.87 12.70 25.37
CA ALA B 273 -7.08 12.46 24.59
C ALA B 273 -7.91 11.37 25.25
N CYS B 274 -7.22 10.35 25.76
CA CYS B 274 -7.90 9.21 26.36
C CYS B 274 -8.68 9.58 27.61
N VAL B 275 -8.05 10.28 28.54
CA VAL B 275 -8.75 10.70 29.76
C VAL B 275 -9.76 11.83 29.53
N SER B 276 -9.82 12.32 28.29
CA SER B 276 -10.81 13.35 27.92
C SER B 276 -12.12 12.71 27.48
N LEU B 277 -12.09 11.41 27.20
CA LEU B 277 -13.31 10.72 26.78
C LEU B 277 -14.47 10.97 27.76
N PRO B 278 -15.69 11.11 27.22
CA PRO B 278 -16.87 11.32 28.07
C PRO B 278 -17.34 10.03 28.72
N VAL B 279 -16.49 9.38 29.52
CA VAL B 279 -16.90 8.20 30.28
C VAL B 279 -16.63 8.46 31.76
N LYS B 280 -17.36 7.77 32.64
CA LYS B 280 -17.24 8.00 34.07
C LYS B 280 -16.14 7.14 34.74
N ARG B 281 -15.75 6.05 34.09
CA ARG B 281 -14.71 5.19 34.64
C ARG B 281 -13.73 4.74 33.57
N LEU B 282 -12.44 4.86 33.85
CA LEU B 282 -11.40 4.51 32.88
C LEU B 282 -10.33 3.60 33.50
N HIS B 283 -10.09 2.45 32.86
CA HIS B 283 -9.09 1.50 33.33
C HIS B 283 -7.82 1.64 32.49
N PHE B 284 -6.67 1.61 33.16
CA PHE B 284 -5.39 1.53 32.48
C PHE B 284 -4.62 0.31 32.95
N ASP B 285 -3.83 -0.23 32.03
CA ASP B 285 -2.88 -1.29 32.34
C ASP B 285 -1.60 -0.64 32.88
N PHE B 286 -1.32 -0.84 34.16
CA PHE B 286 -0.10 -0.29 34.79
C PHE B 286 0.98 -1.35 35.00
N VAL B 287 0.87 -2.47 34.29
CA VAL B 287 1.80 -3.57 34.51
C VAL B 287 2.74 -3.80 33.33
N SER B 288 2.20 -3.72 32.13
CA SER B 288 2.92 -4.10 30.91
C SER B 288 3.83 -2.99 30.40
N ASN B 289 3.77 -1.82 31.02
CA ASN B 289 4.43 -0.64 30.50
C ASN B 289 4.69 0.35 31.61
N GLU B 290 5.58 1.31 31.36
CA GLU B 290 5.87 2.35 32.34
C GLU B 290 5.22 3.68 31.97
N GLU B 291 4.80 3.83 30.72
CA GLU B 291 4.31 5.12 30.23
C GLU B 291 2.98 5.58 30.84
N ASN B 292 2.09 4.64 31.11
CA ASN B 292 0.79 5.01 31.67
C ASN B 292 0.98 5.74 32.99
N LEU B 293 1.80 5.15 33.86
CA LEU B 293 2.09 5.75 35.16
C LEU B 293 2.79 7.10 35.00
N LYS B 294 3.88 7.11 34.22
CA LYS B 294 4.60 8.35 33.95
C LYS B 294 3.66 9.45 33.43
N ASN B 295 2.80 9.11 32.48
CA ASN B 295 1.87 10.07 31.92
C ASN B 295 0.85 10.56 32.95
N LEU B 296 0.42 9.66 33.82
CA LEU B 296 -0.55 10.02 34.84
C LEU B 296 0.09 10.98 35.85
N GLU B 297 1.37 10.78 36.14
CA GLU B 297 2.08 11.67 37.05
C GLU B 297 2.24 13.06 36.42
N LYS B 298 2.52 13.10 35.12
CA LYS B 298 2.66 14.36 34.41
C LYS B 298 1.35 15.14 34.31
N HIS B 299 0.38 14.58 33.57
CA HIS B 299 -0.85 15.29 33.26
C HIS B 299 -1.92 15.20 34.34
N GLY B 300 -1.69 14.35 35.33
CA GLY B 300 -2.71 14.08 36.33
C GLY B 300 -3.89 13.29 35.77
N PHE B 301 -4.94 13.15 36.56
CA PHE B 301 -6.13 12.39 36.14
C PHE B 301 -7.39 13.18 36.48
N PRO B 302 -8.28 13.35 35.49
CA PRO B 302 -9.51 14.16 35.59
C PRO B 302 -10.38 13.84 36.82
N GLU B 303 -10.76 14.89 37.54
CA GLU B 303 -11.66 14.75 38.67
C GLU B 303 -13.06 14.36 38.19
N ASP B 304 -13.33 14.63 36.92
CA ASP B 304 -14.64 14.35 36.34
C ASP B 304 -14.93 12.84 36.22
N LYS B 305 -13.94 12.01 36.52
CA LYS B 305 -14.14 10.56 36.48
C LYS B 305 -13.22 9.77 37.41
N LYS B 306 -13.43 8.45 37.44
CA LYS B 306 -12.70 7.57 38.35
C LYS B 306 -11.75 6.60 37.64
N LEU B 307 -10.58 6.39 38.24
CA LEU B 307 -9.56 5.53 37.68
C LEU B 307 -9.68 4.09 38.20
N VAL B 308 -9.71 3.14 37.29
CA VAL B 308 -9.61 1.74 37.65
C VAL B 308 -8.18 1.30 37.37
N ALA B 309 -7.45 0.97 38.43
CA ALA B 309 -6.03 0.66 38.30
C ALA B 309 -5.77 -0.81 38.00
N GLY B 310 -5.36 -1.11 36.77
CA GLY B 310 -5.04 -2.47 36.39
C GLY B 310 -3.65 -2.83 36.87
N VAL B 311 -3.57 -3.45 38.05
CA VAL B 311 -2.29 -3.61 38.74
C VAL B 311 -1.88 -5.06 39.03
N ILE B 312 -2.77 -6.02 38.76
CA ILE B 312 -2.44 -7.44 38.88
C ILE B 312 -2.27 -8.07 37.49
N ASN B 313 -1.07 -8.59 37.22
CA ASN B 313 -0.71 -9.06 35.87
C ASN B 313 -1.60 -10.21 35.38
N GLY B 314 -2.18 -10.04 34.21
CA GLY B 314 -2.99 -11.08 33.60
C GLY B 314 -2.20 -12.02 32.71
N ARG B 315 -0.92 -11.72 32.49
CA ARG B 315 -0.14 -12.41 31.47
C ARG B 315 0.97 -13.28 32.00
N GLN B 316 1.34 -13.07 33.27
CA GLN B 316 2.38 -13.87 33.93
C GLN B 316 1.84 -14.44 35.25
N PRO B 317 2.35 -15.60 35.67
CA PRO B 317 1.78 -16.38 36.77
C PRO B 317 2.50 -16.21 38.12
N TRP B 318 3.15 -15.08 38.33
CA TRP B 318 3.93 -14.86 39.55
C TRP B 318 3.14 -14.17 40.64
N LYS B 319 3.18 -14.72 41.84
CA LYS B 319 2.60 -14.03 42.98
C LYS B 319 3.36 -12.72 43.12
N VAL B 320 2.66 -11.65 43.46
CA VAL B 320 3.33 -10.37 43.65
C VAL B 320 3.35 -9.95 45.12
N ASP B 321 4.27 -9.07 45.43
CA ASP B 321 4.32 -8.44 46.73
C ASP B 321 3.18 -7.42 46.82
N LEU B 322 2.13 -7.81 47.53
CA LEU B 322 0.92 -7.00 47.58
C LEU B 322 1.12 -5.66 48.28
N ARG B 323 2.12 -5.58 49.15
CA ARG B 323 2.43 -4.32 49.82
C ARG B 323 2.95 -3.31 48.79
N LYS B 324 3.76 -3.79 47.85
CA LYS B 324 4.25 -2.95 46.76
C LYS B 324 3.09 -2.50 45.88
N VAL B 325 2.21 -3.44 45.54
CA VAL B 325 1.06 -3.12 44.71
C VAL B 325 0.18 -2.09 45.41
N ALA B 326 -0.08 -2.31 46.69
CA ALA B 326 -0.92 -1.40 47.46
C ALA B 326 -0.34 0.01 47.45
N SER B 327 0.98 0.11 47.55
CA SER B 327 1.64 1.41 47.49
C SER B 327 1.44 2.07 46.13
N LEU B 328 1.53 1.27 45.07
CA LEU B 328 1.28 1.78 43.73
C LEU B 328 -0.14 2.33 43.63
N VAL B 329 -1.11 1.57 44.14
CA VAL B 329 -2.50 1.99 44.07
C VAL B 329 -2.69 3.36 44.73
N GLU B 330 -2.06 3.55 45.89
CA GLU B 330 -2.13 4.82 46.60
C GLU B 330 -1.48 5.95 45.80
N LYS B 331 -0.30 5.70 45.24
CA LYS B 331 0.38 6.68 44.41
C LYS B 331 -0.49 7.11 43.23
N LEU B 332 -1.29 6.17 42.73
CA LEU B 332 -2.17 6.46 41.60
C LEU B 332 -3.43 7.20 42.07
N GLY B 333 -3.73 7.10 43.36
CA GLY B 333 -4.93 7.70 43.92
C GLY B 333 -6.20 7.01 43.44
N ALA B 334 -6.09 5.73 43.14
CA ALA B 334 -7.22 4.97 42.58
C ALA B 334 -8.17 4.46 43.68
N SER B 335 -9.46 4.47 43.38
CA SER B 335 -10.46 3.95 44.31
C SER B 335 -10.97 2.59 43.83
N ALA B 336 -10.37 2.10 42.75
CA ALA B 336 -10.76 0.82 42.18
C ALA B 336 -9.54 0.09 41.61
N ILE B 337 -9.56 -1.24 41.68
CA ILE B 337 -8.45 -2.06 41.25
C ILE B 337 -8.95 -3.21 40.34
N SER B 338 -8.03 -3.80 39.60
CA SER B 338 -8.36 -4.96 38.77
C SER B 338 -7.07 -5.52 38.20
N ASN B 339 -7.19 -6.62 37.45
CA ASN B 339 -6.05 -7.14 36.71
C ASN B 339 -5.73 -6.18 35.57
N SER B 340 -4.50 -6.24 35.08
CA SER B 340 -4.02 -5.31 34.06
C SER B 340 -4.56 -5.66 32.67
N CYS B 341 -4.62 -6.95 32.38
CA CYS B 341 -5.08 -7.46 31.08
C CYS B 341 -5.82 -8.78 31.33
N PRO B 342 -6.56 -9.28 30.33
CA PRO B 342 -7.44 -10.43 30.51
C PRO B 342 -6.76 -11.61 31.20
N LEU B 343 -7.45 -12.22 32.15
CA LEU B 343 -6.93 -13.39 32.86
C LEU B 343 -6.84 -14.64 32.00
N PHE B 344 -7.45 -14.65 30.82
CA PHE B 344 -7.50 -15.88 30.02
C PHE B 344 -6.17 -16.27 29.38
N HIS B 345 -5.15 -15.44 29.58
CA HIS B 345 -3.79 -15.78 29.19
C HIS B 345 -3.11 -16.66 30.23
N LEU B 346 -3.80 -16.90 31.34
CA LEU B 346 -3.30 -17.79 32.40
C LEU B 346 -4.13 -19.07 32.49
N PRO B 347 -3.56 -20.12 33.09
CA PRO B 347 -4.34 -21.34 33.33
C PRO B 347 -5.37 -21.11 34.44
N VAL B 348 -6.33 -22.02 34.58
CA VAL B 348 -7.41 -21.83 35.53
C VAL B 348 -6.96 -21.82 36.99
N THR B 349 -6.23 -22.85 37.42
CA THR B 349 -5.84 -22.95 38.82
C THR B 349 -4.57 -23.76 39.08
N LEU B 350 -3.83 -23.25 40.05
CA LEU B 350 -2.57 -23.83 40.48
C LEU B 350 -2.82 -24.99 41.45
N GLU B 351 -4.03 -25.07 41.97
CA GLU B 351 -4.33 -25.90 43.14
C GLU B 351 -3.71 -27.31 43.12
N LEU B 352 -3.83 -28.02 42.01
CA LEU B 352 -3.42 -29.42 41.93
C LEU B 352 -2.06 -29.64 41.26
N GLU B 353 -1.30 -28.58 41.07
CA GLU B 353 0.02 -28.71 40.45
C GLU B 353 1.04 -29.10 41.50
N ASN B 354 1.12 -30.40 41.79
CA ASN B 354 1.95 -30.86 42.90
C ASN B 354 3.21 -31.63 42.51
N ASN B 355 3.60 -31.56 41.24
CA ASN B 355 4.90 -32.07 40.85
C ASN B 355 5.82 -31.04 40.20
N LEU B 356 5.80 -29.82 40.72
CA LEU B 356 6.68 -28.77 40.23
C LEU B 356 7.95 -28.74 41.06
N PRO B 357 9.06 -28.30 40.45
CA PRO B 357 10.34 -28.18 41.15
C PRO B 357 10.15 -27.56 42.54
N GLY B 358 10.83 -28.12 43.53
CA GLY B 358 10.67 -27.68 44.90
C GLY B 358 10.73 -26.17 45.08
N GLY B 359 9.77 -25.62 45.80
CA GLY B 359 9.72 -24.19 46.05
C GLY B 359 9.05 -23.37 44.95
N LEU B 360 8.78 -23.99 43.80
CA LEU B 360 8.21 -23.22 42.69
C LEU B 360 6.75 -22.87 42.93
N LYS B 361 5.94 -23.88 43.24
CA LYS B 361 4.50 -23.68 43.41
C LYS B 361 4.19 -22.49 44.31
N GLU B 362 5.03 -22.26 45.32
CA GLU B 362 4.80 -21.20 46.28
C GLU B 362 4.96 -19.79 45.68
N LYS B 363 5.60 -19.69 44.54
CA LYS B 363 5.83 -18.39 43.90
C LYS B 363 4.81 -18.10 42.81
N LEU B 364 3.99 -19.10 42.51
CA LEU B 364 3.06 -19.03 41.39
C LEU B 364 1.66 -18.62 41.81
N ALA B 365 0.88 -18.22 40.81
CA ALA B 365 -0.53 -17.90 40.95
C ALA B 365 -1.17 -17.94 39.57
N PHE B 366 -2.15 -18.81 39.39
CA PHE B 366 -2.87 -18.85 38.13
C PHE B 366 -4.14 -18.00 38.25
N ALA B 367 -5.07 -18.17 37.31
CA ALA B 367 -6.23 -17.28 37.22
C ALA B 367 -7.03 -17.17 38.52
N LYS B 368 -7.42 -18.32 39.07
CA LYS B 368 -8.18 -18.32 40.32
C LYS B 368 -7.40 -17.58 41.42
N GLU B 369 -6.11 -17.89 41.52
CA GLU B 369 -5.25 -17.27 42.52
C GLU B 369 -5.07 -15.78 42.27
N LYS B 370 -5.21 -15.35 41.01
CA LYS B 370 -5.17 -13.92 40.71
C LYS B 370 -6.40 -13.22 41.27
N LEU B 371 -7.56 -13.88 41.17
CA LEU B 371 -8.79 -13.32 41.77
C LEU B 371 -8.62 -13.19 43.29
N GLU B 372 -7.97 -14.18 43.89
CA GLU B 372 -7.73 -14.16 45.32
C GLU B 372 -6.77 -13.02 45.70
N GLU B 373 -5.77 -12.78 44.85
CA GLU B 373 -4.84 -11.68 45.12
C GLU B 373 -5.59 -10.35 45.13
N LEU B 374 -6.50 -10.20 44.18
CA LEU B 374 -7.30 -8.98 44.09
C LEU B 374 -8.15 -8.81 45.35
N LYS B 375 -8.73 -9.90 45.83
CA LYS B 375 -9.57 -9.86 47.01
C LYS B 375 -8.71 -9.44 48.21
N MET B 376 -7.56 -10.07 48.35
CA MET B 376 -6.63 -9.77 49.43
C MET B 376 -6.17 -8.32 49.33
N LEU B 377 -5.85 -7.86 48.13
CA LEU B 377 -5.41 -6.48 47.93
C LEU B 377 -6.49 -5.50 48.38
N LYS B 378 -7.72 -5.77 47.96
CA LYS B 378 -8.87 -5.00 48.41
C LYS B 378 -8.99 -5.03 49.95
N ASP B 379 -8.84 -6.21 50.54
CA ASP B 379 -8.96 -6.36 51.98
C ASP B 379 -7.89 -5.56 52.72
N PHE B 380 -6.66 -5.63 52.21
CA PHE B 380 -5.55 -4.89 52.78
C PHE B 380 -5.80 -3.40 52.67
N LEU B 381 -6.16 -2.93 51.47
CA LEU B 381 -6.39 -1.51 51.24
C LEU B 381 -7.52 -0.97 52.10
N GLU B 382 -8.39 -1.87 52.56
CA GLU B 382 -9.53 -1.46 53.39
C GLU B 382 -9.25 -1.68 54.88
N GLY B 383 -8.07 -2.19 55.18
CA GLY B 383 -7.64 -2.39 56.55
C GLY B 383 -8.22 -3.60 57.26
N LYS B 384 -8.73 -4.56 56.49
CA LYS B 384 -9.38 -5.73 57.06
C LYS B 384 -8.41 -6.90 57.25
N THR B 385 -7.26 -6.84 56.59
CA THR B 385 -6.25 -7.87 56.73
C THR B 385 -4.88 -7.24 56.91
N ASP B 399 21.89 -20.19 38.92
CA ASP B 399 23.06 -20.69 38.22
C ASP B 399 24.00 -19.55 37.85
N LEU B 400 24.95 -19.26 38.74
CA LEU B 400 25.86 -18.14 38.55
C LEU B 400 26.87 -18.41 37.44
N GLN B 401 27.34 -19.64 37.36
CA GLN B 401 28.29 -20.04 36.32
C GLN B 401 27.72 -19.74 34.93
N ALA B 402 26.43 -20.01 34.76
CA ALA B 402 25.75 -19.76 33.49
C ALA B 402 25.29 -18.32 33.35
N VAL B 403 24.95 -17.69 34.48
CA VAL B 403 24.53 -16.29 34.47
C VAL B 403 25.72 -15.39 34.16
N GLU B 404 26.91 -15.87 34.51
CA GLU B 404 28.14 -15.13 34.26
C GLU B 404 28.55 -15.21 32.79
N ARG B 405 28.44 -16.40 32.21
CA ARG B 405 28.74 -16.60 30.80
C ARG B 405 27.95 -15.60 29.94
N VAL B 406 26.66 -15.46 30.25
CA VAL B 406 25.80 -14.53 29.52
C VAL B 406 26.22 -13.09 29.71
N ARG B 407 26.31 -12.68 30.98
CA ARG B 407 26.67 -11.30 31.32
C ARG B 407 28.02 -10.89 30.74
N ASN B 408 28.93 -11.84 30.62
CA ASN B 408 30.29 -11.55 30.17
C ASN B 408 30.58 -12.01 28.73
N LEU B 409 29.55 -12.07 27.91
CA LEU B 409 29.70 -12.51 26.52
C LEU B 409 30.63 -11.58 25.74
N PRO B 410 31.64 -12.15 25.06
CA PRO B 410 32.51 -11.35 24.19
C PRO B 410 31.67 -10.72 23.09
N GLU B 411 31.99 -9.48 22.73
CA GLU B 411 31.23 -8.77 21.71
C GLU B 411 31.28 -9.49 20.35
N ASP B 412 32.23 -10.43 20.22
CA ASP B 412 32.39 -11.19 18.98
C ASP B 412 31.43 -12.37 18.90
N SER B 413 30.79 -12.69 20.03
CA SER B 413 29.94 -13.87 20.11
C SER B 413 28.66 -13.77 19.28
N PHE B 414 28.33 -12.56 18.84
CA PHE B 414 27.06 -12.32 18.16
C PHE B 414 27.17 -12.32 16.64
N ARG B 415 28.35 -12.66 16.14
CA ARG B 415 28.56 -12.85 14.71
C ARG B 415 29.25 -14.18 14.50
N ARG B 416 29.15 -14.72 13.28
CA ARG B 416 29.83 -15.98 12.96
C ARG B 416 31.26 -15.72 12.48
N GLU B 417 32.10 -16.75 12.52
CA GLU B 417 33.52 -16.61 12.20
C GLU B 417 33.75 -15.95 10.84
N LYS B 418 33.06 -16.43 9.82
CA LYS B 418 33.20 -15.88 8.47
C LYS B 418 31.86 -15.39 7.95
N GLU B 419 31.89 -14.32 7.14
CA GLU B 419 30.68 -13.75 6.57
C GLU B 419 30.07 -14.65 5.48
N TYR B 420 28.82 -14.36 5.11
CA TYR B 420 28.07 -15.24 4.23
C TYR B 420 28.81 -15.63 2.95
N THR B 421 29.29 -14.64 2.20
CA THR B 421 29.94 -14.90 0.92
C THR B 421 31.01 -15.99 1.00
N GLU B 422 31.83 -15.94 2.05
CA GLU B 422 32.89 -16.92 2.23
C GLU B 422 32.37 -18.27 2.77
N ARG B 423 31.44 -18.22 3.73
CA ARG B 423 30.80 -19.43 4.25
C ARG B 423 30.14 -20.18 3.10
N ASP B 424 29.47 -19.42 2.24
CA ASP B 424 28.70 -19.95 1.13
C ASP B 424 29.55 -20.89 0.26
N ARG B 425 30.71 -20.40 -0.16
CA ARG B 425 31.60 -21.20 -0.99
C ARG B 425 31.98 -22.49 -0.28
N ILE B 426 32.27 -22.40 1.01
CA ILE B 426 32.65 -23.55 1.80
C ILE B 426 31.50 -24.56 1.89
N GLN B 427 30.31 -24.05 2.18
CA GLN B 427 29.13 -24.92 2.33
C GLN B 427 28.77 -25.62 1.02
N ARG B 428 28.68 -24.84 -0.06
CA ARG B 428 28.33 -25.40 -1.36
C ARG B 428 29.32 -26.48 -1.81
N GLU B 429 30.60 -26.26 -1.55
CA GLU B 429 31.63 -27.24 -1.90
C GLU B 429 31.40 -28.52 -1.13
N ARG B 430 31.02 -28.37 0.14
CA ARG B 430 30.83 -29.51 1.04
C ARG B 430 29.55 -30.28 0.72
N LEU B 431 28.50 -29.56 0.33
CA LEU B 431 27.18 -30.17 0.10
C LEU B 431 27.01 -30.74 -1.30
N ASN B 432 27.58 -30.07 -2.30
CA ASN B 432 27.49 -30.52 -3.69
C ASN B 432 26.03 -30.76 -4.11
N LEU B 433 25.21 -29.72 -3.96
CA LEU B 433 23.80 -29.82 -4.29
C LEU B 433 23.55 -29.35 -5.71
N PRO B 434 22.49 -29.88 -6.34
CA PRO B 434 22.15 -29.45 -7.70
C PRO B 434 21.54 -28.05 -7.64
N LEU B 435 21.39 -27.42 -8.80
CA LEU B 435 20.62 -26.19 -8.88
C LEU B 435 19.19 -26.53 -8.45
N PHE B 436 18.48 -25.55 -7.88
CA PHE B 436 17.13 -25.78 -7.36
C PHE B 436 17.02 -27.02 -6.48
N PRO B 437 17.80 -27.07 -5.38
CA PRO B 437 17.69 -28.23 -4.50
C PRO B 437 16.30 -28.30 -3.88
N THR B 438 15.79 -29.50 -3.63
CA THR B 438 14.50 -29.67 -2.96
C THR B 438 14.72 -30.09 -1.51
N THR B 439 13.81 -29.68 -0.63
CA THR B 439 13.83 -30.13 0.75
C THR B 439 12.43 -29.98 1.33
N THR B 440 12.28 -30.31 2.61
CA THR B 440 11.04 -30.04 3.32
C THR B 440 11.37 -29.33 4.62
N ILE B 441 10.34 -28.84 5.31
CA ILE B 441 10.54 -27.93 6.43
C ILE B 441 10.82 -28.64 7.77
N GLY B 442 10.36 -29.88 7.92
CA GLY B 442 10.74 -30.63 9.10
C GLY B 442 9.81 -31.75 9.56
N SER B 443 8.54 -31.44 9.78
CA SER B 443 7.61 -32.43 10.31
C SER B 443 6.92 -33.23 9.19
N PHE B 444 6.63 -34.49 9.49
CA PHE B 444 5.94 -35.36 8.55
C PHE B 444 4.56 -35.76 9.09
N PRO B 445 3.68 -36.25 8.21
CA PRO B 445 2.35 -36.71 8.64
C PRO B 445 2.48 -37.67 9.81
N GLN B 446 1.50 -37.65 10.71
CA GLN B 446 1.51 -38.55 11.86
C GLN B 446 0.38 -39.58 11.76
N THR B 447 0.75 -40.84 11.60
CA THR B 447 -0.22 -41.92 11.60
C THR B 447 -0.90 -42.01 12.96
N PRO B 448 -2.10 -42.61 13.00
CA PRO B 448 -2.75 -42.84 14.30
C PRO B 448 -1.80 -43.62 15.21
N GLU B 449 -1.06 -44.56 14.63
CA GLU B 449 -0.06 -45.31 15.37
C GLU B 449 0.96 -44.39 16.03
N VAL B 450 1.48 -43.44 15.25
CA VAL B 450 2.48 -42.51 15.76
C VAL B 450 1.91 -41.64 16.88
N ARG B 451 0.68 -41.20 16.71
CA ARG B 451 0.03 -40.36 17.73
C ARG B 451 -0.21 -41.16 19.00
N LYS B 452 -0.79 -42.36 18.85
CA LYS B 452 -1.06 -43.24 19.98
C LYS B 452 0.22 -43.61 20.75
N MET B 453 1.25 -44.04 20.01
CA MET B 453 2.51 -44.42 20.63
C MET B 453 3.06 -43.29 21.50
N ARG B 454 3.14 -42.09 20.94
CA ARG B 454 3.64 -40.94 21.68
C ARG B 454 2.83 -40.71 22.95
N SER B 455 1.52 -40.92 22.86
CA SER B 455 0.65 -40.77 24.01
C SER B 455 0.97 -41.80 25.08
N LYS B 456 1.13 -43.06 24.66
CA LYS B 456 1.43 -44.14 25.59
C LYS B 456 2.71 -43.85 26.37
N TYR B 457 3.78 -43.49 25.66
CA TYR B 457 5.07 -43.21 26.30
C TYR B 457 4.97 -42.08 27.31
N ARG B 458 4.28 -41.01 26.94
CA ARG B 458 4.13 -39.86 27.82
C ARG B 458 3.28 -40.24 29.03
N LYS B 459 2.35 -41.16 28.83
CA LYS B 459 1.48 -41.64 29.91
C LYS B 459 2.07 -42.87 30.59
N GLY B 460 3.33 -43.18 30.27
CA GLY B 460 4.04 -44.28 30.92
C GLY B 460 3.48 -45.66 30.60
N GLU B 461 2.39 -45.71 29.84
CA GLU B 461 1.78 -46.97 29.43
C GLU B 461 2.75 -47.82 28.60
N ILE B 462 3.86 -47.21 28.21
CA ILE B 462 4.93 -47.91 27.49
C ILE B 462 6.27 -47.44 28.02
N SER B 463 7.32 -48.21 27.75
CA SER B 463 8.65 -47.88 28.25
C SER B 463 9.38 -46.90 27.33
N LYS B 464 10.52 -46.39 27.81
CA LYS B 464 11.36 -45.50 27.01
C LYS B 464 12.04 -46.25 25.88
N GLU B 465 12.61 -47.41 26.20
CA GLU B 465 13.33 -48.22 25.22
C GLU B 465 12.42 -48.65 24.06
N GLU B 466 11.19 -49.03 24.37
CA GLU B 466 10.24 -49.45 23.36
C GLU B 466 9.86 -48.30 22.43
N TYR B 467 9.68 -47.11 23.01
CA TYR B 467 9.30 -45.94 22.23
C TYR B 467 10.42 -45.54 21.28
N GLU B 468 11.63 -45.38 21.82
CA GLU B 468 12.78 -45.04 21.01
C GLU B 468 12.87 -45.97 19.79
N ALA B 469 12.79 -47.26 20.04
CA ALA B 469 12.82 -48.26 18.98
C ALA B 469 11.78 -47.95 17.90
N PHE B 470 10.57 -47.61 18.34
CA PHE B 470 9.48 -47.27 17.43
C PHE B 470 9.81 -46.03 16.60
N ILE B 471 10.34 -45.01 17.26
CA ILE B 471 10.75 -43.78 16.59
C ILE B 471 11.83 -44.04 15.55
N LYS B 472 12.88 -44.75 15.95
CA LYS B 472 13.94 -45.12 15.01
C LYS B 472 13.33 -45.83 13.80
N GLU B 473 12.27 -46.60 14.05
CA GLU B 473 11.61 -47.34 12.97
C GLU B 473 10.89 -46.41 11.97
N GLN B 474 10.19 -45.41 12.49
CA GLN B 474 9.47 -44.48 11.61
C GLN B 474 10.45 -43.60 10.83
N ILE B 475 11.56 -43.27 11.45
CA ILE B 475 12.58 -42.44 10.82
C ILE B 475 13.19 -43.15 9.62
N LYS B 476 13.66 -44.37 9.84
CA LYS B 476 14.16 -45.21 8.76
C LYS B 476 13.19 -45.16 7.58
N LYS B 477 11.91 -45.44 7.85
CA LYS B 477 10.88 -45.42 6.82
C LYS B 477 10.81 -44.08 6.09
N ALA B 478 10.90 -42.99 6.83
CA ALA B 478 10.78 -41.66 6.25
C ALA B 478 12.00 -41.31 5.42
N ILE B 479 13.16 -41.69 5.92
CA ILE B 479 14.41 -41.45 5.21
C ILE B 479 14.41 -42.19 3.88
N GLU B 480 14.03 -43.46 3.91
CA GLU B 480 13.95 -44.28 2.70
C GLU B 480 12.93 -43.70 1.73
N LEU B 481 11.80 -43.25 2.26
CA LEU B 481 10.76 -42.65 1.43
C LEU B 481 11.26 -41.40 0.72
N GLN B 482 12.00 -40.56 1.44
CA GLN B 482 12.51 -39.32 0.87
C GLN B 482 13.55 -39.61 -0.22
N GLU B 483 14.43 -40.57 0.03
CA GLU B 483 15.44 -40.96 -0.93
C GLU B 483 14.80 -41.51 -2.21
N GLU B 484 13.77 -42.34 -2.05
CA GLU B 484 13.03 -42.89 -3.19
C GLU B 484 12.36 -41.79 -4.01
N ILE B 485 11.80 -40.79 -3.32
CA ILE B 485 11.18 -39.64 -3.98
C ILE B 485 12.22 -38.78 -4.68
N GLY B 486 13.44 -38.79 -4.16
CA GLY B 486 14.52 -38.06 -4.78
C GLY B 486 14.71 -36.66 -4.24
N LEU B 487 14.34 -36.44 -2.98
CA LEU B 487 14.58 -35.16 -2.34
C LEU B 487 16.08 -34.99 -2.11
N ASP B 488 16.55 -33.74 -2.18
CA ASP B 488 17.97 -33.44 -2.07
C ASP B 488 18.47 -33.33 -0.62
N VAL B 489 17.69 -32.65 0.22
CA VAL B 489 18.03 -32.54 1.64
C VAL B 489 16.89 -33.12 2.46
N LEU B 490 17.22 -34.04 3.35
CA LEU B 490 16.19 -34.79 4.07
C LEU B 490 15.93 -34.27 5.48
N VAL B 491 14.83 -34.73 6.06
CA VAL B 491 14.49 -34.43 7.45
C VAL B 491 14.14 -35.73 8.17
N HIS B 492 14.14 -35.69 9.50
CA HIS B 492 13.84 -36.90 10.26
C HIS B 492 12.37 -37.05 10.61
N GLY B 493 11.60 -35.99 10.44
CA GLY B 493 10.15 -36.08 10.51
C GLY B 493 9.51 -35.64 11.82
N GLU B 494 10.31 -35.52 12.87
CA GLU B 494 9.84 -35.01 14.16
C GLU B 494 8.72 -35.85 14.79
N PHE B 495 8.71 -37.15 14.53
CA PHE B 495 7.66 -38.03 15.05
C PHE B 495 7.67 -38.08 16.58
N GLU B 496 8.83 -37.81 17.17
CA GLU B 496 9.00 -37.89 18.62
C GLU B 496 8.58 -36.62 19.34
N ARG B 497 8.11 -35.62 18.59
CA ARG B 497 7.82 -34.33 19.19
C ARG B 497 6.32 -34.03 19.25
N THR B 498 5.88 -33.45 20.36
CA THR B 498 4.50 -33.01 20.49
C THR B 498 4.35 -31.67 19.75
N ASP B 499 5.13 -30.68 20.18
CA ASP B 499 5.20 -29.39 19.51
C ASP B 499 6.58 -28.75 19.70
N MET B 500 6.87 -27.73 18.89
CA MET B 500 8.23 -27.18 18.78
C MET B 500 8.74 -26.47 20.03
N VAL B 501 7.85 -26.20 20.99
CA VAL B 501 8.27 -25.56 22.23
C VAL B 501 8.32 -26.55 23.40
N GLU B 502 7.23 -27.28 23.61
CA GLU B 502 7.14 -28.27 24.68
C GLU B 502 8.25 -29.32 24.63
N PHE B 503 8.59 -29.76 23.42
CA PHE B 503 9.65 -30.76 23.25
C PHE B 503 10.96 -30.32 23.87
N PHE B 504 11.31 -29.05 23.69
CA PHE B 504 12.57 -28.51 24.18
C PHE B 504 12.46 -28.01 25.61
N ALA B 505 11.34 -27.37 25.93
CA ALA B 505 11.12 -26.90 27.29
C ALA B 505 11.32 -28.03 28.30
N GLU B 506 10.85 -29.22 27.95
CA GLU B 506 10.93 -30.38 28.83
C GLU B 506 12.37 -30.88 29.05
N LYS B 507 13.31 -30.36 28.27
CA LYS B 507 14.69 -30.85 28.31
C LYS B 507 15.68 -29.80 28.80
N LEU B 508 15.16 -28.66 29.25
CA LEU B 508 16.03 -27.57 29.66
C LEU B 508 15.92 -27.32 31.17
N ASN B 509 17.07 -27.08 31.82
CA ASN B 509 17.08 -26.64 33.20
C ASN B 509 16.54 -25.23 33.30
N GLY B 510 15.94 -24.90 34.44
CA GLY B 510 15.41 -23.57 34.66
C GLY B 510 14.00 -23.41 34.13
N ILE B 511 13.48 -24.48 33.52
CA ILE B 511 12.14 -24.46 32.96
C ILE B 511 11.32 -25.62 33.50
N ALA B 512 10.11 -25.30 33.97
CA ALA B 512 9.20 -26.33 34.46
C ALA B 512 8.02 -26.47 33.52
N THR B 513 7.40 -27.65 33.54
CA THR B 513 6.17 -27.87 32.81
C THR B 513 5.10 -28.33 33.79
N THR B 514 3.88 -27.85 33.58
CA THR B 514 2.77 -28.18 34.46
C THR B 514 2.05 -29.44 33.99
N GLN B 515 1.13 -29.92 34.83
CA GLN B 515 0.33 -31.09 34.49
C GLN B 515 -1.02 -30.71 33.87
N ASN B 516 -1.63 -29.64 34.37
CA ASN B 516 -2.95 -29.23 33.92
C ASN B 516 -3.06 -27.72 33.67
N GLY B 517 -1.93 -27.06 33.42
CA GLY B 517 -1.93 -25.62 33.26
C GLY B 517 -2.34 -25.19 31.87
N TRP B 518 -3.56 -25.57 31.47
CA TRP B 518 -4.04 -25.36 30.11
C TRP B 518 -4.47 -23.92 29.86
N VAL B 519 -4.14 -23.42 28.68
CA VAL B 519 -4.50 -22.07 28.26
C VAL B 519 -5.04 -22.12 26.84
N LEU B 520 -6.16 -21.45 26.61
CA LEU B 520 -6.80 -21.44 25.30
C LEU B 520 -5.97 -20.70 24.26
N SER B 521 -5.71 -21.37 23.15
CA SER B 521 -5.04 -20.75 22.01
C SER B 521 -6.05 -20.22 20.98
N TYR B 522 -7.07 -21.02 20.70
CA TYR B 522 -8.20 -20.62 19.86
C TYR B 522 -9.22 -21.74 19.89
N GLY B 523 -10.47 -21.43 19.56
CA GLY B 523 -11.52 -22.44 19.49
C GLY B 523 -11.51 -23.43 20.64
N SER B 524 -11.21 -24.69 20.34
CA SER B 524 -11.17 -25.71 21.37
C SER B 524 -9.74 -26.17 21.65
N ARG B 525 -8.77 -25.53 21.00
CA ARG B 525 -7.37 -25.90 21.17
C ARG B 525 -6.69 -25.18 22.33
N CYS B 526 -6.18 -25.96 23.28
CA CYS B 526 -5.44 -25.44 24.42
C CYS B 526 -3.99 -25.92 24.39
N TYR B 527 -3.11 -25.22 25.12
CA TYR B 527 -1.75 -25.69 25.32
C TYR B 527 -1.33 -25.36 26.74
N ARG B 528 -0.27 -26.02 27.20
CA ARG B 528 0.30 -25.73 28.51
C ARG B 528 1.60 -24.97 28.32
N PRO B 529 1.61 -23.68 28.68
CA PRO B 529 2.85 -22.90 28.59
C PRO B 529 3.85 -23.38 29.64
N PRO B 530 5.11 -23.58 29.23
CA PRO B 530 6.17 -23.87 30.19
C PRO B 530 6.39 -22.65 31.08
N ILE B 531 7.05 -22.86 32.20
CA ILE B 531 7.38 -21.76 33.10
C ILE B 531 8.89 -21.67 33.23
N ILE B 532 9.45 -20.60 32.70
CA ILE B 532 10.88 -20.33 32.86
C ILE B 532 11.12 -19.66 34.21
N TYR B 533 11.43 -20.48 35.22
CA TYR B 533 11.52 -20.01 36.59
C TYR B 533 12.93 -19.71 37.04
N GLY B 534 13.92 -20.21 36.30
CA GLY B 534 15.31 -20.01 36.68
C GLY B 534 16.26 -19.92 35.51
N THR B 535 17.55 -19.85 35.82
CA THR B 535 18.59 -19.82 34.81
C THR B 535 18.46 -20.98 33.84
N VAL B 536 18.38 -20.69 32.55
CA VAL B 536 18.21 -21.75 31.56
C VAL B 536 19.54 -22.32 31.10
N THR B 537 19.66 -23.65 31.15
CA THR B 537 20.82 -24.34 30.58
C THR B 537 20.40 -25.69 30.03
N ARG B 538 21.26 -26.28 29.21
CA ARG B 538 20.98 -27.58 28.61
C ARG B 538 21.94 -28.66 29.11
N PRO B 539 21.50 -29.46 30.10
CA PRO B 539 22.31 -30.52 30.72
C PRO B 539 22.81 -31.54 29.69
N GLU B 540 21.88 -32.11 28.92
CA GLU B 540 22.20 -33.20 28.01
C GLU B 540 21.77 -32.88 26.57
N PRO B 541 22.39 -33.56 25.59
CA PRO B 541 21.95 -33.41 24.20
C PRO B 541 20.45 -33.66 24.08
N MET B 542 19.78 -32.90 23.23
CA MET B 542 18.33 -32.95 23.16
C MET B 542 17.79 -33.73 21.97
N THR B 543 18.53 -33.71 20.86
CA THR B 543 18.02 -34.25 19.60
C THR B 543 19.04 -35.13 18.88
N LEU B 544 20.23 -35.28 19.46
CA LEU B 544 21.31 -36.05 18.83
C LEU B 544 20.90 -37.44 18.36
N LYS B 545 20.36 -38.25 19.26
CA LYS B 545 19.96 -39.60 18.92
C LYS B 545 19.19 -39.66 17.59
N GLU B 546 18.09 -38.91 17.49
CA GLU B 546 17.24 -38.97 16.31
C GLU B 546 17.94 -38.52 15.03
N ILE B 547 18.61 -37.38 15.09
CA ILE B 547 19.23 -36.79 13.90
C ILE B 547 20.42 -37.63 13.44
N THR B 548 21.22 -38.10 14.39
CA THR B 548 22.37 -38.93 14.09
C THR B 548 21.96 -40.22 13.39
N TYR B 549 21.06 -40.97 14.03
CA TYR B 549 20.55 -42.19 13.42
C TYR B 549 20.04 -41.89 12.02
N ALA B 550 19.24 -40.84 11.89
CA ALA B 550 18.68 -40.46 10.59
C ALA B 550 19.79 -40.28 9.56
N GLN B 551 20.83 -39.54 9.93
CA GLN B 551 21.92 -39.26 9.01
C GLN B 551 22.71 -40.52 8.64
N SER B 552 22.75 -41.49 9.54
CA SER B 552 23.51 -42.71 9.33
C SER B 552 22.83 -43.67 8.33
N LEU B 553 21.68 -43.26 7.80
CA LEU B 553 20.94 -44.11 6.87
C LEU B 553 21.05 -43.62 5.42
N THR B 554 21.72 -42.49 5.23
CA THR B 554 21.78 -41.89 3.90
C THR B 554 23.06 -41.10 3.68
N GLU B 555 23.40 -40.89 2.41
CA GLU B 555 24.54 -40.08 2.03
C GLU B 555 24.10 -38.64 1.84
N LYS B 556 22.80 -38.46 1.68
CA LYS B 556 22.23 -37.12 1.53
C LYS B 556 22.19 -36.40 2.89
N PRO B 557 22.32 -35.07 2.86
CA PRO B 557 22.31 -34.27 4.09
C PRO B 557 20.95 -34.35 4.79
N VAL B 558 20.98 -34.60 6.09
CA VAL B 558 19.78 -34.57 6.92
C VAL B 558 19.90 -33.39 7.85
N LYS B 559 18.91 -32.50 7.85
CA LYS B 559 19.03 -31.29 8.66
C LYS B 559 18.69 -31.52 10.14
N GLY B 560 19.48 -30.88 11.01
CA GLY B 560 19.12 -30.77 12.41
C GLY B 560 17.92 -29.85 12.47
N MET B 561 17.15 -29.94 13.55
CA MET B 561 15.88 -29.24 13.65
C MET B 561 15.68 -28.66 15.05
N LEU B 562 15.87 -27.35 15.18
CA LEU B 562 15.77 -26.68 16.47
C LEU B 562 14.79 -25.52 16.47
N THR B 563 14.38 -25.12 17.67
CA THR B 563 13.49 -23.98 17.85
C THR B 563 14.28 -22.84 18.46
N GLY B 564 14.08 -21.63 17.95
CA GLY B 564 14.80 -20.46 18.42
C GLY B 564 14.46 -20.03 19.84
N PRO B 565 15.28 -19.14 20.42
CA PRO B 565 15.18 -18.69 21.80
C PRO B 565 13.95 -17.83 22.05
N VAL B 566 13.69 -16.88 21.14
CA VAL B 566 12.57 -15.96 21.33
C VAL B 566 11.23 -16.69 21.24
N THR B 567 11.18 -17.72 20.40
CA THR B 567 9.99 -18.54 20.27
C THR B 567 9.72 -19.35 21.54
N ILE B 568 10.77 -19.92 22.13
CA ILE B 568 10.64 -20.67 23.37
C ILE B 568 10.13 -19.74 24.48
N MET B 569 10.74 -18.56 24.58
CA MET B 569 10.27 -17.55 25.52
C MET B 569 8.82 -17.14 25.26
N SER B 570 8.50 -16.94 23.99
CA SER B 570 7.20 -16.39 23.61
C SER B 570 6.03 -17.26 24.00
N TRP B 571 6.22 -18.58 23.95
CA TRP B 571 5.15 -19.51 24.27
C TRP B 571 5.22 -19.99 25.72
N SER B 572 6.03 -19.31 26.52
CA SER B 572 6.24 -19.71 27.91
C SER B 572 5.99 -18.53 28.84
N TYR B 573 5.84 -18.81 30.12
CA TYR B 573 5.93 -17.77 31.13
C TYR B 573 7.38 -17.64 31.56
N TYR B 574 7.75 -16.47 32.05
CA TYR B 574 9.13 -16.25 32.48
C TYR B 574 9.21 -15.19 33.56
N ARG B 575 10.34 -15.18 34.26
CA ARG B 575 10.57 -14.25 35.37
C ARG B 575 10.56 -12.81 34.88
N GLU B 576 10.08 -11.91 35.75
CA GLU B 576 9.98 -10.50 35.40
C GLU B 576 11.04 -9.67 36.10
N ASP B 577 11.79 -10.29 37.00
CA ASP B 577 12.82 -9.59 37.76
C ASP B 577 14.15 -9.56 37.02
N ILE B 578 14.14 -10.09 35.80
CA ILE B 578 15.32 -10.15 34.95
C ILE B 578 14.92 -9.65 33.56
N PRO B 579 15.84 -8.95 32.86
CA PRO B 579 15.49 -8.41 31.54
C PRO B 579 15.23 -9.50 30.51
N GLU B 580 14.23 -9.30 29.66
CA GLU B 580 13.89 -10.28 28.62
C GLU B 580 15.09 -10.76 27.83
N ARG B 581 15.95 -9.82 27.44
CA ARG B 581 17.14 -10.12 26.65
C ARG B 581 18.06 -11.15 27.31
N GLU B 582 18.22 -11.05 28.62
CA GLU B 582 19.10 -11.98 29.34
C GLU B 582 18.54 -13.39 29.34
N ILE B 583 17.22 -13.49 29.46
CA ILE B 583 16.56 -14.79 29.38
C ILE B 583 16.76 -15.35 27.98
N ALA B 584 16.54 -14.53 26.97
CA ALA B 584 16.71 -14.95 25.59
C ALA B 584 18.14 -15.44 25.33
N TYR B 585 19.12 -14.69 25.83
CA TYR B 585 20.52 -15.09 25.66
C TYR B 585 20.83 -16.42 26.35
N GLN B 586 20.31 -16.59 27.57
CA GLN B 586 20.51 -17.86 28.26
C GLN B 586 20.00 -19.01 27.41
N ILE B 587 18.75 -18.91 26.99
CA ILE B 587 18.15 -19.93 26.13
C ILE B 587 18.97 -20.12 24.86
N ALA B 588 19.43 -19.01 24.28
CA ALA B 588 20.15 -19.07 23.02
C ALA B 588 21.47 -19.81 23.18
N LEU B 589 22.16 -19.58 24.29
CA LEU B 589 23.41 -20.29 24.55
C LEU B 589 23.15 -21.78 24.74
N ALA B 590 22.04 -22.11 25.39
CA ALA B 590 21.66 -23.50 25.57
C ALA B 590 21.43 -24.16 24.20
N ILE B 591 20.72 -23.46 23.31
CA ILE B 591 20.46 -23.96 21.97
C ILE B 591 21.75 -24.11 21.18
N ASN B 592 22.68 -23.19 21.36
CA ASN B 592 23.95 -23.27 20.65
C ASN B 592 24.77 -24.49 21.10
N GLU B 593 24.58 -24.92 22.34
CA GLU B 593 25.20 -26.14 22.81
C GLU B 593 24.76 -27.31 21.94
N GLU B 594 23.47 -27.34 21.62
CA GLU B 594 22.93 -28.41 20.79
C GLU B 594 23.53 -28.35 19.39
N VAL B 595 23.66 -27.13 18.87
CA VAL B 595 24.21 -26.93 17.53
C VAL B 595 25.62 -27.49 17.43
N LYS B 596 26.46 -27.15 18.40
CA LYS B 596 27.84 -27.66 18.41
C LYS B 596 27.84 -29.17 18.45
N ASP B 597 27.08 -29.75 19.38
CA ASP B 597 26.99 -31.20 19.45
C ASP B 597 26.57 -31.79 18.11
N LEU B 598 25.64 -31.12 17.42
CA LEU B 598 25.19 -31.57 16.11
C LEU B 598 26.33 -31.50 15.09
N GLU B 599 27.07 -30.40 15.13
CA GLU B 599 28.22 -30.21 14.24
C GLU B 599 29.28 -31.28 14.46
N GLU B 600 29.54 -31.59 15.73
CA GLU B 600 30.53 -32.59 16.08
C GLU B 600 30.14 -33.97 15.57
N ALA B 601 28.83 -34.24 15.54
CA ALA B 601 28.33 -35.53 15.08
C ALA B 601 28.26 -35.61 13.55
N GLY B 602 28.68 -34.54 12.88
CA GLY B 602 28.79 -34.55 11.43
C GLY B 602 27.58 -34.01 10.68
N ILE B 603 26.64 -33.39 11.38
CA ILE B 603 25.47 -32.81 10.72
C ILE B 603 25.86 -31.53 9.98
N LYS B 604 25.57 -31.50 8.68
CA LYS B 604 26.03 -30.43 7.81
C LYS B 604 25.07 -29.25 7.75
N ILE B 605 23.81 -29.52 8.04
CA ILE B 605 22.76 -28.50 7.97
C ILE B 605 21.94 -28.48 9.25
N VAL B 606 21.78 -27.30 9.83
CA VAL B 606 20.93 -27.17 11.01
C VAL B 606 19.89 -26.07 10.78
N GLN B 607 18.63 -26.42 10.99
CA GLN B 607 17.55 -25.46 10.85
C GLN B 607 17.14 -24.92 12.22
N ILE B 608 16.93 -23.61 12.27
CA ILE B 608 16.43 -22.98 13.49
C ILE B 608 15.15 -22.19 13.18
N ASP B 609 14.02 -22.69 13.69
CA ASP B 609 12.73 -22.05 13.47
C ASP B 609 12.46 -20.99 14.51
N GLU B 610 12.32 -19.74 14.08
CA GLU B 610 12.08 -18.63 15.01
C GLU B 610 10.80 -17.83 14.66
N PRO B 611 9.63 -18.49 14.71
CA PRO B 611 8.36 -17.84 14.36
C PRO B 611 8.08 -16.60 15.19
N ALA B 612 8.54 -16.57 16.44
CA ALA B 612 8.26 -15.44 17.32
C ALA B 612 9.09 -14.19 16.98
N PHE B 613 9.99 -14.32 16.01
CA PHE B 613 10.87 -13.21 15.65
C PHE B 613 10.10 -11.90 15.48
N ARG B 614 9.10 -11.91 14.62
CA ARG B 614 8.24 -10.74 14.46
C ARG B 614 7.09 -10.74 15.49
N GLU B 615 6.59 -11.92 15.82
CA GLU B 615 5.38 -12.03 16.65
C GLU B 615 5.58 -11.50 18.08
N LYS B 616 6.80 -11.53 18.58
CA LYS B 616 7.05 -11.00 19.92
C LYS B 616 7.46 -9.52 19.89
N ALA B 617 7.43 -8.91 18.70
CA ALA B 617 7.70 -7.48 18.62
C ALA B 617 6.66 -6.68 19.41
N PRO B 618 7.08 -5.57 20.03
CA PRO B 618 6.15 -4.70 20.76
C PRO B 618 5.02 -4.23 19.86
N ILE B 619 3.89 -3.91 20.47
CA ILE B 619 2.75 -3.37 19.74
C ILE B 619 3.11 -2.02 19.09
N LYS B 620 3.94 -1.24 19.78
CA LYS B 620 4.33 0.08 19.28
C LYS B 620 5.56 0.02 18.38
N LYS B 621 5.40 0.49 17.14
CA LYS B 621 6.47 0.45 16.15
C LYS B 621 7.72 1.17 16.64
N SER B 622 7.53 2.26 17.38
CA SER B 622 8.66 3.04 17.85
C SER B 622 9.60 2.18 18.68
N LYS B 623 9.07 1.13 19.30
CA LYS B 623 9.86 0.27 20.18
C LYS B 623 10.57 -0.87 19.43
N TRP B 624 10.28 -1.02 18.15
CA TRP B 624 10.82 -2.14 17.37
C TRP B 624 12.36 -2.23 17.35
N PRO B 625 13.05 -1.14 17.01
CA PRO B 625 14.51 -1.20 16.93
C PRO B 625 15.16 -1.78 18.19
N GLU B 626 14.72 -1.33 19.37
CA GLU B 626 15.26 -1.85 20.63
C GLU B 626 14.95 -3.33 20.81
N TYR B 627 13.73 -3.72 20.45
CA TYR B 627 13.35 -5.14 20.51
C TYR B 627 14.19 -6.00 19.57
N PHE B 628 14.26 -5.61 18.30
CA PHE B 628 14.97 -6.39 17.30
C PHE B 628 16.48 -6.48 17.55
N GLU B 629 17.03 -5.46 18.21
CA GLU B 629 18.43 -5.48 18.61
C GLU B 629 18.76 -6.78 19.36
N TRP B 630 17.96 -7.11 20.37
CA TRP B 630 18.26 -8.33 21.14
C TRP B 630 17.67 -9.60 20.54
N ALA B 631 16.54 -9.47 19.83
CA ALA B 631 15.97 -10.61 19.14
C ALA B 631 16.97 -11.13 18.10
N ILE B 632 17.58 -10.20 17.39
CA ILE B 632 18.63 -10.55 16.44
C ILE B 632 19.83 -11.19 17.14
N ASN B 633 20.29 -10.55 18.21
CA ASN B 633 21.40 -11.08 18.99
C ASN B 633 21.10 -12.47 19.52
N ALA B 634 19.89 -12.66 20.05
CA ALA B 634 19.50 -13.94 20.61
C ALA B 634 19.52 -15.01 19.51
N PHE B 635 18.96 -14.68 18.35
CA PHE B 635 18.98 -15.65 17.26
C PHE B 635 20.40 -15.97 16.81
N ASN B 636 21.23 -14.94 16.70
CA ASN B 636 22.61 -15.13 16.27
C ASN B 636 23.47 -15.93 17.25
N LEU B 637 23.20 -15.79 18.54
CA LEU B 637 23.89 -16.59 19.55
C LEU B 637 23.56 -18.07 19.35
N ALA B 638 22.27 -18.34 19.16
CA ALA B 638 21.82 -19.71 18.93
C ALA B 638 22.42 -20.26 17.65
N ALA B 639 22.48 -19.41 16.62
CA ALA B 639 22.88 -19.85 15.29
C ALA B 639 24.38 -19.69 15.03
N ASN B 640 25.14 -19.43 16.09
CA ASN B 640 26.59 -19.30 15.97
C ASN B 640 27.23 -20.63 15.60
N ALA B 641 27.33 -20.91 14.30
CA ALA B 641 27.86 -22.17 13.84
C ALA B 641 29.13 -21.98 13.02
N ARG B 642 29.95 -23.03 12.96
CA ARG B 642 31.15 -23.01 12.13
C ARG B 642 30.77 -22.62 10.71
N PRO B 643 31.71 -22.00 9.98
CA PRO B 643 31.49 -21.61 8.58
C PRO B 643 30.98 -22.76 7.70
N GLU B 644 31.46 -23.96 7.96
CA GLU B 644 31.11 -25.14 7.16
C GLU B 644 29.66 -25.58 7.36
N THR B 645 29.04 -25.10 8.43
CA THR B 645 27.67 -25.51 8.74
C THR B 645 26.65 -24.56 8.11
N GLN B 646 25.78 -25.11 7.26
CA GLN B 646 24.73 -24.33 6.63
C GLN B 646 23.52 -24.18 7.56
N ILE B 647 23.22 -22.94 7.94
CA ILE B 647 22.11 -22.67 8.85
C ILE B 647 20.85 -22.30 8.07
N HIS B 648 19.76 -23.01 8.35
CA HIS B 648 18.46 -22.69 7.76
C HIS B 648 17.54 -22.03 8.79
N ALA B 649 16.75 -21.07 8.34
CA ALA B 649 15.76 -20.42 9.20
C ALA B 649 14.41 -20.45 8.51
N HIS B 650 13.38 -20.90 9.22
CA HIS B 650 12.05 -20.87 8.65
C HIS B 650 11.22 -19.76 9.27
N MET B 651 10.58 -18.98 8.40
CA MET B 651 9.73 -17.88 8.81
C MET B 651 8.34 -18.05 8.18
N CYS B 652 7.30 -17.98 9.00
CA CYS B 652 5.95 -18.30 8.55
C CYS B 652 5.18 -17.09 8.02
N TYR B 653 5.78 -15.91 8.10
CA TYR B 653 5.06 -14.65 7.84
C TYR B 653 4.55 -14.48 6.41
N SER B 654 3.38 -13.86 6.28
CA SER B 654 2.75 -13.65 5.00
C SER B 654 3.39 -12.50 4.20
N ASP B 655 4.25 -11.73 4.86
CA ASP B 655 4.92 -10.59 4.22
C ASP B 655 6.11 -10.08 5.05
N PHE B 656 7.21 -9.76 4.38
CA PHE B 656 8.46 -9.42 5.06
C PHE B 656 8.88 -7.96 4.89
N ASN B 657 8.02 -7.14 4.32
CA ASN B 657 8.40 -5.76 4.00
C ASN B 657 8.81 -4.93 5.21
N GLU B 658 8.08 -5.05 6.31
CA GLU B 658 8.37 -4.27 7.51
C GLU B 658 9.59 -4.78 8.28
N ILE B 659 10.04 -6.00 8.03
CA ILE B 659 11.13 -6.58 8.81
C ILE B 659 12.36 -7.01 8.01
N ILE B 660 12.35 -6.76 6.71
CA ILE B 660 13.44 -7.22 5.86
C ILE B 660 14.80 -6.70 6.36
N GLU B 661 14.80 -5.49 6.91
CA GLU B 661 16.01 -4.87 7.44
C GLU B 661 16.59 -5.67 8.60
N TYR B 662 15.72 -6.25 9.42
CA TYR B 662 16.15 -7.03 10.58
C TYR B 662 16.54 -8.44 10.18
N ILE B 663 15.78 -9.01 9.24
CA ILE B 663 16.08 -10.30 8.65
C ILE B 663 17.50 -10.33 8.10
N HIS B 664 17.91 -9.20 7.54
CA HIS B 664 19.21 -9.08 6.89
C HIS B 664 20.35 -9.17 7.91
N GLN B 665 20.03 -9.02 9.19
CA GLN B 665 21.04 -9.06 10.24
C GLN B 665 21.18 -10.44 10.88
N LEU B 666 20.34 -11.38 10.47
CA LEU B 666 20.38 -12.75 11.02
C LEU B 666 21.45 -13.58 10.33
N GLU B 667 22.05 -14.50 11.09
CA GLU B 667 23.21 -15.28 10.62
C GLU B 667 22.84 -16.61 9.97
N PHE B 668 21.63 -16.71 9.41
CA PHE B 668 21.28 -17.90 8.65
C PHE B 668 21.95 -17.83 7.28
N ASP B 669 21.94 -18.96 6.56
CA ASP B 669 22.49 -19.02 5.21
C ASP B 669 21.35 -19.19 4.22
N VAL B 670 20.30 -19.86 4.68
CA VAL B 670 19.11 -20.11 3.88
C VAL B 670 17.87 -19.74 4.69
N ILE B 671 16.95 -18.99 4.10
CA ILE B 671 15.67 -18.74 4.76
C ILE B 671 14.52 -19.29 3.92
N SER B 672 13.65 -20.09 4.53
CA SER B 672 12.51 -20.62 3.80
C SER B 672 11.27 -19.80 4.10
N ILE B 673 10.52 -19.48 3.06
CA ILE B 673 9.32 -18.66 3.21
C ILE B 673 8.12 -19.38 2.62
N GLU B 674 6.93 -18.92 2.97
CA GLU B 674 5.69 -19.52 2.49
C GLU B 674 5.13 -18.71 1.32
N ALA B 675 5.50 -19.12 0.11
CA ALA B 675 5.24 -18.31 -1.08
C ALA B 675 3.98 -18.71 -1.87
N SER B 676 3.40 -19.86 -1.54
CA SER B 676 2.29 -20.41 -2.32
C SER B 676 1.07 -19.49 -2.41
N ARG B 677 0.60 -18.98 -1.27
CA ARG B 677 -0.64 -18.21 -1.21
C ARG B 677 -0.59 -16.90 -1.99
N SER B 678 0.60 -16.31 -2.09
CA SER B 678 0.77 -15.05 -2.82
C SER B 678 1.22 -15.31 -4.25
N LYS B 679 1.25 -16.59 -4.62
CA LYS B 679 1.80 -16.99 -5.91
C LYS B 679 3.18 -16.39 -6.16
N GLY B 680 3.95 -16.20 -5.09
CA GLY B 680 5.32 -15.75 -5.22
C GLY B 680 5.55 -14.27 -5.00
N GLU B 681 4.47 -13.49 -4.88
CA GLU B 681 4.59 -12.04 -4.71
C GLU B 681 5.28 -11.65 -3.40
N ILE B 682 5.20 -12.54 -2.43
CA ILE B 682 5.87 -12.34 -1.15
C ILE B 682 7.37 -12.09 -1.36
N ILE B 683 7.87 -12.48 -2.53
CA ILE B 683 9.29 -12.33 -2.86
C ILE B 683 9.69 -10.86 -3.01
N SER B 684 8.70 -9.98 -3.14
CA SER B 684 8.96 -8.59 -3.45
C SER B 684 9.94 -7.95 -2.50
N ALA B 685 9.76 -8.21 -1.20
CA ALA B 685 10.62 -7.65 -0.17
C ALA B 685 12.08 -8.02 -0.42
N PHE B 686 12.32 -9.25 -0.84
CA PHE B 686 13.68 -9.75 -1.08
C PHE B 686 14.25 -9.23 -2.40
N GLU B 687 13.40 -9.21 -3.43
CA GLU B 687 13.77 -8.68 -4.73
C GLU B 687 14.23 -7.23 -4.65
N ASN B 688 13.51 -6.43 -3.86
CA ASN B 688 13.78 -5.01 -3.76
C ASN B 688 14.75 -4.65 -2.64
N PHE B 689 15.39 -5.65 -2.06
CA PHE B 689 16.40 -5.38 -1.06
C PHE B 689 17.77 -5.36 -1.69
N LYS B 690 18.27 -4.16 -1.96
CA LYS B 690 19.58 -4.01 -2.55
C LYS B 690 20.62 -4.70 -1.67
N GLY B 691 21.35 -5.65 -2.25
CA GLY B 691 22.36 -6.36 -1.53
C GLY B 691 21.91 -7.68 -0.93
N TRP B 692 20.74 -8.17 -1.35
CA TRP B 692 20.32 -9.49 -0.92
C TRP B 692 21.18 -10.53 -1.64
N ILE B 693 21.84 -11.40 -0.88
CA ILE B 693 22.67 -12.43 -1.47
C ILE B 693 22.42 -13.82 -0.90
N LYS B 694 21.54 -13.91 0.08
CA LYS B 694 21.33 -15.20 0.74
C LYS B 694 20.30 -16.07 0.04
N GLN B 695 20.41 -17.38 0.25
CA GLN B 695 19.53 -18.35 -0.39
C GLN B 695 18.12 -18.31 0.22
N ILE B 696 17.13 -18.64 -0.61
CA ILE B 696 15.74 -18.58 -0.22
C ILE B 696 15.00 -19.86 -0.55
N GLY B 697 14.40 -20.47 0.46
CA GLY B 697 13.59 -21.66 0.28
C GLY B 697 12.17 -21.32 -0.14
N VAL B 698 11.85 -21.54 -1.40
CA VAL B 698 10.55 -21.11 -1.91
C VAL B 698 9.46 -22.12 -1.65
N GLY B 699 8.50 -21.76 -0.79
CA GLY B 699 7.36 -22.61 -0.52
C GLY B 699 6.39 -22.58 -1.69
N VAL B 700 6.19 -23.72 -2.33
CA VAL B 700 5.36 -23.77 -3.53
C VAL B 700 4.09 -24.59 -3.33
N TRP B 701 3.75 -24.87 -2.07
CA TRP B 701 2.68 -25.81 -1.78
C TRP B 701 2.00 -25.49 -0.46
N ASP B 702 0.71 -25.20 -0.52
CA ASP B 702 -0.08 -24.80 0.65
C ASP B 702 -0.45 -26.01 1.51
N ILE B 703 0.29 -26.21 2.58
CA ILE B 703 0.15 -27.42 3.40
C ILE B 703 -1.07 -27.42 4.31
N HIS B 704 -1.83 -26.32 4.30
CA HIS B 704 -3.06 -26.25 5.09
C HIS B 704 -4.23 -26.78 4.26
N SER B 705 -3.93 -27.19 3.03
CA SER B 705 -4.94 -27.76 2.14
C SER B 705 -4.62 -29.23 1.80
N PRO B 706 -5.65 -30.06 1.63
CA PRO B 706 -5.50 -31.47 1.26
C PRO B 706 -5.11 -31.63 -0.21
N ALA B 707 -5.37 -30.60 -1.01
CA ALA B 707 -5.12 -30.65 -2.44
C ALA B 707 -3.66 -30.96 -2.76
N VAL B 708 -3.44 -31.71 -3.83
CA VAL B 708 -2.11 -31.95 -4.37
C VAL B 708 -1.86 -30.95 -5.48
N PRO B 709 -0.99 -29.96 -5.23
CA PRO B 709 -0.75 -28.95 -6.27
C PRO B 709 -0.20 -29.61 -7.54
N SER B 710 -0.65 -29.14 -8.68
CA SER B 710 -0.10 -29.59 -9.96
C SER B 710 1.28 -28.99 -10.15
N ILE B 711 2.06 -29.61 -11.03
CA ILE B 711 3.39 -29.11 -11.34
C ILE B 711 3.36 -27.66 -11.82
N ASN B 712 2.36 -27.32 -12.64
CA ASN B 712 2.21 -25.96 -13.13
C ASN B 712 1.85 -24.97 -12.02
N GLU B 713 1.04 -25.44 -11.07
CA GLU B 713 0.65 -24.60 -9.94
C GLU B 713 1.88 -24.22 -9.13
N MET B 714 2.80 -25.15 -8.98
CA MET B 714 4.08 -24.89 -8.32
C MET B 714 4.98 -23.99 -9.17
N ARG B 715 5.06 -24.31 -10.45
CA ARG B 715 5.90 -23.57 -11.40
C ARG B 715 5.61 -22.08 -11.40
N GLU B 716 4.33 -21.73 -11.38
CA GLU B 716 3.93 -20.32 -11.36
C GLU B 716 4.67 -19.56 -10.25
N ILE B 717 4.80 -20.22 -9.10
CA ILE B 717 5.43 -19.58 -7.94
C ILE B 717 6.94 -19.45 -8.12
N VAL B 718 7.59 -20.54 -8.53
CA VAL B 718 9.03 -20.54 -8.74
C VAL B 718 9.42 -19.56 -9.83
N GLU B 719 8.62 -19.51 -10.89
CA GLU B 719 8.90 -18.64 -12.02
C GLU B 719 8.79 -17.17 -11.62
N ARG B 720 7.86 -16.85 -10.73
CA ARG B 720 7.72 -15.49 -10.22
C ARG B 720 8.93 -15.04 -9.39
N VAL B 721 9.43 -15.91 -8.52
CA VAL B 721 10.55 -15.54 -7.67
C VAL B 721 11.83 -15.37 -8.48
N LEU B 722 11.88 -16.04 -9.64
CA LEU B 722 13.06 -15.98 -10.52
C LEU B 722 13.06 -14.74 -11.42
N ARG B 723 12.07 -13.88 -11.25
CA ARG B 723 11.98 -12.68 -12.07
C ARG B 723 13.22 -11.80 -11.96
N VAL B 724 13.71 -11.63 -10.74
CA VAL B 724 14.86 -10.75 -10.49
C VAL B 724 16.04 -11.50 -9.87
N LEU B 725 15.74 -12.34 -8.88
CA LEU B 725 16.80 -13.03 -8.13
C LEU B 725 17.51 -14.09 -8.96
N PRO B 726 18.83 -14.21 -8.75
CA PRO B 726 19.65 -15.25 -9.39
C PRO B 726 19.17 -16.65 -9.02
N LYS B 727 19.20 -17.56 -10.00
CA LYS B 727 18.68 -18.91 -9.79
C LYS B 727 19.43 -19.72 -8.72
N GLU B 728 20.70 -19.42 -8.53
CA GLU B 728 21.52 -20.14 -7.55
C GLU B 728 21.00 -20.00 -6.12
N LEU B 729 20.17 -18.99 -5.87
CA LEU B 729 19.69 -18.73 -4.51
C LEU B 729 18.46 -19.54 -4.14
N ILE B 730 17.80 -20.12 -5.15
CA ILE B 730 16.48 -20.70 -4.98
C ILE B 730 16.48 -22.18 -4.59
N TRP B 731 15.79 -22.48 -3.49
CA TRP B 731 15.49 -23.86 -3.11
C TRP B 731 14.01 -24.07 -3.37
N ILE B 732 13.58 -25.33 -3.42
CA ILE B 732 12.16 -25.62 -3.57
C ILE B 732 11.69 -26.47 -2.38
N ASN B 733 10.60 -26.06 -1.75
CA ASN B 733 10.07 -26.79 -0.60
C ASN B 733 8.58 -26.52 -0.39
N PRO B 734 7.94 -27.24 0.55
CA PRO B 734 6.56 -26.91 0.90
C PRO B 734 6.51 -25.60 1.64
N ASP B 735 5.34 -25.04 1.87
CA ASP B 735 5.21 -23.82 2.64
C ASP B 735 5.70 -24.04 4.07
N CYS B 736 5.31 -25.17 4.64
CA CYS B 736 5.57 -25.42 6.05
C CYS B 736 5.61 -26.92 6.36
N GLY B 737 5.65 -27.26 7.66
CA GLY B 737 5.69 -28.66 8.08
C GLY B 737 4.46 -29.43 7.67
N LEU B 738 4.57 -30.76 7.67
CA LEU B 738 3.52 -31.62 7.12
C LEU B 738 2.75 -32.42 8.18
N LYS B 739 2.89 -32.04 9.44
CA LYS B 739 2.31 -32.80 10.55
C LYS B 739 0.78 -32.86 10.53
N THR B 740 0.15 -31.89 9.90
CA THR B 740 -1.31 -31.83 9.84
C THR B 740 -1.87 -32.51 8.59
N ARG B 741 -0.99 -32.90 7.67
CA ARG B 741 -1.40 -33.49 6.40
C ARG B 741 -1.43 -35.02 6.46
N ASN B 742 -2.04 -35.66 5.46
CA ASN B 742 -1.98 -37.11 5.37
C ASN B 742 -0.99 -37.58 4.33
N TRP B 743 -0.38 -38.73 4.57
CA TRP B 743 0.59 -39.31 3.64
C TRP B 743 0.06 -39.40 2.20
N ASP B 744 -1.23 -39.71 2.05
CA ASP B 744 -1.81 -39.90 0.72
C ASP B 744 -1.69 -38.67 -0.16
N GLU B 745 -1.63 -37.49 0.45
CA GLU B 745 -1.55 -36.24 -0.32
C GLU B 745 -0.13 -35.67 -0.32
N VAL B 746 0.65 -36.03 0.69
CA VAL B 746 2.01 -35.54 0.84
C VAL B 746 2.96 -36.15 -0.19
N ILE B 747 2.88 -37.46 -0.36
CA ILE B 747 3.78 -38.16 -1.27
C ILE B 747 3.66 -37.72 -2.73
N PRO B 748 2.42 -37.60 -3.25
CA PRO B 748 2.24 -37.08 -4.61
C PRO B 748 2.75 -35.64 -4.74
N SER B 749 2.49 -34.83 -3.71
CA SER B 749 2.91 -33.43 -3.71
C SER B 749 4.43 -33.34 -3.75
N LEU B 750 5.10 -34.17 -2.96
CA LEU B 750 6.55 -34.21 -2.96
C LEU B 750 7.11 -34.65 -4.30
N ARG B 751 6.49 -35.65 -4.92
CA ARG B 751 6.93 -36.11 -6.23
C ARG B 751 6.81 -35.01 -7.28
N ASN B 752 5.73 -34.25 -7.21
CA ASN B 752 5.56 -33.11 -8.11
C ASN B 752 6.64 -32.06 -7.87
N MET B 753 7.03 -31.91 -6.61
CA MET B 753 8.02 -30.91 -6.24
C MET B 753 9.35 -31.27 -6.88
N VAL B 754 9.73 -32.53 -6.75
CA VAL B 754 10.96 -33.04 -7.33
C VAL B 754 10.92 -32.96 -8.87
N ALA B 755 9.81 -33.39 -9.46
CA ALA B 755 9.63 -33.33 -10.91
C ALA B 755 9.80 -31.89 -11.40
N LEU B 756 9.23 -30.94 -10.67
CA LEU B 756 9.33 -29.53 -11.03
C LEU B 756 10.79 -29.07 -11.02
N ALA B 757 11.51 -29.44 -9.96
CA ALA B 757 12.92 -29.08 -9.85
C ALA B 757 13.70 -29.59 -11.06
N LYS B 758 13.45 -30.86 -11.42
CA LYS B 758 14.06 -31.47 -12.59
C LYS B 758 13.80 -30.67 -13.85
N GLU B 759 12.53 -30.34 -14.10
CA GLU B 759 12.18 -29.51 -15.23
C GLU B 759 12.92 -28.18 -15.17
N MET B 760 12.86 -27.52 -14.01
CA MET B 760 13.46 -26.20 -13.86
C MET B 760 14.95 -26.21 -14.15
N ARG B 761 15.63 -27.27 -13.75
CA ARG B 761 17.07 -27.39 -14.00
C ARG B 761 17.35 -27.48 -15.50
N GLU B 762 16.58 -28.32 -16.19
CA GLU B 762 16.71 -28.47 -17.63
C GLU B 762 16.49 -27.13 -18.32
N LYS B 763 15.31 -26.53 -18.10
CA LYS B 763 15.02 -25.20 -18.64
C LYS B 763 16.18 -24.25 -18.40
#